data_2DK5
#
_entry.id   2DK5
#
_entity_poly.entity_id   1
_entity_poly.type   'polypeptide(L)'
_entity_poly.pdbx_seq_one_letter_code
;GSSGSSGDSQNAGKMKGSDNQEKLVYQIIEDAGNKGIWSRDVRYKSNLPLTEINKILKNLESKKLIKAVKSVAASKKKVY
MLYNLSGPSSG
;
_entity_poly.pdbx_strand_id   A
#
# COMPACT_ATOMS: atom_id res chain seq x y z
N GLY A 1 -32.20 38.48 17.75
CA GLY A 1 -31.62 38.32 16.44
C GLY A 1 -30.13 38.12 16.49
N SER A 2 -29.69 36.88 16.29
CA SER A 2 -28.26 36.55 16.31
C SER A 2 -27.86 35.84 15.03
N SER A 3 -26.54 35.67 14.85
CA SER A 3 -26.02 35.01 13.67
C SER A 3 -24.62 34.45 13.94
N GLY A 4 -24.07 33.73 12.96
CA GLY A 4 -22.75 33.17 13.11
C GLY A 4 -22.78 31.76 13.67
N SER A 5 -21.89 30.90 13.19
CA SER A 5 -21.82 29.52 13.65
C SER A 5 -20.49 29.24 14.33
N SER A 6 -20.55 28.76 15.57
CA SER A 6 -19.35 28.45 16.33
C SER A 6 -19.22 26.95 16.55
N GLY A 7 -18.63 26.26 15.57
CA GLY A 7 -18.45 24.82 15.67
C GLY A 7 -18.87 24.09 14.41
N ASP A 8 -17.92 23.87 13.51
CA ASP A 8 -18.20 23.17 12.26
C ASP A 8 -17.15 22.11 11.98
N SER A 9 -17.58 20.99 11.39
CA SER A 9 -16.68 19.89 11.07
C SER A 9 -16.60 19.68 9.57
N GLN A 10 -15.49 20.11 8.98
CA GLN A 10 -15.29 19.97 7.54
C GLN A 10 -13.91 19.40 7.23
N ASN A 11 -13.84 18.10 7.01
CA ASN A 11 -12.57 17.43 6.72
C ASN A 11 -12.76 16.31 5.70
N ALA A 12 -11.96 16.34 4.65
CA ALA A 12 -12.04 15.33 3.60
C ALA A 12 -11.19 14.11 3.95
N GLY A 13 -9.97 14.36 4.43
CA GLY A 13 -9.08 13.27 4.79
C GLY A 13 -7.98 13.07 3.78
N LYS A 14 -7.00 13.97 3.79
CA LYS A 14 -5.87 13.89 2.87
C LYS A 14 -4.71 13.14 3.49
N MET A 15 -3.76 12.71 2.66
CA MET A 15 -2.59 11.99 3.14
C MET A 15 -1.34 12.87 3.09
N LYS A 16 -0.56 12.82 4.15
CA LYS A 16 0.67 13.61 4.24
C LYS A 16 1.66 13.19 3.15
N GLY A 17 2.67 14.02 2.93
CA GLY A 17 3.68 13.71 1.93
C GLY A 17 3.52 14.55 0.68
N SER A 18 4.59 15.22 0.28
CA SER A 18 4.56 16.07 -0.92
C SER A 18 4.83 15.24 -2.17
N ASP A 19 4.97 13.93 -1.99
CA ASP A 19 5.23 13.03 -3.11
C ASP A 19 3.97 12.25 -3.48
N ASN A 20 3.82 11.95 -4.76
CA ASN A 20 2.67 11.20 -5.25
C ASN A 20 3.08 9.82 -5.75
N GLN A 21 4.06 9.22 -5.08
CA GLN A 21 4.55 7.90 -5.46
C GLN A 21 3.91 6.82 -4.59
N GLU A 22 3.88 7.06 -3.28
CA GLU A 22 3.31 6.10 -2.34
C GLU A 22 1.78 6.08 -2.45
N LYS A 23 1.23 7.10 -3.09
CA LYS A 23 -0.21 7.21 -3.27
C LYS A 23 -0.66 6.48 -4.54
N LEU A 24 0.20 6.50 -5.56
CA LEU A 24 -0.10 5.84 -6.82
C LEU A 24 -0.01 4.33 -6.68
N VAL A 25 0.94 3.87 -5.86
CA VAL A 25 1.12 2.44 -5.63
C VAL A 25 0.00 1.86 -4.79
N TYR A 26 -0.29 2.51 -3.66
CA TYR A 26 -1.33 2.06 -2.76
C TYR A 26 -2.66 1.88 -3.51
N GLN A 27 -2.91 2.77 -4.47
CA GLN A 27 -4.13 2.71 -5.26
C GLN A 27 -4.15 1.47 -6.14
N ILE A 28 -2.98 1.09 -6.64
CA ILE A 28 -2.87 -0.09 -7.49
C ILE A 28 -3.05 -1.37 -6.69
N ILE A 29 -2.69 -1.32 -5.42
CA ILE A 29 -2.81 -2.48 -4.55
C ILE A 29 -4.27 -2.77 -4.22
N GLU A 30 -5.00 -1.72 -3.85
CA GLU A 30 -6.41 -1.85 -3.50
C GLU A 30 -7.23 -2.32 -4.71
N ASP A 31 -6.76 -1.96 -5.90
CA ASP A 31 -7.44 -2.33 -7.13
C ASP A 31 -7.41 -3.84 -7.34
N ALA A 32 -6.29 -4.46 -6.95
CA ALA A 32 -6.13 -5.90 -7.09
C ALA A 32 -7.27 -6.64 -6.40
N GLY A 33 -7.69 -6.15 -5.25
CA GLY A 33 -8.77 -6.77 -4.50
C GLY A 33 -8.27 -7.86 -3.58
N ASN A 34 -9.20 -8.66 -3.06
CA ASN A 34 -8.85 -9.74 -2.14
C ASN A 34 -7.70 -10.58 -2.70
N LYS A 35 -7.79 -10.91 -3.98
CA LYS A 35 -6.76 -11.71 -4.64
C LYS A 35 -5.36 -11.15 -4.33
N GLY A 36 -5.24 -9.83 -4.31
CA GLY A 36 -3.97 -9.19 -4.02
C GLY A 36 -3.17 -8.90 -5.28
N ILE A 37 -1.92 -8.50 -5.10
CA ILE A 37 -1.06 -8.18 -6.23
C ILE A 37 0.39 -8.54 -5.94
N TRP A 38 1.16 -8.82 -6.99
CA TRP A 38 2.55 -9.18 -6.84
C TRP A 38 3.45 -7.94 -6.87
N SER A 39 4.41 -7.90 -5.95
CA SER A 39 5.32 -6.76 -5.87
C SER A 39 5.76 -6.31 -7.25
N ARG A 40 5.97 -7.27 -8.15
CA ARG A 40 6.39 -6.97 -9.51
C ARG A 40 5.28 -6.28 -10.28
N ASP A 41 4.14 -6.95 -10.42
CA ASP A 41 2.99 -6.40 -11.13
C ASP A 41 2.85 -4.91 -10.85
N VAL A 42 3.32 -4.48 -9.68
CA VAL A 42 3.24 -3.08 -9.29
C VAL A 42 4.28 -2.24 -10.02
N ARG A 43 5.54 -2.66 -9.96
CA ARG A 43 6.62 -1.95 -10.62
C ARG A 43 6.15 -1.35 -11.93
N TYR A 44 5.41 -2.12 -12.71
CA TYR A 44 4.89 -1.66 -13.99
C TYR A 44 3.80 -0.61 -13.79
N LYS A 45 2.78 -0.98 -13.02
CA LYS A 45 1.67 -0.07 -12.74
C LYS A 45 2.17 1.23 -12.11
N SER A 46 2.77 1.11 -10.93
CA SER A 46 3.29 2.27 -10.22
C SER A 46 4.37 2.98 -11.04
N ASN A 47 4.81 2.33 -12.13
CA ASN A 47 5.83 2.89 -12.99
C ASN A 47 7.05 3.33 -12.18
N LEU A 48 7.33 2.60 -11.10
CA LEU A 48 8.47 2.93 -10.24
C LEU A 48 9.46 1.76 -10.20
N PRO A 49 10.72 2.08 -9.90
CA PRO A 49 11.80 1.08 -9.82
C PRO A 49 11.63 0.16 -8.62
N LEU A 50 12.20 -1.04 -8.71
CA LEU A 50 12.12 -2.02 -7.63
C LEU A 50 12.43 -1.37 -6.29
N THR A 51 13.55 -0.66 -6.22
CA THR A 51 13.96 0.02 -5.00
C THR A 51 12.84 0.89 -4.44
N GLU A 52 11.96 1.34 -5.33
CA GLU A 52 10.84 2.18 -4.93
C GLU A 52 9.64 1.33 -4.49
N ILE A 53 9.39 0.26 -5.24
CA ILE A 53 8.28 -0.63 -4.94
C ILE A 53 8.50 -1.35 -3.61
N ASN A 54 9.76 -1.61 -3.28
CA ASN A 54 10.10 -2.29 -2.05
C ASN A 54 9.83 -1.39 -0.83
N LYS A 55 10.38 -0.18 -0.88
CA LYS A 55 10.19 0.77 0.21
C LYS A 55 8.73 1.20 0.32
N ILE A 56 8.09 1.40 -0.84
CA ILE A 56 6.70 1.81 -0.87
C ILE A 56 5.79 0.70 -0.34
N LEU A 57 5.89 -0.47 -0.94
CA LEU A 57 5.08 -1.62 -0.54
C LEU A 57 5.14 -1.83 0.96
N LYS A 58 6.34 -1.65 1.53
CA LYS A 58 6.53 -1.82 2.96
C LYS A 58 5.92 -0.66 3.74
N ASN A 59 6.40 0.55 3.45
CA ASN A 59 5.90 1.75 4.13
C ASN A 59 4.41 1.63 4.40
N LEU A 60 3.63 1.33 3.36
CA LEU A 60 2.19 1.20 3.50
C LEU A 60 1.85 0.18 4.60
N GLU A 61 2.51 -0.97 4.56
CA GLU A 61 2.28 -2.02 5.54
C GLU A 61 2.46 -1.49 6.96
N SER A 62 3.09 -0.32 7.07
CA SER A 62 3.33 0.29 8.37
C SER A 62 2.20 1.24 8.74
N LYS A 63 1.54 1.79 7.73
CA LYS A 63 0.42 2.71 7.94
C LYS A 63 -0.89 1.95 8.09
N LYS A 64 -0.79 0.64 8.29
CA LYS A 64 -1.98 -0.20 8.45
C LYS A 64 -2.90 -0.08 7.23
N LEU A 65 -2.31 0.17 6.07
CA LEU A 65 -3.07 0.30 4.84
C LEU A 65 -3.12 -1.01 4.07
N ILE A 66 -1.99 -1.72 4.06
CA ILE A 66 -1.90 -3.00 3.36
C ILE A 66 -1.12 -4.01 4.19
N LYS A 67 -1.04 -5.24 3.68
CA LYS A 67 -0.31 -6.30 4.36
C LYS A 67 0.27 -7.30 3.36
N ALA A 68 1.22 -8.11 3.82
CA ALA A 68 1.86 -9.10 2.96
C ALA A 68 1.20 -10.47 3.12
N VAL A 69 0.69 -11.00 2.03
CA VAL A 69 0.03 -12.31 2.05
C VAL A 69 0.66 -13.26 1.03
N LYS A 70 0.62 -14.55 1.33
CA LYS A 70 1.18 -15.55 0.43
C LYS A 70 0.10 -16.51 -0.06
N SER A 71 0.04 -16.71 -1.38
CA SER A 71 -0.95 -17.60 -1.97
C SER A 71 -0.70 -19.04 -1.56
N VAL A 72 -1.73 -19.88 -1.71
CA VAL A 72 -1.61 -21.29 -1.35
C VAL A 72 -0.37 -21.90 -1.97
N ALA A 73 -0.01 -21.46 -3.16
CA ALA A 73 1.16 -21.96 -3.86
C ALA A 73 2.41 -21.83 -3.00
N ALA A 74 3.24 -22.87 -2.98
CA ALA A 74 4.47 -22.87 -2.20
C ALA A 74 5.63 -22.31 -3.01
N SER A 75 5.38 -21.22 -3.73
CA SER A 75 6.40 -20.59 -4.55
C SER A 75 6.91 -19.31 -3.90
N LYS A 76 8.21 -19.07 -4.01
CA LYS A 76 8.82 -17.88 -3.43
C LYS A 76 8.23 -16.61 -4.06
N LYS A 77 7.20 -16.07 -3.41
CA LYS A 77 6.54 -14.86 -3.89
C LYS A 77 6.11 -13.99 -2.73
N LYS A 78 5.49 -12.85 -3.05
CA LYS A 78 5.01 -11.92 -2.04
C LYS A 78 3.88 -11.05 -2.58
N VAL A 79 2.66 -11.31 -2.10
CA VAL A 79 1.50 -10.55 -2.53
C VAL A 79 1.12 -9.49 -1.51
N TYR A 80 0.62 -8.35 -1.99
CA TYR A 80 0.22 -7.25 -1.13
C TYR A 80 -1.24 -6.87 -1.36
N MET A 81 -2.03 -6.92 -0.29
CA MET A 81 -3.44 -6.57 -0.38
C MET A 81 -3.86 -5.69 0.79
N LEU A 82 -4.94 -4.94 0.60
CA LEU A 82 -5.45 -4.05 1.64
C LEU A 82 -5.30 -4.69 3.01
N TYR A 83 -5.11 -3.85 4.03
CA TYR A 83 -4.96 -4.34 5.40
C TYR A 83 -6.32 -4.59 6.04
N ASN A 84 -7.34 -3.90 5.55
CA ASN A 84 -8.70 -4.05 6.08
C ASN A 84 -9.23 -5.46 5.80
N LEU A 85 -8.88 -5.99 4.64
CA LEU A 85 -9.33 -7.33 4.25
C LEU A 85 -8.93 -8.36 5.30
N SER A 86 -9.73 -9.43 5.41
CA SER A 86 -9.45 -10.48 6.37
C SER A 86 -8.43 -11.47 5.83
N GLY A 87 -8.46 -11.69 4.51
CA GLY A 87 -7.53 -12.61 3.89
C GLY A 87 -8.06 -14.03 3.84
N PRO A 88 -7.14 -15.00 3.72
CA PRO A 88 -7.50 -16.42 3.65
C PRO A 88 -8.02 -16.94 4.98
N SER A 89 -8.92 -17.92 4.92
CA SER A 89 -9.50 -18.51 6.12
C SER A 89 -8.96 -19.92 6.34
N SER A 90 -9.33 -20.51 7.48
CA SER A 90 -8.88 -21.86 7.82
C SER A 90 -9.80 -22.90 7.21
N GLY A 91 -9.40 -24.17 7.31
CA GLY A 91 -10.20 -25.25 6.76
C GLY A 91 -9.38 -26.47 6.42
N GLY A 1 14.24 -5.92 17.78
CA GLY A 1 14.48 -4.69 18.50
C GLY A 1 14.44 -4.86 20.00
N SER A 2 15.59 -4.66 20.65
CA SER A 2 15.68 -4.82 22.10
C SER A 2 14.61 -3.99 22.80
N SER A 3 14.44 -2.74 22.36
CA SER A 3 13.46 -1.85 22.94
C SER A 3 12.11 -1.98 22.24
N GLY A 4 12.12 -1.76 20.93
CA GLY A 4 10.90 -1.86 20.15
C GLY A 4 10.18 -0.53 20.03
N SER A 5 8.98 -0.55 19.45
CA SER A 5 8.20 0.67 19.27
C SER A 5 6.71 0.35 19.24
N SER A 6 5.91 1.21 19.88
CA SER A 6 4.47 1.01 19.92
C SER A 6 3.81 1.45 18.61
N GLY A 7 4.55 2.22 17.81
CA GLY A 7 4.03 2.69 16.55
C GLY A 7 2.79 3.54 16.71
N ASP A 8 2.71 4.62 15.94
CA ASP A 8 1.56 5.52 16.00
C ASP A 8 1.53 6.44 14.79
N SER A 9 0.44 6.36 14.02
CA SER A 9 0.28 7.18 12.83
C SER A 9 -0.45 8.47 13.15
N GLN A 10 -0.08 9.11 14.26
CA GLN A 10 -0.71 10.35 14.69
C GLN A 10 0.08 11.56 14.17
N ASN A 11 -0.58 12.40 13.37
CA ASN A 11 0.07 13.58 12.82
C ASN A 11 -0.95 14.45 12.08
N ALA A 12 -0.51 15.63 11.66
CA ALA A 12 -1.38 16.56 10.94
C ALA A 12 -1.99 15.89 9.72
N GLY A 13 -1.17 15.14 8.99
CA GLY A 13 -1.66 14.46 7.80
C GLY A 13 -0.59 14.34 6.72
N LYS A 14 0.62 14.01 7.13
CA LYS A 14 1.74 13.86 6.20
C LYS A 14 2.12 12.39 6.05
N MET A 15 2.56 12.02 4.85
CA MET A 15 2.96 10.65 4.57
C MET A 15 4.40 10.41 5.00
N LYS A 16 4.70 10.68 6.26
CA LYS A 16 6.04 10.50 6.80
C LYS A 16 7.08 11.16 5.90
N GLY A 17 6.81 12.40 5.50
CA GLY A 17 7.73 13.13 4.66
C GLY A 17 7.18 13.34 3.26
N SER A 18 7.95 14.05 2.43
CA SER A 18 7.52 14.33 1.06
C SER A 18 7.56 13.07 0.21
N ASP A 19 6.40 12.46 0.00
CA ASP A 19 6.30 11.24 -0.80
C ASP A 19 4.91 11.09 -1.40
N ASN A 20 4.81 11.28 -2.71
CA ASN A 20 3.52 11.16 -3.40
C ASN A 20 3.43 9.84 -4.14
N GLN A 21 4.58 9.26 -4.49
CA GLN A 21 4.62 8.00 -5.21
C GLN A 21 3.90 6.91 -4.43
N GLU A 22 4.00 6.96 -3.11
CA GLU A 22 3.35 5.97 -2.25
C GLU A 22 1.83 6.01 -2.43
N LYS A 23 1.34 7.10 -3.01
CA LYS A 23 -0.09 7.26 -3.25
C LYS A 23 -0.51 6.54 -4.52
N LEU A 24 0.37 6.54 -5.52
CA LEU A 24 0.08 5.88 -6.79
C LEU A 24 0.21 4.37 -6.67
N VAL A 25 1.05 3.93 -5.73
CA VAL A 25 1.26 2.50 -5.51
C VAL A 25 0.17 1.91 -4.63
N TYR A 26 -0.35 2.71 -3.71
CA TYR A 26 -1.40 2.27 -2.81
C TYR A 26 -2.73 2.11 -3.54
N GLN A 27 -2.92 2.90 -4.59
CA GLN A 27 -4.14 2.83 -5.38
C GLN A 27 -4.15 1.58 -6.24
N ILE A 28 -2.97 1.05 -6.54
CA ILE A 28 -2.86 -0.15 -7.36
C ILE A 28 -3.14 -1.40 -6.53
N ILE A 29 -2.60 -1.44 -5.32
CA ILE A 29 -2.79 -2.58 -4.43
C ILE A 29 -4.28 -2.79 -4.13
N GLU A 30 -4.99 -1.70 -3.88
CA GLU A 30 -6.41 -1.76 -3.58
C GLU A 30 -7.21 -2.19 -4.81
N ASP A 31 -6.69 -1.87 -5.99
CA ASP A 31 -7.34 -2.23 -7.24
C ASP A 31 -7.30 -3.74 -7.47
N ALA A 32 -6.21 -4.36 -7.03
CA ALA A 32 -6.06 -5.80 -7.19
C ALA A 32 -7.18 -6.57 -6.51
N GLY A 33 -7.63 -6.06 -5.37
CA GLY A 33 -8.71 -6.70 -4.63
C GLY A 33 -8.20 -7.82 -3.75
N ASN A 34 -9.14 -8.66 -3.28
CA ASN A 34 -8.78 -9.77 -2.41
C ASN A 34 -7.60 -10.55 -2.98
N LYS A 35 -7.70 -10.91 -4.26
CA LYS A 35 -6.63 -11.65 -4.92
C LYS A 35 -5.27 -11.04 -4.63
N GLY A 36 -5.24 -9.72 -4.45
CA GLY A 36 -4.00 -9.04 -4.17
C GLY A 36 -3.18 -8.78 -5.43
N ILE A 37 -1.93 -8.39 -5.24
CA ILE A 37 -1.04 -8.11 -6.36
C ILE A 37 0.40 -8.47 -6.03
N TRP A 38 1.15 -8.90 -7.03
CA TRP A 38 2.54 -9.27 -6.85
C TRP A 38 3.44 -8.05 -6.80
N SER A 39 4.24 -7.95 -5.75
CA SER A 39 5.15 -6.81 -5.58
C SER A 39 5.67 -6.33 -6.93
N ARG A 40 5.95 -7.27 -7.83
CA ARG A 40 6.46 -6.94 -9.15
C ARG A 40 5.35 -6.35 -10.03
N ASP A 41 4.21 -7.03 -10.06
CA ASP A 41 3.08 -6.57 -10.85
C ASP A 41 2.84 -5.08 -10.67
N VAL A 42 3.32 -4.55 -9.54
CA VAL A 42 3.17 -3.14 -9.23
C VAL A 42 4.19 -2.30 -9.98
N ARG A 43 5.44 -2.73 -9.94
CA ARG A 43 6.52 -2.01 -10.61
C ARG A 43 6.06 -1.45 -11.95
N TYR A 44 5.25 -2.23 -12.67
CA TYR A 44 4.73 -1.82 -13.96
C TYR A 44 3.62 -0.78 -13.79
N LYS A 45 2.57 -1.15 -13.07
CA LYS A 45 1.44 -0.25 -12.83
C LYS A 45 1.91 1.07 -12.25
N SER A 46 2.58 1.00 -11.09
CA SER A 46 3.08 2.20 -10.43
C SER A 46 4.14 2.89 -11.29
N ASN A 47 4.72 2.14 -12.22
CA ASN A 47 5.75 2.67 -13.10
C ASN A 47 6.96 3.14 -12.30
N LEU A 48 7.19 2.50 -11.16
CA LEU A 48 8.33 2.84 -10.30
C LEU A 48 9.34 1.70 -10.24
N PRO A 49 10.60 2.04 -9.97
CA PRO A 49 11.68 1.05 -9.87
C PRO A 49 11.55 0.17 -8.63
N LEU A 50 12.14 -1.02 -8.70
CA LEU A 50 12.09 -1.96 -7.58
C LEU A 50 12.37 -1.25 -6.26
N THR A 51 13.48 -0.51 -6.21
CA THR A 51 13.85 0.22 -5.01
C THR A 51 12.70 1.07 -4.49
N GLU A 52 11.82 1.48 -5.39
CA GLU A 52 10.67 2.29 -5.02
C GLU A 52 9.51 1.42 -4.57
N ILE A 53 9.29 0.31 -5.28
CA ILE A 53 8.21 -0.60 -4.95
C ILE A 53 8.47 -1.30 -3.63
N ASN A 54 9.74 -1.51 -3.31
CA ASN A 54 10.13 -2.18 -2.07
C ASN A 54 9.88 -1.26 -0.87
N LYS A 55 10.35 -0.02 -0.96
CA LYS A 55 10.17 0.95 0.11
C LYS A 55 8.71 1.36 0.23
N ILE A 56 8.04 1.48 -0.90
CA ILE A 56 6.63 1.87 -0.92
C ILE A 56 5.75 0.76 -0.37
N LEU A 57 5.90 -0.44 -0.93
CA LEU A 57 5.12 -1.59 -0.50
C LEU A 57 5.20 -1.76 1.01
N LYS A 58 6.40 -1.64 1.56
CA LYS A 58 6.62 -1.79 2.99
C LYS A 58 5.99 -0.62 3.75
N ASN A 59 6.46 0.58 3.46
CA ASN A 59 5.95 1.78 4.13
C ASN A 59 4.45 1.65 4.40
N LEU A 60 3.70 1.23 3.39
CA LEU A 60 2.26 1.05 3.52
C LEU A 60 1.93 0.05 4.62
N GLU A 61 2.62 -1.08 4.61
CA GLU A 61 2.41 -2.12 5.62
C GLU A 61 2.57 -1.56 7.02
N SER A 62 3.17 -0.37 7.13
CA SER A 62 3.38 0.26 8.41
C SER A 62 2.24 1.21 8.75
N LYS A 63 1.58 1.72 7.72
CA LYS A 63 0.46 2.64 7.90
C LYS A 63 -0.86 1.88 8.00
N LYS A 64 -0.76 0.58 8.24
CA LYS A 64 -1.95 -0.26 8.37
C LYS A 64 -2.85 -0.13 7.14
N LEU A 65 -2.23 0.09 5.98
CA LEU A 65 -2.97 0.23 4.74
C LEU A 65 -3.00 -1.08 3.96
N ILE A 66 -1.86 -1.78 3.94
CA ILE A 66 -1.75 -3.05 3.24
C ILE A 66 -1.02 -4.09 4.08
N LYS A 67 -0.90 -5.30 3.55
CA LYS A 67 -0.21 -6.37 4.25
C LYS A 67 0.31 -7.41 3.27
N ALA A 68 1.25 -8.25 3.74
CA ALA A 68 1.83 -9.29 2.90
C ALA A 68 1.12 -10.62 3.10
N VAL A 69 0.69 -11.22 2.00
CA VAL A 69 0.00 -12.51 2.06
C VAL A 69 0.68 -13.55 1.18
N LYS A 70 0.52 -14.81 1.54
CA LYS A 70 1.13 -15.91 0.79
C LYS A 70 0.08 -16.72 0.04
N SER A 71 -0.11 -16.39 -1.23
CA SER A 71 -1.10 -17.08 -2.05
C SER A 71 -0.68 -18.52 -2.31
N VAL A 72 -1.62 -19.45 -2.12
CA VAL A 72 -1.34 -20.86 -2.33
C VAL A 72 -0.46 -21.09 -3.54
N ALA A 73 0.74 -21.61 -3.31
CA ALA A 73 1.68 -21.88 -4.39
C ALA A 73 2.88 -22.67 -3.89
N ALA A 74 3.77 -23.04 -4.81
CA ALA A 74 4.96 -23.80 -4.46
C ALA A 74 6.17 -22.90 -4.31
N SER A 75 6.39 -22.04 -5.30
CA SER A 75 7.52 -21.12 -5.29
C SER A 75 7.29 -20.01 -4.27
N LYS A 76 8.36 -19.28 -3.96
CA LYS A 76 8.28 -18.18 -3.00
C LYS A 76 7.81 -16.89 -3.68
N LYS A 77 6.83 -16.23 -3.08
CA LYS A 77 6.30 -14.98 -3.62
C LYS A 77 5.80 -14.08 -2.50
N LYS A 78 5.38 -12.86 -2.88
CA LYS A 78 4.89 -11.90 -1.91
C LYS A 78 3.75 -11.07 -2.50
N VAL A 79 2.53 -11.34 -2.06
CA VAL A 79 1.35 -10.62 -2.54
C VAL A 79 0.93 -9.54 -1.56
N TYR A 80 0.69 -8.33 -2.08
CA TYR A 80 0.28 -7.21 -1.24
C TYR A 80 -1.17 -6.82 -1.53
N MET A 81 -1.98 -6.75 -0.48
CA MET A 81 -3.38 -6.38 -0.62
C MET A 81 -3.81 -5.43 0.50
N LEU A 82 -5.08 -5.04 0.48
CA LEU A 82 -5.62 -4.15 1.49
C LEU A 82 -5.51 -4.75 2.89
N TYR A 83 -5.12 -3.93 3.86
CA TYR A 83 -4.98 -4.40 5.23
C TYR A 83 -6.34 -4.64 5.87
N ASN A 84 -7.38 -4.06 5.27
CA ASN A 84 -8.74 -4.22 5.78
C ASN A 84 -9.25 -5.64 5.55
N LEU A 85 -8.92 -6.19 4.39
CA LEU A 85 -9.36 -7.55 4.04
C LEU A 85 -8.86 -8.56 5.08
N SER A 86 -9.41 -9.76 5.04
CA SER A 86 -9.03 -10.82 5.96
C SER A 86 -8.04 -11.78 5.32
N GLY A 87 -7.93 -11.71 4.00
CA GLY A 87 -7.02 -12.58 3.28
C GLY A 87 -7.69 -13.87 2.83
N PRO A 88 -6.88 -14.91 2.61
CA PRO A 88 -7.38 -16.22 2.17
C PRO A 88 -8.16 -16.94 3.26
N SER A 89 -8.91 -17.95 2.87
CA SER A 89 -9.72 -18.73 3.81
C SER A 89 -8.86 -19.71 4.59
N SER A 90 -8.14 -20.56 3.86
CA SER A 90 -7.27 -21.56 4.48
C SER A 90 -6.02 -20.90 5.08
N GLY A 91 -5.94 -20.92 6.40
CA GLY A 91 -4.80 -20.32 7.08
C GLY A 91 -5.09 -18.92 7.58
N GLY A 1 -18.24 48.65 -0.90
CA GLY A 1 -17.47 47.83 -1.83
C GLY A 1 -17.91 46.38 -1.82
N SER A 2 -16.95 45.46 -1.95
CA SER A 2 -17.25 44.04 -1.97
C SER A 2 -15.99 43.22 -1.73
N SER A 3 -16.01 42.39 -0.69
CA SER A 3 -14.87 41.56 -0.34
C SER A 3 -15.32 40.28 0.37
N GLY A 4 -14.49 39.25 0.31
CA GLY A 4 -14.82 37.99 0.95
C GLY A 4 -13.71 36.97 0.81
N SER A 5 -14.01 35.73 1.19
CA SER A 5 -13.03 34.65 1.11
C SER A 5 -13.71 33.29 1.30
N SER A 6 -13.31 32.32 0.49
CA SER A 6 -13.88 30.97 0.56
C SER A 6 -13.78 30.43 1.98
N GLY A 7 -12.61 30.57 2.59
CA GLY A 7 -12.41 30.09 3.94
C GLY A 7 -10.97 30.24 4.40
N ASP A 8 -10.69 29.78 5.62
CA ASP A 8 -9.35 29.87 6.18
C ASP A 8 -8.71 28.49 6.28
N SER A 9 -9.40 27.58 6.94
CA SER A 9 -8.89 26.21 7.11
C SER A 9 -9.97 25.18 6.75
N GLN A 10 -9.72 24.45 5.67
CA GLN A 10 -10.66 23.43 5.21
C GLN A 10 -9.93 22.22 4.67
N ASN A 11 -10.32 21.03 5.13
CA ASN A 11 -9.70 19.79 4.69
C ASN A 11 -10.42 18.58 5.27
N ALA A 12 -10.44 17.50 4.50
CA ALA A 12 -11.11 16.27 4.95
C ALA A 12 -10.30 15.58 6.04
N GLY A 13 -8.99 15.52 5.86
CA GLY A 13 -8.13 14.88 6.84
C GLY A 13 -7.61 13.54 6.36
N LYS A 14 -7.17 13.47 5.11
CA LYS A 14 -6.64 12.25 4.53
C LYS A 14 -5.12 12.27 4.48
N MET A 15 -4.52 11.08 4.48
CA MET A 15 -3.06 10.97 4.42
C MET A 15 -2.47 12.01 3.48
N LYS A 16 -1.36 12.62 3.90
CA LYS A 16 -0.69 13.63 3.09
C LYS A 16 0.74 13.85 3.57
N GLY A 17 1.70 13.66 2.65
CA GLY A 17 3.10 13.84 3.00
C GLY A 17 3.93 14.27 1.81
N SER A 18 3.45 15.26 1.07
CA SER A 18 4.16 15.77 -0.10
C SER A 18 4.74 14.61 -0.92
N ASP A 19 3.93 13.59 -1.14
CA ASP A 19 4.37 12.42 -1.91
C ASP A 19 3.21 11.82 -2.69
N ASN A 20 3.46 11.50 -3.96
CA ASN A 20 2.44 10.92 -4.82
C ASN A 20 2.81 9.50 -5.23
N GLN A 21 4.09 9.17 -5.10
CA GLN A 21 4.58 7.85 -5.46
C GLN A 21 3.91 6.78 -4.60
N GLU A 22 3.83 7.04 -3.30
CA GLU A 22 3.22 6.09 -2.37
C GLU A 22 1.71 6.02 -2.57
N LYS A 23 1.15 7.07 -3.17
CA LYS A 23 -0.29 7.13 -3.43
C LYS A 23 -0.64 6.37 -4.70
N LEU A 24 0.20 6.51 -5.72
CA LEU A 24 -0.03 5.84 -6.99
C LEU A 24 0.09 4.32 -6.83
N VAL A 25 0.93 3.89 -5.90
CA VAL A 25 1.13 2.47 -5.64
C VAL A 25 0.01 1.90 -4.79
N TYR A 26 -0.44 2.69 -3.81
CA TYR A 26 -1.50 2.26 -2.91
C TYR A 26 -2.82 2.10 -3.67
N GLN A 27 -2.97 2.86 -4.74
CA GLN A 27 -4.18 2.81 -5.56
C GLN A 27 -4.20 1.56 -6.42
N ILE A 28 -3.02 1.06 -6.77
CA ILE A 28 -2.90 -0.13 -7.59
C ILE A 28 -3.18 -1.38 -6.78
N ILE A 29 -2.63 -1.43 -5.57
CA ILE A 29 -2.83 -2.58 -4.69
C ILE A 29 -4.31 -2.77 -4.36
N GLU A 30 -4.98 -1.69 -3.99
CA GLU A 30 -6.40 -1.75 -3.66
C GLU A 30 -7.22 -2.21 -4.85
N ASP A 31 -6.74 -1.91 -6.06
CA ASP A 31 -7.43 -2.30 -7.28
C ASP A 31 -7.37 -3.81 -7.48
N ALA A 32 -6.26 -4.42 -7.07
CA ALA A 32 -6.08 -5.86 -7.20
C ALA A 32 -7.22 -6.61 -6.52
N GLY A 33 -7.73 -6.05 -5.43
CA GLY A 33 -8.81 -6.68 -4.71
C GLY A 33 -8.31 -7.65 -3.65
N ASN A 34 -9.24 -8.37 -3.01
CA ASN A 34 -8.88 -9.33 -1.98
C ASN A 34 -7.75 -10.23 -2.44
N LYS A 35 -7.76 -10.58 -3.73
CA LYS A 35 -6.73 -11.44 -4.30
C LYS A 35 -5.33 -10.88 -4.02
N GLY A 36 -5.19 -9.57 -4.13
CA GLY A 36 -3.91 -8.93 -3.88
C GLY A 36 -3.11 -8.70 -5.15
N ILE A 37 -1.85 -8.32 -5.00
CA ILE A 37 -0.99 -8.06 -6.14
C ILE A 37 0.46 -8.43 -5.83
N TRP A 38 1.19 -8.81 -6.87
CA TRP A 38 2.60 -9.19 -6.71
C TRP A 38 3.50 -7.96 -6.81
N SER A 39 4.40 -7.83 -5.84
CA SER A 39 5.33 -6.71 -5.81
C SER A 39 5.74 -6.30 -7.23
N ARG A 40 5.93 -7.29 -8.09
CA ARG A 40 6.32 -7.04 -9.47
C ARG A 40 5.22 -6.29 -10.22
N ASP A 41 4.08 -6.95 -10.39
CA ASP A 41 2.94 -6.34 -11.08
C ASP A 41 2.85 -4.85 -10.77
N VAL A 42 3.30 -4.47 -9.58
CA VAL A 42 3.27 -3.07 -9.16
C VAL A 42 4.30 -2.24 -9.93
N ARG A 43 5.56 -2.68 -9.88
CA ARG A 43 6.63 -1.98 -10.57
C ARG A 43 6.13 -1.39 -11.89
N TYR A 44 5.38 -2.19 -12.64
CA TYR A 44 4.86 -1.74 -13.92
C TYR A 44 3.76 -0.69 -13.74
N LYS A 45 2.71 -1.08 -13.00
CA LYS A 45 1.60 -0.17 -12.73
C LYS A 45 2.09 1.14 -12.14
N SER A 46 2.73 1.06 -10.97
CA SER A 46 3.25 2.24 -10.30
C SER A 46 4.31 2.93 -11.14
N ASN A 47 4.82 2.21 -12.14
CA ASN A 47 5.84 2.75 -13.02
C ASN A 47 7.05 3.21 -12.22
N LEU A 48 7.28 2.60 -11.07
CA LEU A 48 8.40 2.95 -10.21
C LEU A 48 9.43 1.82 -10.18
N PRO A 49 10.69 2.18 -9.87
CA PRO A 49 11.78 1.21 -9.79
C PRO A 49 11.65 0.27 -8.60
N LEU A 50 12.36 -0.85 -8.66
CA LEU A 50 12.31 -1.84 -7.58
C LEU A 50 12.52 -1.18 -6.22
N THR A 51 13.58 -0.38 -6.12
CA THR A 51 13.89 0.32 -4.88
C THR A 51 12.71 1.13 -4.39
N GLU A 52 11.84 1.51 -5.32
CA GLU A 52 10.66 2.31 -4.99
C GLU A 52 9.50 1.40 -4.56
N ILE A 53 9.32 0.31 -5.29
CA ILE A 53 8.25 -0.64 -4.98
C ILE A 53 8.51 -1.36 -3.66
N ASN A 54 9.78 -1.57 -3.35
CA ASN A 54 10.16 -2.25 -2.11
C ASN A 54 9.90 -1.36 -0.90
N LYS A 55 10.40 -0.13 -0.96
CA LYS A 55 10.22 0.83 0.12
C LYS A 55 8.75 1.19 0.29
N ILE A 56 8.08 1.42 -0.83
CA ILE A 56 6.66 1.77 -0.80
C ILE A 56 5.81 0.63 -0.27
N LEU A 57 5.90 -0.53 -0.92
CA LEU A 57 5.14 -1.70 -0.51
C LEU A 57 5.25 -1.92 1.00
N LYS A 58 6.40 -1.56 1.56
CA LYS A 58 6.63 -1.72 3.00
C LYS A 58 5.94 -0.60 3.77
N ASN A 59 6.31 0.64 3.48
CA ASN A 59 5.72 1.79 4.15
C ASN A 59 4.24 1.57 4.43
N LEU A 60 3.51 1.19 3.39
CA LEU A 60 2.07 0.94 3.52
C LEU A 60 1.80 -0.20 4.50
N GLU A 61 2.66 -1.21 4.49
CA GLU A 61 2.52 -2.35 5.38
C GLU A 61 2.72 -1.93 6.83
N SER A 62 3.39 -0.79 7.04
CA SER A 62 3.65 -0.29 8.37
C SER A 62 2.61 0.75 8.78
N LYS A 63 2.07 1.45 7.79
CA LYS A 63 1.06 2.48 8.03
C LYS A 63 -0.32 1.85 8.14
N LYS A 64 -0.36 0.54 8.39
CA LYS A 64 -1.63 -0.18 8.51
C LYS A 64 -2.51 0.04 7.28
N LEU A 65 -1.87 0.22 6.13
CA LEU A 65 -2.59 0.43 4.89
C LEU A 65 -2.70 -0.87 4.09
N ILE A 66 -1.68 -1.72 4.21
CA ILE A 66 -1.66 -2.98 3.50
C ILE A 66 -0.95 -4.06 4.32
N LYS A 67 -0.83 -5.25 3.75
CA LYS A 67 -0.17 -6.36 4.42
C LYS A 67 0.30 -7.41 3.41
N ALA A 68 1.18 -8.30 3.87
CA ALA A 68 1.70 -9.35 3.00
C ALA A 68 0.92 -10.65 3.19
N VAL A 69 0.39 -11.19 2.09
CA VAL A 69 -0.38 -12.43 2.13
C VAL A 69 0.17 -13.44 1.13
N LYS A 70 -0.01 -14.72 1.45
CA LYS A 70 0.47 -15.79 0.58
C LYS A 70 -0.64 -16.80 0.30
N SER A 71 -1.30 -16.65 -0.84
CA SER A 71 -2.39 -17.54 -1.22
C SER A 71 -1.89 -18.98 -1.34
N VAL A 72 -2.83 -19.92 -1.35
CA VAL A 72 -2.50 -21.33 -1.45
C VAL A 72 -1.68 -21.61 -2.72
N ALA A 73 -1.93 -20.82 -3.76
CA ALA A 73 -1.23 -20.97 -5.02
C ALA A 73 0.04 -20.11 -5.06
N ALA A 74 0.71 -20.01 -3.92
CA ALA A 74 1.93 -19.22 -3.82
C ALA A 74 3.02 -19.99 -3.07
N SER A 75 4.17 -20.14 -3.72
CA SER A 75 5.29 -20.85 -3.12
C SER A 75 6.39 -19.89 -2.69
N LYS A 76 6.92 -19.14 -3.65
CA LYS A 76 7.97 -18.17 -3.38
C LYS A 76 7.61 -16.81 -3.94
N LYS A 77 6.58 -16.19 -3.39
CA LYS A 77 6.13 -14.88 -3.84
C LYS A 77 5.73 -14.01 -2.66
N LYS A 78 5.22 -12.81 -2.95
CA LYS A 78 4.79 -11.88 -1.91
C LYS A 78 3.66 -10.99 -2.42
N VAL A 79 2.44 -11.27 -1.98
CA VAL A 79 1.28 -10.48 -2.39
C VAL A 79 0.97 -9.40 -1.37
N TYR A 80 0.67 -8.20 -1.85
CA TYR A 80 0.34 -7.08 -0.98
C TYR A 80 -1.09 -6.59 -1.21
N MET A 81 -1.92 -6.73 -0.19
CA MET A 81 -3.32 -6.30 -0.29
C MET A 81 -3.67 -5.35 0.86
N LEU A 82 -4.90 -4.84 0.82
CA LEU A 82 -5.37 -3.92 1.86
C LEU A 82 -5.26 -4.56 3.25
N TYR A 83 -4.89 -3.75 4.23
CA TYR A 83 -4.75 -4.24 5.60
C TYR A 83 -6.11 -4.41 6.26
N ASN A 84 -7.06 -3.55 5.89
CA ASN A 84 -8.40 -3.60 6.45
C ASN A 84 -9.12 -4.87 6.02
N LEU A 85 -8.74 -5.40 4.87
CA LEU A 85 -9.35 -6.61 4.34
C LEU A 85 -8.82 -7.85 5.07
N SER A 86 -9.67 -8.86 5.19
CA SER A 86 -9.30 -10.10 5.87
C SER A 86 -8.94 -11.18 4.86
N GLY A 87 -8.14 -12.15 5.31
CA GLY A 87 -7.73 -13.23 4.44
C GLY A 87 -7.50 -14.53 5.18
N PRO A 88 -6.72 -15.43 4.58
CA PRO A 88 -6.40 -16.74 5.19
C PRO A 88 -5.47 -16.61 6.39
N SER A 89 -5.66 -17.49 7.38
CA SER A 89 -4.85 -17.47 8.59
C SER A 89 -3.61 -18.33 8.42
N SER A 90 -2.47 -17.80 8.81
CA SER A 90 -1.20 -18.53 8.71
C SER A 90 -0.40 -18.42 10.00
N GLY A 91 -0.38 -19.52 10.76
CA GLY A 91 0.35 -19.54 12.02
C GLY A 91 -0.24 -20.51 13.02
N GLY A 1 21.19 37.08 12.36
CA GLY A 1 19.81 36.71 12.06
C GLY A 1 19.39 35.44 12.75
N SER A 2 18.09 35.33 13.04
CA SER A 2 17.56 34.15 13.72
C SER A 2 16.04 34.09 13.60
N SER A 3 15.44 33.04 14.13
CA SER A 3 14.01 32.86 14.08
C SER A 3 13.54 31.83 15.10
N GLY A 4 12.23 31.76 15.31
CA GLY A 4 11.68 30.81 16.27
C GLY A 4 11.41 31.45 17.62
N SER A 5 10.18 31.92 17.83
CA SER A 5 9.81 32.55 19.08
C SER A 5 8.52 31.94 19.63
N SER A 6 8.65 30.84 20.36
CA SER A 6 7.49 30.17 20.94
C SER A 6 6.35 30.08 19.93
N GLY A 7 6.70 29.77 18.68
CA GLY A 7 5.70 29.66 17.64
C GLY A 7 6.10 28.68 16.55
N ASP A 8 5.62 27.45 16.66
CA ASP A 8 5.93 26.41 15.69
C ASP A 8 4.77 25.43 15.54
N SER A 9 4.36 25.19 14.29
CA SER A 9 3.26 24.29 14.01
C SER A 9 3.70 23.13 13.13
N GLN A 10 3.54 21.91 13.64
CA GLN A 10 3.94 20.72 12.89
C GLN A 10 2.86 20.30 11.91
N ASN A 11 3.21 20.26 10.63
CA ASN A 11 2.27 19.87 9.58
C ASN A 11 2.98 19.60 8.27
N ALA A 12 2.77 18.42 7.71
CA ALA A 12 3.39 18.04 6.45
C ALA A 12 2.49 18.38 5.27
N GLY A 13 1.20 18.13 5.44
CA GLY A 13 0.25 18.41 4.37
C GLY A 13 -0.12 17.17 3.58
N LYS A 14 0.88 16.56 2.94
CA LYS A 14 0.66 15.36 2.15
C LYS A 14 1.42 14.16 2.74
N MET A 15 1.01 12.97 2.34
CA MET A 15 1.66 11.75 2.83
C MET A 15 3.14 11.98 3.05
N LYS A 16 3.84 12.38 2.00
CA LYS A 16 5.28 12.63 2.09
C LYS A 16 5.81 13.21 0.77
N GLY A 17 6.70 14.19 0.89
CA GLY A 17 7.26 14.83 -0.29
C GLY A 17 6.22 15.54 -1.12
N SER A 18 6.49 15.68 -2.41
CA SER A 18 5.56 16.37 -3.32
C SER A 18 4.95 15.38 -4.30
N ASP A 19 5.80 14.66 -5.02
CA ASP A 19 5.33 13.67 -6.00
C ASP A 19 4.33 12.72 -5.37
N ASN A 20 3.74 11.86 -6.20
CA ASN A 20 2.76 10.89 -5.73
C ASN A 20 3.22 9.46 -6.02
N GLN A 21 4.07 8.92 -5.14
CA GLN A 21 4.58 7.57 -5.32
C GLN A 21 3.83 6.59 -4.42
N GLU A 22 3.91 6.81 -3.11
CA GLU A 22 3.24 5.95 -2.15
C GLU A 22 1.75 5.87 -2.43
N LYS A 23 1.22 6.90 -3.09
CA LYS A 23 -0.20 6.96 -3.43
C LYS A 23 -0.49 6.16 -4.69
N LEU A 24 0.25 6.44 -5.75
CA LEU A 24 0.08 5.75 -7.02
C LEU A 24 0.14 4.25 -6.83
N VAL A 25 1.00 3.80 -5.92
CA VAL A 25 1.16 2.38 -5.65
C VAL A 25 -0.02 1.84 -4.84
N TYR A 26 -0.31 2.50 -3.72
CA TYR A 26 -1.41 2.09 -2.85
C TYR A 26 -2.71 1.99 -3.64
N GLN A 27 -2.88 2.88 -4.61
CA GLN A 27 -4.08 2.88 -5.44
C GLN A 27 -4.12 1.66 -6.35
N ILE A 28 -2.96 1.07 -6.60
CA ILE A 28 -2.87 -0.11 -7.45
C ILE A 28 -3.10 -1.38 -6.64
N ILE A 29 -2.64 -1.39 -5.40
CA ILE A 29 -2.80 -2.54 -4.52
C ILE A 29 -4.26 -2.81 -4.23
N GLU A 30 -4.98 -1.75 -3.85
CA GLU A 30 -6.40 -1.88 -3.54
C GLU A 30 -7.20 -2.27 -4.78
N ASP A 31 -6.68 -1.92 -5.95
CA ASP A 31 -7.34 -2.24 -7.21
C ASP A 31 -7.33 -3.75 -7.45
N ALA A 32 -6.24 -4.40 -7.07
CA ALA A 32 -6.12 -5.85 -7.25
C ALA A 32 -7.29 -6.58 -6.63
N GLY A 33 -7.75 -6.09 -5.49
CA GLY A 33 -8.88 -6.72 -4.81
C GLY A 33 -8.43 -7.71 -3.74
N ASN A 34 -9.33 -8.62 -3.38
CA ASN A 34 -9.03 -9.62 -2.36
C ASN A 34 -7.87 -10.52 -2.81
N LYS A 35 -7.89 -10.89 -4.09
CA LYS A 35 -6.85 -11.74 -4.64
C LYS A 35 -5.47 -11.25 -4.25
N GLY A 36 -5.22 -9.95 -4.45
CA GLY A 36 -3.94 -9.38 -4.10
C GLY A 36 -3.14 -8.98 -5.31
N ILE A 37 -1.87 -8.61 -5.10
CA ILE A 37 -1.00 -8.21 -6.20
C ILE A 37 0.46 -8.52 -5.88
N TRP A 38 1.23 -8.85 -6.91
CA TRP A 38 2.64 -9.18 -6.73
C TRP A 38 3.50 -7.93 -6.78
N SER A 39 4.43 -7.81 -5.84
CA SER A 39 5.32 -6.66 -5.78
C SER A 39 5.72 -6.20 -7.17
N ARG A 40 5.96 -7.17 -8.06
CA ARG A 40 6.36 -6.87 -9.42
C ARG A 40 5.25 -6.16 -10.18
N ASP A 41 4.06 -6.78 -10.21
CA ASP A 41 2.92 -6.20 -10.89
C ASP A 41 2.87 -4.68 -10.68
N VAL A 42 3.30 -4.23 -9.51
CA VAL A 42 3.31 -2.82 -9.19
C VAL A 42 4.33 -2.07 -10.04
N ARG A 43 5.58 -2.50 -10.00
CA ARG A 43 6.64 -1.87 -10.77
C ARG A 43 6.11 -1.35 -12.10
N TYR A 44 5.36 -2.19 -12.80
CA TYR A 44 4.80 -1.82 -14.10
C TYR A 44 3.70 -0.77 -13.93
N LYS A 45 2.64 -1.14 -13.20
CA LYS A 45 1.53 -0.23 -12.96
C LYS A 45 2.02 1.08 -12.37
N SER A 46 2.60 1.02 -11.18
CA SER A 46 3.10 2.21 -10.51
C SER A 46 4.13 2.94 -11.38
N ASN A 47 4.81 2.17 -12.23
CA ASN A 47 5.81 2.74 -13.12
C ASN A 47 7.03 3.22 -12.33
N LEU A 48 7.29 2.58 -11.20
CA LEU A 48 8.41 2.95 -10.35
C LEU A 48 9.43 1.81 -10.28
N PRO A 49 10.68 2.15 -9.94
CA PRO A 49 11.77 1.17 -9.83
C PRO A 49 11.59 0.26 -8.62
N LEU A 50 12.19 -0.93 -8.71
CA LEU A 50 12.11 -1.90 -7.62
C LEU A 50 12.42 -1.26 -6.28
N THR A 51 13.49 -0.45 -6.24
CA THR A 51 13.89 0.22 -5.03
C THR A 51 12.76 1.08 -4.47
N GLU A 52 11.84 1.49 -5.35
CA GLU A 52 10.72 2.32 -4.96
C GLU A 52 9.54 1.45 -4.50
N ILE A 53 9.25 0.41 -5.28
CA ILE A 53 8.15 -0.49 -4.96
C ILE A 53 8.41 -1.22 -3.64
N ASN A 54 9.68 -1.54 -3.39
CA ASN A 54 10.06 -2.24 -2.17
C ASN A 54 9.84 -1.36 -0.94
N LYS A 55 10.40 -0.16 -0.98
CA LYS A 55 10.26 0.78 0.13
C LYS A 55 8.81 1.24 0.28
N ILE A 56 8.12 1.37 -0.85
CA ILE A 56 6.73 1.80 -0.84
C ILE A 56 5.81 0.70 -0.31
N LEU A 57 5.90 -0.49 -0.90
CA LEU A 57 5.09 -1.62 -0.48
C LEU A 57 5.17 -1.81 1.02
N LYS A 58 6.38 -1.74 1.57
CA LYS A 58 6.59 -1.90 3.00
C LYS A 58 5.99 -0.74 3.78
N ASN A 59 6.46 0.47 3.48
CA ASN A 59 5.97 1.67 4.15
C ASN A 59 4.48 1.55 4.46
N LEU A 60 3.68 1.26 3.43
CA LEU A 60 2.24 1.12 3.59
C LEU A 60 1.91 0.08 4.66
N GLU A 61 2.55 -1.08 4.56
CA GLU A 61 2.33 -2.15 5.52
C GLU A 61 2.51 -1.65 6.95
N SER A 62 3.24 -0.55 7.09
CA SER A 62 3.49 0.03 8.41
C SER A 62 2.45 1.08 8.75
N LYS A 63 1.87 1.69 7.72
CA LYS A 63 0.85 2.73 7.91
C LYS A 63 -0.53 2.09 8.06
N LYS A 64 -0.56 0.78 8.29
CA LYS A 64 -1.82 0.07 8.45
C LYS A 64 -2.72 0.25 7.23
N LEU A 65 -2.10 0.25 6.05
CA LEU A 65 -2.84 0.41 4.80
C LEU A 65 -2.90 -0.90 4.02
N ILE A 66 -1.81 -1.67 4.10
CA ILE A 66 -1.74 -2.94 3.41
C ILE A 66 -1.03 -4.00 4.26
N LYS A 67 -0.98 -5.23 3.75
CA LYS A 67 -0.33 -6.31 4.46
C LYS A 67 0.12 -7.40 3.48
N ALA A 68 1.13 -8.17 3.89
CA ALA A 68 1.67 -9.24 3.06
C ALA A 68 0.86 -10.53 3.26
N VAL A 69 0.49 -11.16 2.15
CA VAL A 69 -0.28 -12.40 2.19
C VAL A 69 0.41 -13.49 1.39
N LYS A 70 0.26 -14.73 1.85
CA LYS A 70 0.86 -15.88 1.16
C LYS A 70 -0.21 -16.77 0.56
N SER A 71 -0.50 -16.56 -0.73
CA SER A 71 -1.50 -17.34 -1.43
C SER A 71 -0.99 -18.75 -1.73
N VAL A 72 -1.89 -19.72 -1.70
CA VAL A 72 -1.53 -21.11 -1.97
C VAL A 72 -0.78 -21.23 -3.30
N ALA A 73 0.47 -21.63 -3.24
CA ALA A 73 1.29 -21.80 -4.44
C ALA A 73 2.58 -22.55 -4.13
N ALA A 74 3.23 -23.05 -5.18
CA ALA A 74 4.48 -23.79 -5.02
C ALA A 74 5.67 -22.95 -5.43
N SER A 75 5.64 -21.67 -5.08
CA SER A 75 6.72 -20.74 -5.42
C SER A 75 6.86 -19.65 -4.36
N LYS A 76 8.00 -18.97 -4.38
CA LYS A 76 8.27 -17.90 -3.43
C LYS A 76 7.87 -16.55 -4.01
N LYS A 77 7.10 -15.78 -3.24
CA LYS A 77 6.66 -14.46 -3.67
C LYS A 77 6.03 -13.70 -2.51
N LYS A 78 5.88 -12.39 -2.69
CA LYS A 78 5.29 -11.54 -1.66
C LYS A 78 4.08 -10.79 -2.21
N VAL A 79 2.90 -11.30 -1.89
CA VAL A 79 1.65 -10.68 -2.35
C VAL A 79 1.18 -9.61 -1.37
N TYR A 80 0.70 -8.49 -1.91
CA TYR A 80 0.22 -7.39 -1.09
C TYR A 80 -1.25 -7.12 -1.35
N MET A 81 -1.95 -6.62 -0.33
CA MET A 81 -3.37 -6.30 -0.45
C MET A 81 -3.81 -5.34 0.65
N LEU A 82 -5.07 -4.92 0.59
CA LEU A 82 -5.61 -3.99 1.57
C LEU A 82 -5.52 -4.58 2.98
N TYR A 83 -5.17 -3.75 3.94
CA TYR A 83 -5.05 -4.19 5.33
C TYR A 83 -6.43 -4.40 5.95
N ASN A 84 -7.39 -3.59 5.53
CA ASN A 84 -8.75 -3.69 6.04
C ASN A 84 -9.39 -5.02 5.63
N LEU A 85 -9.14 -5.43 4.39
CA LEU A 85 -9.69 -6.68 3.88
C LEU A 85 -9.34 -7.85 4.80
N SER A 86 -10.30 -8.74 4.99
CA SER A 86 -10.10 -9.91 5.85
C SER A 86 -9.35 -11.01 5.11
N GLY A 87 -8.14 -11.30 5.55
CA GLY A 87 -7.33 -12.32 4.92
C GLY A 87 -7.01 -13.48 5.86
N PRO A 88 -5.96 -14.23 5.53
CA PRO A 88 -5.53 -15.38 6.34
C PRO A 88 -4.94 -14.95 7.68
N SER A 89 -5.66 -15.25 8.76
CA SER A 89 -5.22 -14.90 10.09
C SER A 89 -4.10 -15.84 10.56
N SER A 90 -2.86 -15.43 10.33
CA SER A 90 -1.71 -16.23 10.72
C SER A 90 -0.69 -15.39 11.49
N GLY A 91 -0.97 -15.16 12.76
CA GLY A 91 -0.08 -14.37 13.60
C GLY A 91 -0.81 -13.59 14.66
N GLY A 1 -15.23 53.35 6.17
CA GLY A 1 -15.77 52.07 6.60
C GLY A 1 -14.89 50.90 6.20
N SER A 2 -15.19 49.72 6.74
CA SER A 2 -14.42 48.53 6.44
C SER A 2 -15.07 47.29 7.05
N SER A 3 -14.91 46.15 6.37
CA SER A 3 -15.50 44.90 6.84
C SER A 3 -14.89 43.71 6.10
N GLY A 4 -15.29 42.50 6.51
CA GLY A 4 -14.76 41.30 5.87
C GLY A 4 -14.80 40.10 6.80
N SER A 5 -14.90 38.92 6.21
CA SER A 5 -14.95 37.68 6.99
C SER A 5 -14.70 36.47 6.10
N SER A 6 -14.62 35.30 6.72
CA SER A 6 -14.38 34.06 5.99
C SER A 6 -14.74 32.84 6.83
N GLY A 7 -14.76 31.68 6.20
CA GLY A 7 -15.10 30.45 6.91
C GLY A 7 -14.35 29.24 6.38
N ASP A 8 -14.15 28.26 7.24
CA ASP A 8 -13.43 27.04 6.85
C ASP A 8 -13.92 25.85 7.66
N SER A 9 -14.15 24.72 6.98
CA SER A 9 -14.62 23.51 7.65
C SER A 9 -14.19 22.28 6.87
N GLN A 10 -13.29 21.50 7.46
CA GLN A 10 -12.78 20.28 6.82
C GLN A 10 -12.27 19.29 7.87
N ASN A 11 -12.19 18.03 7.48
CA ASN A 11 -11.71 16.98 8.37
C ASN A 11 -10.19 16.92 8.39
N ALA A 12 -9.62 16.66 9.56
CA ALA A 12 -8.17 16.58 9.70
C ALA A 12 -7.69 15.13 9.66
N GLY A 13 -8.63 14.21 9.40
CA GLY A 13 -8.29 12.81 9.34
C GLY A 13 -7.84 12.38 7.95
N LYS A 14 -6.68 12.86 7.54
CA LYS A 14 -6.14 12.52 6.21
C LYS A 14 -4.96 11.57 6.33
N MET A 15 -4.78 10.72 5.33
CA MET A 15 -3.67 9.77 5.32
C MET A 15 -2.33 10.48 5.22
N LYS A 16 -1.74 10.78 6.37
CA LYS A 16 -0.45 11.46 6.42
C LYS A 16 0.43 11.03 5.25
N GLY A 17 1.32 11.93 4.82
CA GLY A 17 2.21 11.62 3.72
C GLY A 17 2.07 12.60 2.57
N SER A 18 3.12 13.38 2.33
CA SER A 18 3.10 14.37 1.26
C SER A 18 3.83 13.83 0.02
N ASP A 19 3.56 12.57 -0.31
CA ASP A 19 4.17 11.94 -1.47
C ASP A 19 3.11 11.39 -2.41
N ASN A 20 3.44 11.37 -3.70
CA ASN A 20 2.51 10.86 -4.71
C ASN A 20 2.89 9.46 -5.16
N GLN A 21 4.17 9.13 -5.05
CA GLN A 21 4.67 7.83 -5.44
C GLN A 21 4.06 6.73 -4.57
N GLU A 22 4.06 6.96 -3.25
CA GLU A 22 3.50 5.99 -2.31
C GLU A 22 1.99 5.86 -2.49
N LYS A 23 1.39 6.87 -3.11
CA LYS A 23 -0.05 6.87 -3.35
C LYS A 23 -0.40 6.06 -4.59
N LEU A 24 0.17 6.45 -5.73
CA LEU A 24 -0.08 5.76 -6.98
C LEU A 24 0.05 4.26 -6.81
N VAL A 25 0.97 3.84 -5.95
CA VAL A 25 1.19 2.42 -5.69
C VAL A 25 0.08 1.84 -4.83
N TYR A 26 -0.33 2.59 -3.80
CA TYR A 26 -1.38 2.14 -2.91
C TYR A 26 -2.70 1.97 -3.65
N GLN A 27 -2.92 2.82 -4.64
CA GLN A 27 -4.14 2.77 -5.44
C GLN A 27 -4.16 1.53 -6.34
N ILE A 28 -2.96 1.03 -6.67
CA ILE A 28 -2.84 -0.14 -7.52
C ILE A 28 -3.01 -1.43 -6.71
N ILE A 29 -2.65 -1.37 -5.43
CA ILE A 29 -2.76 -2.52 -4.56
C ILE A 29 -4.22 -2.81 -4.21
N GLU A 30 -4.95 -1.77 -3.84
CA GLU A 30 -6.36 -1.90 -3.48
C GLU A 30 -7.19 -2.33 -4.69
N ASP A 31 -6.67 -2.03 -5.88
CA ASP A 31 -7.37 -2.37 -7.12
C ASP A 31 -7.36 -3.89 -7.34
N ALA A 32 -6.26 -4.53 -6.97
CA ALA A 32 -6.13 -5.98 -7.13
C ALA A 32 -7.24 -6.71 -6.38
N GLY A 33 -7.61 -6.18 -5.21
CA GLY A 33 -8.65 -6.79 -4.42
C GLY A 33 -8.12 -7.89 -3.51
N ASN A 34 -9.02 -8.70 -2.97
CA ASN A 34 -8.64 -9.78 -2.07
C ASN A 34 -7.53 -10.63 -2.69
N LYS A 35 -7.68 -10.92 -3.98
CA LYS A 35 -6.69 -11.73 -4.69
C LYS A 35 -5.28 -11.18 -4.49
N GLY A 36 -5.19 -9.92 -4.08
CA GLY A 36 -3.90 -9.30 -3.84
C GLY A 36 -3.14 -9.03 -5.12
N ILE A 37 -1.92 -8.52 -5.00
CA ILE A 37 -1.10 -8.22 -6.15
C ILE A 37 0.37 -8.57 -5.90
N TRP A 38 1.10 -8.84 -6.97
CA TRP A 38 2.51 -9.19 -6.86
C TRP A 38 3.39 -7.94 -6.90
N SER A 39 4.23 -7.79 -5.89
CA SER A 39 5.13 -6.64 -5.80
C SER A 39 5.60 -6.22 -7.20
N ARG A 40 5.79 -7.20 -8.07
CA ARG A 40 6.24 -6.93 -9.43
C ARG A 40 5.17 -6.18 -10.22
N ASP A 41 4.00 -6.79 -10.34
CA ASP A 41 2.89 -6.19 -11.06
C ASP A 41 2.84 -4.68 -10.82
N VAL A 42 3.25 -4.26 -9.64
CA VAL A 42 3.26 -2.84 -9.28
C VAL A 42 4.32 -2.09 -10.06
N ARG A 43 5.56 -2.56 -9.99
CA ARG A 43 6.66 -1.93 -10.70
C ARG A 43 6.20 -1.35 -12.03
N TYR A 44 5.43 -2.14 -12.77
CA TYR A 44 4.92 -1.70 -14.07
C TYR A 44 3.83 -0.65 -13.90
N LYS A 45 2.81 -0.98 -13.13
CA LYS A 45 1.70 -0.07 -12.89
C LYS A 45 2.20 1.24 -12.29
N SER A 46 2.78 1.16 -11.10
CA SER A 46 3.29 2.34 -10.42
C SER A 46 4.41 2.99 -11.23
N ASN A 47 4.85 2.30 -12.28
CA ASN A 47 5.91 2.81 -13.14
C ASN A 47 7.11 3.27 -12.31
N LEU A 48 7.36 2.57 -11.21
CA LEU A 48 8.48 2.90 -10.33
C LEU A 48 9.48 1.76 -10.26
N PRO A 49 10.74 2.09 -9.91
CA PRO A 49 11.81 1.09 -9.79
C PRO A 49 11.61 0.16 -8.60
N LEU A 50 12.22 -1.03 -8.67
CA LEU A 50 12.12 -2.00 -7.59
C LEU A 50 12.38 -1.35 -6.25
N THR A 51 13.47 -0.57 -6.16
CA THR A 51 13.83 0.10 -4.93
C THR A 51 12.69 0.98 -4.43
N GLU A 52 11.81 1.39 -5.33
CA GLU A 52 10.68 2.23 -4.98
C GLU A 52 9.49 1.38 -4.54
N ILE A 53 9.27 0.27 -5.23
CA ILE A 53 8.17 -0.63 -4.91
C ILE A 53 8.42 -1.36 -3.60
N ASN A 54 9.69 -1.61 -3.30
CA ASN A 54 10.06 -2.30 -2.07
C ASN A 54 9.87 -1.39 -0.85
N LYS A 55 10.38 -0.16 -0.95
CA LYS A 55 10.27 0.80 0.12
C LYS A 55 8.83 1.29 0.27
N ILE A 56 8.13 1.44 -0.85
CA ILE A 56 6.75 1.88 -0.84
C ILE A 56 5.82 0.81 -0.30
N LEU A 57 5.89 -0.38 -0.89
CA LEU A 57 5.06 -1.50 -0.47
C LEU A 57 5.14 -1.70 1.04
N LYS A 58 6.35 -1.59 1.59
CA LYS A 58 6.57 -1.75 3.01
C LYS A 58 5.90 -0.63 3.80
N ASN A 59 6.37 0.60 3.56
CA ASN A 59 5.81 1.77 4.25
C ASN A 59 4.31 1.60 4.48
N LEU A 60 3.59 1.24 3.43
CA LEU A 60 2.15 1.05 3.51
C LEU A 60 1.81 -0.02 4.55
N GLU A 61 2.55 -1.12 4.52
CA GLU A 61 2.32 -2.23 5.44
C GLU A 61 2.54 -1.77 6.88
N SER A 62 3.17 -0.62 7.05
CA SER A 62 3.45 -0.08 8.37
C SER A 62 2.39 0.94 8.78
N LYS A 63 1.77 1.57 7.77
CA LYS A 63 0.74 2.57 8.02
C LYS A 63 -0.63 1.91 8.17
N LYS A 64 -0.64 0.59 8.18
CA LYS A 64 -1.88 -0.18 8.32
C LYS A 64 -2.76 -0.02 7.08
N LEU A 65 -2.13 0.26 5.95
CA LEU A 65 -2.85 0.43 4.69
C LEU A 65 -2.94 -0.88 3.93
N ILE A 66 -1.91 -1.72 4.08
CA ILE A 66 -1.87 -3.00 3.41
C ILE A 66 -1.12 -4.04 4.25
N LYS A 67 -0.98 -5.24 3.71
CA LYS A 67 -0.29 -6.32 4.40
C LYS A 67 0.30 -7.32 3.41
N ALA A 68 1.20 -8.17 3.89
CA ALA A 68 1.84 -9.18 3.06
C ALA A 68 1.16 -10.54 3.22
N VAL A 69 0.72 -11.10 2.10
CA VAL A 69 0.06 -12.41 2.13
C VAL A 69 0.75 -13.39 1.18
N LYS A 70 0.60 -14.68 1.48
CA LYS A 70 1.21 -15.72 0.66
C LYS A 70 0.17 -16.75 0.23
N SER A 71 0.16 -17.08 -1.05
CA SER A 71 -0.79 -18.06 -1.59
C SER A 71 -0.07 -19.35 -1.98
N VAL A 72 -0.83 -20.43 -2.08
CA VAL A 72 -0.29 -21.73 -2.45
C VAL A 72 0.64 -21.61 -3.66
N ALA A 73 1.88 -22.04 -3.48
CA ALA A 73 2.86 -21.98 -4.55
C ALA A 73 4.18 -22.65 -4.14
N ALA A 74 5.08 -22.83 -5.10
CA ALA A 74 6.36 -23.46 -4.84
C ALA A 74 7.37 -22.45 -4.29
N SER A 75 7.85 -21.57 -5.16
CA SER A 75 8.82 -20.55 -4.78
C SER A 75 8.26 -19.68 -3.65
N LYS A 76 9.05 -18.69 -3.24
CA LYS A 76 8.65 -17.78 -2.18
C LYS A 76 8.42 -16.38 -2.72
N LYS A 77 7.16 -15.98 -2.83
CA LYS A 77 6.80 -14.67 -3.33
C LYS A 77 6.25 -13.78 -2.21
N LYS A 78 5.82 -12.58 -2.57
CA LYS A 78 5.26 -11.65 -1.60
C LYS A 78 4.13 -10.83 -2.21
N VAL A 79 2.90 -11.16 -1.83
CA VAL A 79 1.73 -10.45 -2.33
C VAL A 79 1.27 -9.38 -1.35
N TYR A 80 0.69 -8.32 -1.89
CA TYR A 80 0.20 -7.21 -1.07
C TYR A 80 -1.28 -6.94 -1.34
N MET A 81 -1.99 -6.52 -0.29
CA MET A 81 -3.41 -6.23 -0.41
C MET A 81 -3.87 -5.30 0.71
N LEU A 82 -5.11 -4.84 0.63
CA LEU A 82 -5.67 -3.95 1.63
C LEU A 82 -5.55 -4.56 3.03
N TYR A 83 -5.12 -3.75 3.99
CA TYR A 83 -4.97 -4.20 5.36
C TYR A 83 -6.31 -4.65 5.94
N ASN A 84 -7.36 -3.90 5.64
CA ASN A 84 -8.70 -4.21 6.13
C ASN A 84 -9.16 -5.56 5.62
N LEU A 85 -8.79 -5.88 4.38
CA LEU A 85 -9.17 -7.16 3.77
C LEU A 85 -8.48 -8.32 4.47
N SER A 86 -8.67 -9.52 3.93
CA SER A 86 -8.07 -10.72 4.51
C SER A 86 -7.90 -11.80 3.44
N GLY A 87 -7.08 -12.80 3.76
CA GLY A 87 -6.84 -13.88 2.81
C GLY A 87 -6.32 -15.14 3.49
N PRO A 88 -5.67 -16.00 2.71
CA PRO A 88 -5.10 -17.26 3.22
C PRO A 88 -3.89 -17.02 4.12
N SER A 89 -4.08 -17.26 5.42
CA SER A 89 -3.01 -17.07 6.39
C SER A 89 -1.93 -18.15 6.24
N SER A 90 -2.31 -19.26 5.63
CA SER A 90 -1.38 -20.36 5.42
C SER A 90 -0.44 -20.51 6.61
N GLY A 91 -1.01 -20.52 7.81
CA GLY A 91 -0.22 -20.66 9.01
C GLY A 91 -1.02 -20.47 10.28
N GLY A 1 -31.13 30.76 21.41
CA GLY A 1 -30.57 29.59 20.77
C GLY A 1 -31.23 28.30 21.23
N SER A 2 -30.95 27.21 20.54
CA SER A 2 -31.53 25.91 20.87
C SER A 2 -30.44 24.91 21.24
N SER A 3 -29.48 25.36 22.05
CA SER A 3 -28.39 24.51 22.48
C SER A 3 -27.92 23.61 21.34
N GLY A 4 -27.79 24.20 20.15
CA GLY A 4 -27.36 23.43 19.00
C GLY A 4 -25.87 23.58 18.73
N SER A 5 -25.05 22.86 19.50
CA SER A 5 -23.61 22.92 19.34
C SER A 5 -23.07 21.63 18.71
N SER A 6 -22.34 21.79 17.62
CA SER A 6 -21.77 20.65 16.91
C SER A 6 -20.36 20.96 16.41
N GLY A 7 -19.69 19.94 15.89
CA GLY A 7 -18.34 20.13 15.39
C GLY A 7 -17.73 18.84 14.87
N ASP A 8 -18.09 18.46 13.64
CA ASP A 8 -17.58 17.24 13.04
C ASP A 8 -17.09 17.50 11.62
N SER A 9 -16.36 16.54 11.07
CA SER A 9 -15.83 16.67 9.71
C SER A 9 -15.50 15.31 9.12
N GLN A 10 -15.57 15.21 7.80
CA GLN A 10 -15.29 13.95 7.10
C GLN A 10 -13.81 13.63 7.16
N ASN A 11 -13.48 12.43 7.61
CA ASN A 11 -12.09 11.98 7.72
C ASN A 11 -11.92 10.59 7.14
N ALA A 12 -11.77 10.50 5.82
CA ALA A 12 -11.60 9.23 5.15
C ALA A 12 -10.13 8.81 5.13
N GLY A 13 -9.26 9.77 4.84
CA GLY A 13 -7.84 9.48 4.80
C GLY A 13 -7.17 10.05 3.56
N LYS A 14 -6.86 11.34 3.59
CA LYS A 14 -6.22 12.00 2.46
C LYS A 14 -4.74 11.65 2.39
N MET A 15 -4.31 11.15 1.24
CA MET A 15 -2.91 10.77 1.05
C MET A 15 -2.03 12.00 0.88
N LYS A 16 -1.62 12.59 2.00
CA LYS A 16 -0.77 13.78 1.96
C LYS A 16 0.66 13.42 1.59
N GLY A 17 1.50 14.44 1.40
CA GLY A 17 2.88 14.21 1.04
C GLY A 17 3.38 15.17 -0.01
N SER A 18 4.69 15.18 -0.24
CA SER A 18 5.28 16.06 -1.23
C SER A 18 5.37 15.37 -2.59
N ASP A 19 5.25 14.05 -2.59
CA ASP A 19 5.32 13.26 -3.81
C ASP A 19 4.03 12.47 -4.01
N ASN A 20 3.80 12.04 -5.25
CA ASN A 20 2.60 11.27 -5.58
C ASN A 20 2.97 9.84 -5.95
N GLN A 21 3.92 9.27 -5.21
CA GLN A 21 4.37 7.90 -5.46
C GLN A 21 3.67 6.92 -4.52
N GLU A 22 3.87 7.12 -3.22
CA GLU A 22 3.27 6.26 -2.21
C GLU A 22 1.76 6.18 -2.39
N LYS A 23 1.22 7.11 -3.17
CA LYS A 23 -0.22 7.15 -3.43
C LYS A 23 -0.56 6.37 -4.69
N LEU A 24 0.29 6.46 -5.71
CA LEU A 24 0.08 5.75 -6.96
C LEU A 24 0.17 4.25 -6.76
N VAL A 25 1.05 3.82 -5.86
CA VAL A 25 1.23 2.41 -5.57
C VAL A 25 0.04 1.84 -4.80
N TYR A 26 -0.33 2.52 -3.72
CA TYR A 26 -1.46 2.08 -2.91
C TYR A 26 -2.73 1.98 -3.74
N GLN A 27 -2.92 2.96 -4.63
CA GLN A 27 -4.10 2.98 -5.49
C GLN A 27 -4.17 1.72 -6.35
N ILE A 28 -3.01 1.15 -6.65
CA ILE A 28 -2.95 -0.07 -7.46
C ILE A 28 -3.20 -1.30 -6.62
N ILE A 29 -2.60 -1.34 -5.43
CA ILE A 29 -2.77 -2.47 -4.53
C ILE A 29 -4.24 -2.70 -4.18
N GLU A 30 -4.95 -1.61 -3.91
CA GLU A 30 -6.36 -1.68 -3.56
C GLU A 30 -7.19 -2.14 -4.76
N ASP A 31 -6.70 -1.83 -5.95
CA ASP A 31 -7.39 -2.21 -7.19
C ASP A 31 -7.38 -3.71 -7.38
N ALA A 32 -6.26 -4.35 -7.03
CA ALA A 32 -6.12 -5.78 -7.15
C ALA A 32 -7.25 -6.51 -6.42
N GLY A 33 -7.63 -6.00 -5.27
CA GLY A 33 -8.69 -6.61 -4.48
C GLY A 33 -8.17 -7.67 -3.54
N ASN A 34 -9.09 -8.39 -2.90
CA ASN A 34 -8.72 -9.43 -1.95
C ASN A 34 -7.62 -10.33 -2.52
N LYS A 35 -7.74 -10.65 -3.80
CA LYS A 35 -6.76 -11.50 -4.48
C LYS A 35 -5.35 -10.98 -4.24
N GLY A 36 -5.21 -9.65 -4.18
CA GLY A 36 -3.90 -9.06 -3.96
C GLY A 36 -3.16 -8.81 -5.25
N ILE A 37 -1.89 -8.44 -5.13
CA ILE A 37 -1.06 -8.16 -6.30
C ILE A 37 0.41 -8.49 -6.02
N TRP A 38 1.13 -8.87 -7.07
CA TRP A 38 2.54 -9.22 -6.95
C TRP A 38 3.40 -7.97 -6.93
N SER A 39 4.27 -7.85 -5.94
CA SER A 39 5.15 -6.70 -5.81
C SER A 39 5.65 -6.24 -7.18
N ARG A 40 5.98 -7.21 -8.04
CA ARG A 40 6.47 -6.90 -9.38
C ARG A 40 5.37 -6.29 -10.23
N ASP A 41 4.22 -6.97 -10.30
CA ASP A 41 3.10 -6.48 -11.09
C ASP A 41 2.85 -5.00 -10.84
N VAL A 42 3.22 -4.54 -9.64
CA VAL A 42 3.05 -3.13 -9.28
C VAL A 42 4.04 -2.25 -10.01
N ARG A 43 5.33 -2.62 -9.94
CA ARG A 43 6.38 -1.85 -10.59
C ARG A 43 5.89 -1.29 -11.92
N TYR A 44 5.26 -2.14 -12.73
CA TYR A 44 4.75 -1.72 -14.03
C TYR A 44 3.57 -0.76 -13.87
N LYS A 45 2.66 -1.09 -12.96
CA LYS A 45 1.49 -0.25 -12.71
C LYS A 45 1.91 1.15 -12.27
N SER A 46 2.64 1.21 -11.17
CA SER A 46 3.11 2.49 -10.64
C SER A 46 4.22 3.07 -11.51
N ASN A 47 4.85 2.21 -12.30
CA ASN A 47 5.93 2.64 -13.18
C ASN A 47 7.13 3.11 -12.38
N LEU A 48 7.32 2.52 -11.21
CA LEU A 48 8.44 2.89 -10.34
C LEU A 48 9.46 1.76 -10.26
N PRO A 49 10.71 2.11 -9.90
CA PRO A 49 11.80 1.14 -9.79
C PRO A 49 11.63 0.22 -8.59
N LEU A 50 12.23 -0.96 -8.66
CA LEU A 50 12.14 -1.94 -7.59
C LEU A 50 12.41 -1.29 -6.23
N THR A 51 13.49 -0.51 -6.17
CA THR A 51 13.86 0.18 -4.94
C THR A 51 12.70 1.00 -4.40
N GLU A 52 11.79 1.41 -5.28
CA GLU A 52 10.64 2.20 -4.88
C GLU A 52 9.49 1.31 -4.44
N ILE A 53 9.21 0.29 -5.25
CA ILE A 53 8.12 -0.64 -4.95
C ILE A 53 8.41 -1.41 -3.65
N ASN A 54 9.68 -1.61 -3.36
CA ASN A 54 10.09 -2.34 -2.16
C ASN A 54 9.89 -1.47 -0.92
N LYS A 55 10.40 -0.25 -0.97
CA LYS A 55 10.28 0.69 0.15
C LYS A 55 8.84 1.13 0.33
N ILE A 56 8.13 1.32 -0.78
CA ILE A 56 6.73 1.73 -0.74
C ILE A 56 5.84 0.61 -0.21
N LEU A 57 5.91 -0.55 -0.87
CA LEU A 57 5.11 -1.70 -0.48
C LEU A 57 5.16 -1.91 1.03
N LYS A 58 6.33 -1.67 1.62
CA LYS A 58 6.52 -1.82 3.06
C LYS A 58 5.93 -0.64 3.82
N ASN A 59 6.44 0.55 3.52
CA ASN A 59 5.97 1.77 4.17
C ASN A 59 4.47 1.69 4.45
N LEU A 60 3.71 1.30 3.44
CA LEU A 60 2.26 1.17 3.58
C LEU A 60 1.89 0.16 4.66
N GLU A 61 2.53 -1.01 4.61
CA GLU A 61 2.28 -2.06 5.58
C GLU A 61 2.35 -1.52 7.01
N SER A 62 3.00 -0.38 7.16
CA SER A 62 3.14 0.25 8.48
C SER A 62 1.97 1.20 8.75
N LYS A 63 1.40 1.74 7.69
CA LYS A 63 0.27 2.65 7.82
C LYS A 63 -1.05 1.89 7.89
N LYS A 64 -0.96 0.59 8.15
CA LYS A 64 -2.15 -0.25 8.24
C LYS A 64 -3.01 -0.13 6.98
N LEU A 65 -2.36 0.14 5.86
CA LEU A 65 -3.06 0.28 4.59
C LEU A 65 -3.03 -1.03 3.80
N ILE A 66 -1.93 -1.75 3.91
CA ILE A 66 -1.78 -3.03 3.21
C ILE A 66 -1.03 -4.04 4.06
N LYS A 67 -0.95 -5.28 3.59
CA LYS A 67 -0.26 -6.33 4.31
C LYS A 67 0.30 -7.38 3.34
N ALA A 68 1.22 -8.21 3.83
CA ALA A 68 1.82 -9.24 3.01
C ALA A 68 1.13 -10.59 3.21
N VAL A 69 0.67 -11.19 2.12
CA VAL A 69 -0.02 -12.47 2.18
C VAL A 69 0.62 -13.48 1.23
N LYS A 70 0.54 -14.76 1.59
CA LYS A 70 1.11 -15.82 0.77
C LYS A 70 0.01 -16.68 0.15
N SER A 71 0.13 -16.94 -1.14
CA SER A 71 -0.86 -17.75 -1.85
C SER A 71 -0.24 -19.04 -2.37
N VAL A 72 -0.94 -20.15 -2.17
CA VAL A 72 -0.46 -21.44 -2.63
C VAL A 72 0.16 -21.35 -4.01
N ALA A 73 1.46 -21.68 -4.10
CA ALA A 73 2.17 -21.64 -5.37
C ALA A 73 3.52 -22.33 -5.26
N ALA A 74 3.88 -23.09 -6.29
CA ALA A 74 5.15 -23.81 -6.31
C ALA A 74 6.31 -22.86 -6.01
N SER A 75 6.30 -21.69 -6.63
CA SER A 75 7.36 -20.70 -6.44
C SER A 75 6.94 -19.68 -5.38
N LYS A 76 7.81 -19.48 -4.40
CA LYS A 76 7.55 -18.53 -3.32
C LYS A 76 7.36 -17.12 -3.88
N LYS A 77 6.33 -16.44 -3.40
CA LYS A 77 6.04 -15.08 -3.84
C LYS A 77 5.50 -14.23 -2.69
N LYS A 78 5.61 -12.92 -2.83
CA LYS A 78 5.13 -11.99 -1.80
C LYS A 78 4.02 -11.10 -2.35
N VAL A 79 2.78 -11.43 -2.02
CA VAL A 79 1.63 -10.65 -2.47
C VAL A 79 1.25 -9.59 -1.46
N TYR A 80 0.82 -8.44 -1.95
CA TYR A 80 0.42 -7.33 -1.08
C TYR A 80 -1.02 -6.91 -1.35
N MET A 81 -1.83 -6.91 -0.30
CA MET A 81 -3.23 -6.53 -0.42
C MET A 81 -3.67 -5.67 0.76
N LEU A 82 -4.68 -4.82 0.54
CA LEU A 82 -5.18 -3.94 1.58
C LEU A 82 -5.11 -4.62 2.94
N TYR A 83 -4.97 -3.82 4.00
CA TYR A 83 -4.90 -4.34 5.36
C TYR A 83 -6.28 -4.71 5.88
N ASN A 84 -7.26 -3.83 5.62
CA ASN A 84 -8.62 -4.07 6.05
C ASN A 84 -9.21 -5.31 5.40
N LEU A 85 -8.84 -5.55 4.14
CA LEU A 85 -9.33 -6.70 3.41
C LEU A 85 -8.72 -7.99 3.95
N SER A 86 -9.56 -8.89 4.43
CA SER A 86 -9.12 -10.15 4.99
C SER A 86 -8.50 -11.03 3.89
N GLY A 87 -7.80 -12.08 4.32
CA GLY A 87 -7.18 -12.99 3.36
C GLY A 87 -6.90 -14.35 3.95
N PRO A 88 -6.25 -15.23 3.16
CA PRO A 88 -5.91 -16.58 3.59
C PRO A 88 -4.82 -16.59 4.66
N SER A 89 -4.38 -15.41 5.06
CA SER A 89 -3.34 -15.29 6.07
C SER A 89 -3.72 -16.06 7.34
N SER A 90 -2.92 -17.08 7.66
CA SER A 90 -3.18 -17.90 8.84
C SER A 90 -2.76 -17.16 10.11
N GLY A 91 -3.72 -16.95 11.00
CA GLY A 91 -3.43 -16.26 12.26
C GLY A 91 -4.45 -15.18 12.56
N GLY A 1 -26.96 45.80 21.67
CA GLY A 1 -26.65 45.70 20.26
C GLY A 1 -26.76 44.29 19.73
N SER A 2 -26.90 44.17 18.41
CA SER A 2 -27.02 42.85 17.77
C SER A 2 -26.69 42.94 16.30
N SER A 3 -25.92 41.97 15.81
CA SER A 3 -25.52 41.93 14.41
C SER A 3 -25.67 40.53 13.84
N GLY A 4 -25.38 40.39 12.55
CA GLY A 4 -25.47 39.09 11.90
C GLY A 4 -24.49 38.93 10.76
N SER A 5 -24.18 37.69 10.42
CA SER A 5 -23.24 37.41 9.34
C SER A 5 -23.45 36.00 8.80
N SER A 6 -22.70 35.66 7.75
CA SER A 6 -22.81 34.34 7.13
C SER A 6 -21.42 33.76 6.86
N GLY A 7 -21.35 32.43 6.80
CA GLY A 7 -20.09 31.77 6.54
C GLY A 7 -20.18 30.25 6.64
N ASP A 8 -19.11 29.57 6.25
CA ASP A 8 -19.09 28.11 6.30
C ASP A 8 -17.66 27.60 6.27
N SER A 9 -17.44 26.41 6.83
CA SER A 9 -16.12 25.80 6.87
C SER A 9 -16.21 24.28 6.97
N GLN A 10 -15.22 23.59 6.43
CA GLN A 10 -15.19 22.14 6.46
C GLN A 10 -13.76 21.62 6.46
N ASN A 11 -13.43 20.80 7.46
CA ASN A 11 -12.09 20.23 7.57
C ASN A 11 -12.15 18.73 7.79
N ALA A 12 -11.99 17.97 6.71
CA ALA A 12 -12.02 16.51 6.78
C ALA A 12 -10.62 15.94 6.81
N GLY A 13 -9.75 16.46 5.96
CA GLY A 13 -8.38 15.98 5.90
C GLY A 13 -8.19 14.85 4.88
N LYS A 14 -7.71 15.21 3.70
CA LYS A 14 -7.49 14.23 2.65
C LYS A 14 -6.04 13.78 2.60
N MET A 15 -5.80 12.59 2.07
CA MET A 15 -4.44 12.05 1.97
C MET A 15 -3.77 12.50 0.68
N LYS A 16 -2.97 13.55 0.76
CA LYS A 16 -2.26 14.07 -0.41
C LYS A 16 -0.86 14.55 -0.04
N GLY A 17 0.02 14.59 -1.03
CA GLY A 17 1.38 15.04 -0.78
C GLY A 17 2.05 15.58 -2.02
N SER A 18 3.35 15.82 -1.94
CA SER A 18 4.11 16.34 -3.08
C SER A 18 4.27 15.29 -4.16
N ASP A 19 4.94 14.20 -3.83
CA ASP A 19 5.16 13.11 -4.77
C ASP A 19 4.00 12.12 -4.75
N ASN A 20 3.73 11.51 -5.90
CA ASN A 20 2.63 10.56 -6.01
C ASN A 20 3.17 9.14 -6.19
N GLN A 21 4.18 8.79 -5.38
CA GLN A 21 4.79 7.47 -5.45
C GLN A 21 4.14 6.52 -4.44
N GLU A 22 3.94 7.01 -3.23
CA GLU A 22 3.33 6.21 -2.17
C GLU A 22 1.83 6.03 -2.42
N LYS A 23 1.24 6.98 -3.13
CA LYS A 23 -0.19 6.93 -3.44
C LYS A 23 -0.43 6.16 -4.74
N LEU A 24 0.42 6.40 -5.73
CA LEU A 24 0.28 5.74 -7.02
C LEU A 24 0.38 4.23 -6.87
N VAL A 25 1.03 3.79 -5.79
CA VAL A 25 1.20 2.36 -5.53
C VAL A 25 0.01 1.82 -4.75
N TYR A 26 -0.35 2.49 -3.66
CA TYR A 26 -1.47 2.07 -2.83
C TYR A 26 -2.75 1.97 -3.66
N GLN A 27 -2.90 2.86 -4.63
CA GLN A 27 -4.07 2.87 -5.49
C GLN A 27 -4.15 1.60 -6.33
N ILE A 28 -2.98 1.11 -6.74
CA ILE A 28 -2.91 -0.11 -7.55
C ILE A 28 -3.13 -1.35 -6.70
N ILE A 29 -2.62 -1.32 -5.46
CA ILE A 29 -2.76 -2.44 -4.55
C ILE A 29 -4.22 -2.70 -4.22
N GLU A 30 -4.94 -1.65 -3.85
CA GLU A 30 -6.35 -1.76 -3.51
C GLU A 30 -7.17 -2.24 -4.71
N ASP A 31 -6.73 -1.85 -5.90
CA ASP A 31 -7.42 -2.24 -7.12
C ASP A 31 -7.41 -3.76 -7.31
N ALA A 32 -6.27 -4.38 -6.97
CA ALA A 32 -6.12 -5.82 -7.09
C ALA A 32 -7.25 -6.55 -6.36
N GLY A 33 -7.69 -5.97 -5.24
CA GLY A 33 -8.76 -6.59 -4.48
C GLY A 33 -8.24 -7.61 -3.47
N ASN A 34 -9.15 -8.23 -2.74
CA ASN A 34 -8.79 -9.22 -1.74
C ASN A 34 -7.69 -10.15 -2.27
N LYS A 35 -7.78 -10.48 -3.55
CA LYS A 35 -6.79 -11.35 -4.18
C LYS A 35 -5.38 -10.83 -3.95
N GLY A 36 -5.21 -9.52 -4.06
CA GLY A 36 -3.90 -8.92 -3.86
C GLY A 36 -3.14 -8.74 -5.15
N ILE A 37 -1.88 -8.33 -5.05
CA ILE A 37 -1.05 -8.11 -6.23
C ILE A 37 0.41 -8.43 -5.93
N TRP A 38 1.14 -8.83 -6.96
CA TRP A 38 2.55 -9.16 -6.81
C TRP A 38 3.42 -7.90 -6.82
N SER A 39 4.34 -7.81 -5.88
CA SER A 39 5.22 -6.66 -5.77
C SER A 39 5.66 -6.19 -7.15
N ARG A 40 6.04 -7.13 -8.00
CA ARG A 40 6.48 -6.80 -9.36
C ARG A 40 5.34 -6.17 -10.16
N ASP A 41 4.25 -6.91 -10.31
CA ASP A 41 3.09 -6.42 -11.06
C ASP A 41 2.91 -4.93 -10.86
N VAL A 42 3.25 -4.45 -9.66
CA VAL A 42 3.12 -3.03 -9.35
C VAL A 42 4.15 -2.20 -10.11
N ARG A 43 5.42 -2.60 -9.99
CA ARG A 43 6.50 -1.89 -10.66
C ARG A 43 6.05 -1.35 -12.01
N TYR A 44 5.37 -2.19 -12.79
CA TYR A 44 4.88 -1.80 -14.09
C TYR A 44 3.73 -0.80 -13.97
N LYS A 45 2.68 -1.20 -13.27
CA LYS A 45 1.51 -0.34 -13.06
C LYS A 45 1.93 1.03 -12.56
N SER A 46 2.58 1.05 -11.39
CA SER A 46 3.03 2.30 -10.78
C SER A 46 4.07 2.98 -11.65
N ASN A 47 4.84 2.18 -12.38
CA ASN A 47 5.88 2.70 -13.26
C ASN A 47 7.08 3.20 -12.45
N LEU A 48 7.27 2.62 -11.27
CA LEU A 48 8.38 2.99 -10.41
C LEU A 48 9.42 1.87 -10.31
N PRO A 49 10.66 2.24 -9.96
CA PRO A 49 11.76 1.28 -9.83
C PRO A 49 11.58 0.36 -8.63
N LEU A 50 12.19 -0.82 -8.70
CA LEU A 50 12.10 -1.80 -7.61
C LEU A 50 12.39 -1.15 -6.27
N THR A 51 13.43 -0.32 -6.22
CA THR A 51 13.81 0.37 -5.00
C THR A 51 12.65 1.20 -4.44
N GLU A 52 11.74 1.58 -5.32
CA GLU A 52 10.58 2.38 -4.93
C GLU A 52 9.42 1.48 -4.49
N ILE A 53 9.20 0.41 -5.24
CA ILE A 53 8.13 -0.53 -4.93
C ILE A 53 8.41 -1.28 -3.64
N ASN A 54 9.68 -1.59 -3.41
CA ASN A 54 10.08 -2.31 -2.20
C ASN A 54 9.85 -1.46 -0.96
N LYS A 55 10.40 -0.25 -0.96
CA LYS A 55 10.25 0.67 0.17
C LYS A 55 8.77 1.05 0.36
N ILE A 56 8.09 1.33 -0.74
CA ILE A 56 6.68 1.71 -0.69
C ILE A 56 5.83 0.55 -0.17
N LEU A 57 5.88 -0.57 -0.87
CA LEU A 57 5.11 -1.75 -0.49
C LEU A 57 5.19 -1.98 1.02
N LYS A 58 6.38 -1.80 1.58
CA LYS A 58 6.58 -1.99 3.01
C LYS A 58 5.99 -0.82 3.80
N ASN A 59 6.51 0.38 3.55
CA ASN A 59 6.03 1.56 4.25
C ASN A 59 4.53 1.48 4.50
N LEU A 60 3.76 1.25 3.44
CA LEU A 60 2.31 1.14 3.55
C LEU A 60 1.91 0.14 4.63
N GLU A 61 2.55 -1.03 4.59
CA GLU A 61 2.27 -2.07 5.57
C GLU A 61 2.48 -1.56 6.99
N SER A 62 3.21 -0.46 7.12
CA SER A 62 3.49 0.13 8.42
C SER A 62 2.42 1.14 8.81
N LYS A 63 1.75 1.69 7.80
CA LYS A 63 0.70 2.67 8.03
C LYS A 63 -0.66 1.99 8.16
N LYS A 64 -0.64 0.67 8.33
CA LYS A 64 -1.87 -0.10 8.47
C LYS A 64 -2.75 0.05 7.23
N LEU A 65 -2.12 0.27 6.08
CA LEU A 65 -2.85 0.44 4.82
C LEU A 65 -2.94 -0.88 4.07
N ILE A 66 -1.87 -1.67 4.13
CA ILE A 66 -1.84 -2.95 3.45
C ILE A 66 -1.10 -4.00 4.30
N LYS A 67 -1.05 -5.22 3.79
CA LYS A 67 -0.37 -6.31 4.49
C LYS A 67 0.24 -7.30 3.50
N ALA A 68 1.15 -8.13 3.99
CA ALA A 68 1.82 -9.13 3.15
C ALA A 68 1.13 -10.48 3.25
N VAL A 69 0.60 -10.96 2.14
CA VAL A 69 -0.08 -12.25 2.10
C VAL A 69 0.50 -13.16 1.03
N LYS A 70 0.34 -14.47 1.21
CA LYS A 70 0.85 -15.43 0.25
C LYS A 70 -0.25 -16.42 -0.17
N SER A 71 -0.70 -16.30 -1.41
CA SER A 71 -1.75 -17.17 -1.93
C SER A 71 -1.31 -18.62 -1.89
N VAL A 72 -2.27 -19.52 -1.76
CA VAL A 72 -1.99 -20.96 -1.72
C VAL A 72 -1.00 -21.35 -2.81
N ALA A 73 -1.13 -20.71 -3.98
CA ALA A 73 -0.25 -21.00 -5.10
C ALA A 73 0.78 -19.88 -5.28
N ALA A 74 1.88 -19.96 -4.53
CA ALA A 74 2.93 -18.97 -4.61
C ALA A 74 4.22 -19.49 -3.99
N SER A 75 5.34 -19.25 -4.67
CA SER A 75 6.65 -19.71 -4.19
C SER A 75 7.64 -18.55 -4.14
N LYS A 76 8.41 -18.49 -3.06
CA LYS A 76 9.40 -17.43 -2.89
C LYS A 76 8.87 -16.10 -3.41
N LYS A 77 7.59 -15.85 -3.18
CA LYS A 77 6.96 -14.61 -3.63
C LYS A 77 6.35 -13.85 -2.45
N LYS A 78 5.66 -12.76 -2.75
CA LYS A 78 5.02 -11.94 -1.72
C LYS A 78 3.91 -11.09 -2.30
N VAL A 79 2.67 -11.38 -1.91
CA VAL A 79 1.52 -10.64 -2.40
C VAL A 79 1.14 -9.52 -1.43
N TYR A 80 0.68 -8.40 -1.99
CA TYR A 80 0.28 -7.26 -1.18
C TYR A 80 -1.17 -6.88 -1.45
N MET A 81 -1.97 -6.82 -0.39
CA MET A 81 -3.38 -6.46 -0.53
C MET A 81 -3.78 -5.48 0.57
N LEU A 82 -5.06 -5.08 0.55
CA LEU A 82 -5.58 -4.15 1.54
C LEU A 82 -5.48 -4.73 2.95
N TYR A 83 -5.26 -3.87 3.92
CA TYR A 83 -5.14 -4.29 5.31
C TYR A 83 -6.51 -4.58 5.91
N ASN A 84 -7.40 -3.59 5.84
CA ASN A 84 -8.75 -3.73 6.38
C ASN A 84 -9.54 -4.76 5.57
N LEU A 85 -9.38 -4.73 4.25
CA LEU A 85 -10.08 -5.66 3.37
C LEU A 85 -9.85 -7.10 3.81
N SER A 86 -10.83 -7.96 3.52
CA SER A 86 -10.73 -9.37 3.89
C SER A 86 -10.13 -10.20 2.74
N GLY A 87 -9.07 -10.93 3.05
CA GLY A 87 -8.42 -11.74 2.05
C GLY A 87 -8.47 -13.23 2.39
N PRO A 88 -7.54 -14.00 1.80
CA PRO A 88 -7.47 -15.44 2.03
C PRO A 88 -7.01 -15.78 3.44
N SER A 89 -7.90 -16.39 4.22
CA SER A 89 -7.59 -16.77 5.59
C SER A 89 -8.40 -17.99 6.01
N SER A 90 -7.83 -18.78 6.92
CA SER A 90 -8.50 -19.98 7.40
C SER A 90 -9.80 -19.63 8.12
N GLY A 91 -9.71 -18.76 9.12
CA GLY A 91 -10.89 -18.35 9.86
C GLY A 91 -10.54 -17.50 11.07
N GLY A 1 -37.97 19.62 7.41
CA GLY A 1 -36.97 19.57 8.46
C GLY A 1 -37.22 20.59 9.54
N SER A 2 -37.60 20.11 10.72
CA SER A 2 -37.88 20.98 11.85
C SER A 2 -36.61 21.32 12.62
N SER A 3 -35.88 20.28 13.02
CA SER A 3 -34.64 20.46 13.76
C SER A 3 -33.50 20.85 12.82
N GLY A 4 -32.38 21.28 13.41
CA GLY A 4 -31.24 21.68 12.62
C GLY A 4 -29.92 21.36 13.29
N SER A 5 -29.73 20.09 13.64
CA SER A 5 -28.50 19.66 14.31
C SER A 5 -27.28 20.01 13.47
N SER A 6 -26.10 19.87 14.06
CA SER A 6 -24.85 20.18 13.38
C SER A 6 -24.87 19.66 11.95
N GLY A 7 -24.53 20.53 11.00
CA GLY A 7 -24.52 20.14 9.61
C GLY A 7 -23.38 19.20 9.28
N ASP A 8 -22.23 19.75 8.98
CA ASP A 8 -21.05 18.95 8.65
C ASP A 8 -19.81 19.45 9.39
N SER A 9 -18.83 18.57 9.54
CA SER A 9 -17.60 18.92 10.24
C SER A 9 -16.69 19.75 9.34
N GLN A 10 -15.52 20.10 9.86
CA GLN A 10 -14.56 20.91 9.12
C GLN A 10 -13.44 20.02 8.56
N ASN A 11 -13.16 18.93 9.24
CA ASN A 11 -12.11 18.01 8.81
C ASN A 11 -12.13 16.73 9.65
N ALA A 12 -12.36 15.60 9.00
CA ALA A 12 -12.39 14.31 9.68
C ALA A 12 -10.98 13.75 9.87
N GLY A 13 -10.17 13.85 8.83
CA GLY A 13 -8.81 13.35 8.90
C GLY A 13 -8.49 12.36 7.81
N LYS A 14 -7.96 12.85 6.70
CA LYS A 14 -7.61 12.00 5.57
C LYS A 14 -6.10 11.90 5.41
N MET A 15 -5.63 10.71 5.03
CA MET A 15 -4.20 10.48 4.84
C MET A 15 -3.62 11.45 3.82
N LYS A 16 -2.50 12.07 4.16
CA LYS A 16 -1.84 13.02 3.27
C LYS A 16 -0.37 12.67 3.09
N GLY A 17 -0.05 12.07 1.95
CA GLY A 17 1.32 11.70 1.67
C GLY A 17 2.04 12.72 0.81
N SER A 18 3.00 13.42 1.41
CA SER A 18 3.76 14.45 0.70
C SER A 18 4.19 13.94 -0.68
N ASP A 19 4.38 12.64 -0.78
CA ASP A 19 4.79 12.03 -2.05
C ASP A 19 3.60 11.38 -2.75
N ASN A 20 3.67 11.30 -4.07
CA ASN A 20 2.60 10.72 -4.86
C ASN A 20 2.90 9.24 -5.17
N GLN A 21 4.17 8.92 -5.33
CA GLN A 21 4.59 7.56 -5.63
C GLN A 21 3.92 6.57 -4.68
N GLU A 22 4.03 6.85 -3.38
CA GLU A 22 3.44 5.98 -2.37
C GLU A 22 1.92 5.89 -2.54
N LYS A 23 1.34 6.94 -3.11
CA LYS A 23 -0.10 6.97 -3.35
C LYS A 23 -0.48 6.13 -4.56
N LEU A 24 0.11 6.47 -5.71
CA LEU A 24 -0.17 5.74 -6.95
C LEU A 24 0.00 4.23 -6.74
N VAL A 25 0.88 3.87 -5.82
CA VAL A 25 1.14 2.46 -5.52
C VAL A 25 0.06 1.88 -4.61
N TYR A 26 -0.31 2.64 -3.58
CA TYR A 26 -1.32 2.21 -2.63
C TYR A 26 -2.67 2.01 -3.33
N GLN A 27 -2.88 2.74 -4.42
CA GLN A 27 -4.11 2.66 -5.18
C GLN A 27 -4.11 1.44 -6.10
N ILE A 28 -2.92 1.02 -6.51
CA ILE A 28 -2.78 -0.13 -7.39
C ILE A 28 -2.98 -1.44 -6.63
N ILE A 29 -2.62 -1.43 -5.35
CA ILE A 29 -2.78 -2.61 -4.52
C ILE A 29 -4.23 -2.86 -4.17
N GLU A 30 -4.95 -1.80 -3.84
CA GLU A 30 -6.36 -1.90 -3.49
C GLU A 30 -7.20 -2.29 -4.70
N ASP A 31 -6.67 -2.01 -5.89
CA ASP A 31 -7.37 -2.34 -7.14
C ASP A 31 -7.33 -3.85 -7.40
N ALA A 32 -6.19 -4.47 -7.12
CA ALA A 32 -6.03 -5.90 -7.32
C ALA A 32 -7.13 -6.68 -6.62
N GLY A 33 -7.63 -6.13 -5.52
CA GLY A 33 -8.69 -6.79 -4.77
C GLY A 33 -8.14 -7.79 -3.77
N ASN A 34 -9.04 -8.54 -3.13
CA ASN A 34 -8.64 -9.53 -2.15
C ASN A 34 -7.58 -10.47 -2.71
N LYS A 35 -7.68 -10.77 -4.00
CA LYS A 35 -6.72 -11.64 -4.67
C LYS A 35 -5.30 -11.17 -4.42
N GLY A 36 -5.13 -9.86 -4.22
CA GLY A 36 -3.81 -9.30 -3.98
C GLY A 36 -3.06 -9.02 -5.26
N ILE A 37 -1.81 -8.57 -5.13
CA ILE A 37 -0.98 -8.27 -6.28
C ILE A 37 0.48 -8.60 -6.01
N TRP A 38 1.20 -8.98 -7.06
CA TRP A 38 2.62 -9.32 -6.94
C TRP A 38 3.48 -8.05 -6.94
N SER A 39 4.40 -7.98 -5.97
CA SER A 39 5.29 -6.82 -5.85
C SER A 39 5.69 -6.32 -7.22
N ARG A 40 6.09 -7.23 -8.11
CA ARG A 40 6.50 -6.87 -9.45
C ARG A 40 5.36 -6.20 -10.22
N ASP A 41 4.23 -6.89 -10.31
CA ASP A 41 3.06 -6.36 -11.01
C ASP A 41 2.91 -4.86 -10.74
N VAL A 42 3.36 -4.43 -9.56
CA VAL A 42 3.25 -3.02 -9.20
C VAL A 42 4.26 -2.18 -9.97
N ARG A 43 5.51 -2.61 -9.98
CA ARG A 43 6.56 -1.88 -10.69
C ARG A 43 6.03 -1.32 -12.00
N TYR A 44 5.33 -2.15 -12.77
CA TYR A 44 4.78 -1.73 -14.05
C TYR A 44 3.67 -0.70 -13.86
N LYS A 45 2.67 -1.05 -13.04
CA LYS A 45 1.56 -0.16 -12.77
C LYS A 45 2.06 1.18 -12.24
N SER A 46 2.69 1.15 -11.07
CA SER A 46 3.22 2.36 -10.45
C SER A 46 4.29 3.00 -11.33
N ASN A 47 4.86 2.21 -12.23
CA ASN A 47 5.89 2.69 -13.14
C ASN A 47 7.13 3.14 -12.35
N LEU A 48 7.33 2.54 -11.19
CA LEU A 48 8.47 2.86 -10.34
C LEU A 48 9.44 1.69 -10.26
N PRO A 49 10.71 1.99 -9.95
CA PRO A 49 11.76 0.98 -9.83
C PRO A 49 11.58 0.10 -8.61
N LEU A 50 12.17 -1.10 -8.66
CA LEU A 50 12.07 -2.05 -7.56
C LEU A 50 12.36 -1.36 -6.22
N THR A 51 13.46 -0.62 -6.18
CA THR A 51 13.86 0.09 -4.97
C THR A 51 12.73 0.95 -4.43
N GLU A 52 11.83 1.36 -5.33
CA GLU A 52 10.70 2.19 -4.95
C GLU A 52 9.52 1.34 -4.49
N ILE A 53 9.18 0.33 -5.29
CA ILE A 53 8.08 -0.56 -4.97
C ILE A 53 8.33 -1.30 -3.66
N ASN A 54 9.59 -1.60 -3.39
CA ASN A 54 9.97 -2.30 -2.16
C ASN A 54 9.75 -1.41 -0.95
N LYS A 55 10.34 -0.22 -0.98
CA LYS A 55 10.22 0.73 0.12
C LYS A 55 8.77 1.20 0.27
N ILE A 56 8.10 1.41 -0.86
CA ILE A 56 6.71 1.86 -0.85
C ILE A 56 5.78 0.77 -0.31
N LEU A 57 5.85 -0.42 -0.90
CA LEU A 57 5.03 -1.55 -0.47
C LEU A 57 5.15 -1.77 1.03
N LYS A 58 6.33 -1.49 1.57
CA LYS A 58 6.57 -1.65 3.01
C LYS A 58 5.97 -0.50 3.80
N ASN A 59 6.42 0.71 3.50
CA ASN A 59 5.92 1.90 4.18
C ASN A 59 4.43 1.79 4.48
N LEU A 60 3.69 1.27 3.50
CA LEU A 60 2.25 1.10 3.64
C LEU A 60 1.93 0.05 4.70
N GLU A 61 2.61 -1.09 4.62
CA GLU A 61 2.40 -2.16 5.58
C GLU A 61 2.60 -1.68 7.01
N SER A 62 3.26 -0.53 7.16
CA SER A 62 3.52 0.04 8.47
C SER A 62 2.43 1.02 8.86
N LYS A 63 1.81 1.64 7.86
CA LYS A 63 0.75 2.61 8.11
C LYS A 63 -0.60 1.91 8.20
N LYS A 64 -0.57 0.59 8.37
CA LYS A 64 -1.79 -0.20 8.47
C LYS A 64 -2.68 0.00 7.26
N LEU A 65 -2.06 0.35 6.13
CA LEU A 65 -2.81 0.58 4.90
C LEU A 65 -2.92 -0.70 4.08
N ILE A 66 -1.89 -1.55 4.18
CA ILE A 66 -1.87 -2.82 3.46
C ILE A 66 -1.16 -3.89 4.25
N LYS A 67 -1.00 -5.08 3.65
CA LYS A 67 -0.34 -6.19 4.30
C LYS A 67 0.18 -7.20 3.28
N ALA A 68 1.10 -8.04 3.71
CA ALA A 68 1.66 -9.06 2.83
C ALA A 68 1.02 -10.42 3.06
N VAL A 69 0.51 -11.02 1.99
CA VAL A 69 -0.14 -12.32 2.09
C VAL A 69 0.52 -13.33 1.15
N LYS A 70 1.42 -14.15 1.70
CA LYS A 70 2.12 -15.15 0.91
C LYS A 70 1.28 -16.43 0.80
N SER A 71 0.52 -16.53 -0.29
CA SER A 71 -0.32 -17.69 -0.52
C SER A 71 0.47 -18.80 -1.22
N VAL A 72 -0.11 -20.00 -1.25
CA VAL A 72 0.53 -21.15 -1.87
C VAL A 72 1.21 -20.75 -3.18
N ALA A 73 2.51 -20.48 -3.10
CA ALA A 73 3.28 -20.09 -4.27
C ALA A 73 4.77 -20.15 -3.99
N ALA A 74 5.58 -19.74 -4.97
CA ALA A 74 7.03 -19.75 -4.83
C ALA A 74 7.47 -18.94 -3.61
N SER A 75 8.36 -19.52 -2.82
CA SER A 75 8.86 -18.85 -1.62
C SER A 75 9.53 -17.53 -1.98
N LYS A 76 9.93 -17.39 -3.24
CA LYS A 76 10.58 -16.18 -3.71
C LYS A 76 9.56 -15.20 -4.28
N LYS A 77 8.56 -14.86 -3.49
CA LYS A 77 7.52 -13.93 -3.92
C LYS A 77 6.85 -13.26 -2.72
N LYS A 78 6.01 -12.27 -3.00
CA LYS A 78 5.30 -11.55 -1.94
C LYS A 78 4.10 -10.81 -2.50
N VAL A 79 2.92 -11.13 -1.98
CA VAL A 79 1.68 -10.51 -2.43
C VAL A 79 1.23 -9.42 -1.45
N TYR A 80 0.68 -8.34 -2.00
CA TYR A 80 0.21 -7.23 -1.16
C TYR A 80 -1.25 -6.91 -1.45
N MET A 81 -2.00 -6.60 -0.41
CA MET A 81 -3.41 -6.28 -0.54
C MET A 81 -3.86 -5.33 0.57
N LEU A 82 -5.11 -4.89 0.48
CA LEU A 82 -5.66 -3.97 1.48
C LEU A 82 -5.56 -4.56 2.89
N TYR A 83 -5.19 -3.73 3.85
CA TYR A 83 -5.06 -4.19 5.23
C TYR A 83 -6.42 -4.56 5.81
N ASN A 84 -7.44 -3.79 5.46
CA ASN A 84 -8.79 -4.05 5.95
C ASN A 84 -9.31 -5.38 5.42
N LEU A 85 -8.86 -5.75 4.22
CA LEU A 85 -9.29 -7.00 3.60
C LEU A 85 -8.52 -8.18 4.18
N SER A 86 -9.22 -9.29 4.41
CA SER A 86 -8.60 -10.49 4.96
C SER A 86 -8.38 -11.53 3.87
N GLY A 87 -7.31 -12.31 4.01
CA GLY A 87 -7.01 -13.33 3.03
C GLY A 87 -7.00 -14.72 3.63
N PRO A 88 -6.41 -15.69 2.91
CA PRO A 88 -6.32 -17.08 3.35
C PRO A 88 -5.36 -17.25 4.52
N SER A 89 -5.33 -18.45 5.09
CA SER A 89 -4.46 -18.74 6.22
C SER A 89 -3.01 -18.86 5.76
N SER A 90 -2.24 -17.79 5.95
CA SER A 90 -0.84 -17.77 5.56
C SER A 90 0.06 -17.75 6.79
N GLY A 91 0.79 -18.84 7.00
CA GLY A 91 1.69 -18.93 8.14
C GLY A 91 1.91 -20.35 8.58
N GLY A 1 11.59 40.61 -8.90
CA GLY A 1 10.20 40.81 -8.54
C GLY A 1 10.01 40.94 -7.03
N SER A 2 9.15 41.88 -6.63
CA SER A 2 8.89 42.12 -5.22
C SER A 2 7.68 41.30 -4.75
N SER A 3 6.54 41.55 -5.36
CA SER A 3 5.31 40.85 -5.01
C SER A 3 5.25 39.48 -5.68
N GLY A 4 5.13 38.44 -4.87
CA GLY A 4 5.07 37.08 -5.40
C GLY A 4 4.08 36.21 -4.64
N SER A 5 4.05 34.93 -5.00
CA SER A 5 3.14 33.99 -4.35
C SER A 5 3.52 32.55 -4.69
N SER A 6 2.85 31.60 -4.04
CA SER A 6 3.12 30.18 -4.27
C SER A 6 2.07 29.31 -3.59
N GLY A 7 2.12 28.01 -3.88
CA GLY A 7 1.17 27.10 -3.28
C GLY A 7 -0.19 27.14 -3.95
N ASP A 8 -1.12 26.34 -3.45
CA ASP A 8 -2.47 26.29 -4.01
C ASP A 8 -2.44 25.78 -5.44
N SER A 9 -1.71 24.70 -5.67
CA SER A 9 -1.59 24.11 -7.00
C SER A 9 -2.33 22.78 -7.07
N GLN A 10 -2.05 21.91 -6.11
CA GLN A 10 -2.69 20.59 -6.06
C GLN A 10 -3.19 20.28 -4.66
N ASN A 11 -4.39 19.73 -4.57
CA ASN A 11 -4.98 19.38 -3.28
C ASN A 11 -5.20 17.88 -3.17
N ALA A 12 -4.15 17.16 -2.80
CA ALA A 12 -4.22 15.71 -2.67
C ALA A 12 -4.69 15.32 -1.27
N GLY A 13 -4.23 16.06 -0.25
CA GLY A 13 -4.62 15.78 1.11
C GLY A 13 -3.42 15.63 2.03
N LYS A 14 -3.21 14.42 2.55
CA LYS A 14 -2.10 14.16 3.45
C LYS A 14 -1.17 13.09 2.88
N MET A 15 0.00 13.50 2.42
CA MET A 15 0.98 12.58 1.86
C MET A 15 2.40 13.05 2.13
N LYS A 16 3.31 12.10 2.32
CA LYS A 16 4.70 12.42 2.59
C LYS A 16 5.28 13.29 1.49
N GLY A 17 5.53 14.56 1.82
CA GLY A 17 6.09 15.49 0.84
C GLY A 17 5.18 15.67 -0.35
N SER A 18 5.65 16.43 -1.33
CA SER A 18 4.87 16.70 -2.55
C SER A 18 5.22 15.69 -3.64
N ASP A 19 4.67 14.48 -3.51
CA ASP A 19 4.92 13.42 -4.49
C ASP A 19 3.77 12.43 -4.51
N ASN A 20 3.46 11.92 -5.70
CA ASN A 20 2.37 10.95 -5.86
C ASN A 20 2.92 9.56 -6.19
N GLN A 21 3.92 9.13 -5.43
CA GLN A 21 4.54 7.83 -5.63
C GLN A 21 3.97 6.80 -4.66
N GLU A 22 3.97 7.16 -3.38
CA GLU A 22 3.45 6.26 -2.35
C GLU A 22 1.94 6.11 -2.46
N LYS A 23 1.31 7.03 -3.17
CA LYS A 23 -0.13 7.01 -3.35
C LYS A 23 -0.51 6.24 -4.62
N LEU A 24 0.21 6.51 -5.70
CA LEU A 24 -0.05 5.84 -6.97
C LEU A 24 0.07 4.33 -6.83
N VAL A 25 0.94 3.89 -5.92
CA VAL A 25 1.14 2.47 -5.68
C VAL A 25 0.02 1.89 -4.82
N TYR A 26 -0.39 2.64 -3.81
CA TYR A 26 -1.46 2.19 -2.91
C TYR A 26 -2.75 1.98 -3.68
N GLN A 27 -2.99 2.81 -4.69
CA GLN A 27 -4.20 2.71 -5.50
C GLN A 27 -4.19 1.44 -6.33
N ILE A 28 -3.00 1.00 -6.72
CA ILE A 28 -2.86 -0.21 -7.52
C ILE A 28 -3.09 -1.46 -6.67
N ILE A 29 -2.60 -1.43 -5.44
CA ILE A 29 -2.75 -2.55 -4.52
C ILE A 29 -4.23 -2.80 -4.21
N GLU A 30 -4.90 -1.77 -3.72
CA GLU A 30 -6.32 -1.86 -3.37
C GLU A 30 -7.14 -2.29 -4.58
N ASP A 31 -6.63 -2.00 -5.77
CA ASP A 31 -7.32 -2.36 -7.01
C ASP A 31 -7.32 -3.86 -7.22
N ALA A 32 -6.21 -4.51 -6.87
CA ALA A 32 -6.09 -5.96 -7.02
C ALA A 32 -7.22 -6.69 -6.29
N GLY A 33 -7.58 -6.18 -5.11
CA GLY A 33 -8.64 -6.80 -4.34
C GLY A 33 -8.12 -7.87 -3.39
N ASN A 34 -9.04 -8.58 -2.74
CA ASN A 34 -8.67 -9.63 -1.81
C ASN A 34 -7.54 -10.49 -2.38
N LYS A 35 -7.70 -10.90 -3.64
CA LYS A 35 -6.70 -11.73 -4.30
C LYS A 35 -5.29 -11.18 -4.04
N GLY A 36 -5.16 -9.86 -4.07
CA GLY A 36 -3.86 -9.24 -3.84
C GLY A 36 -3.11 -8.99 -5.13
N ILE A 37 -1.87 -8.53 -5.00
CA ILE A 37 -1.03 -8.24 -6.17
C ILE A 37 0.42 -8.58 -5.89
N TRP A 38 1.17 -8.88 -6.96
CA TRP A 38 2.58 -9.21 -6.83
C TRP A 38 3.45 -7.96 -6.87
N SER A 39 4.35 -7.83 -5.90
CA SER A 39 5.23 -6.68 -5.83
C SER A 39 5.63 -6.22 -7.22
N ARG A 40 6.00 -7.16 -8.08
CA ARG A 40 6.40 -6.85 -9.44
C ARG A 40 5.27 -6.17 -10.20
N ASP A 41 4.15 -6.87 -10.32
CA ASP A 41 2.99 -6.34 -11.04
C ASP A 41 2.84 -4.84 -10.78
N VAL A 42 3.26 -4.40 -9.60
CA VAL A 42 3.16 -2.99 -9.23
C VAL A 42 4.17 -2.16 -10.01
N ARG A 43 5.44 -2.56 -9.94
CA ARG A 43 6.50 -1.84 -10.64
C ARG A 43 6.00 -1.29 -11.98
N TYR A 44 5.36 -2.16 -12.76
CA TYR A 44 4.84 -1.78 -14.07
C TYR A 44 3.73 -0.73 -13.91
N LYS A 45 2.72 -1.06 -13.11
CA LYS A 45 1.60 -0.15 -12.87
C LYS A 45 2.09 1.20 -12.36
N SER A 46 2.71 1.18 -11.18
CA SER A 46 3.23 2.41 -10.57
C SER A 46 4.30 3.04 -11.45
N ASN A 47 4.96 2.22 -12.25
CA ASN A 47 6.02 2.69 -13.14
C ASN A 47 7.24 3.15 -12.34
N LEU A 48 7.44 2.55 -11.18
CA LEU A 48 8.56 2.89 -10.32
C LEU A 48 9.55 1.73 -10.24
N PRO A 49 10.81 2.06 -9.92
CA PRO A 49 11.88 1.07 -9.79
C PRO A 49 11.70 0.17 -8.58
N LEU A 50 12.32 -1.00 -8.61
CA LEU A 50 12.23 -1.96 -7.52
C LEU A 50 12.51 -1.28 -6.19
N THR A 51 13.57 -0.49 -6.14
CA THR A 51 13.95 0.22 -4.93
C THR A 51 12.80 1.08 -4.41
N GLU A 52 11.88 1.43 -5.30
CA GLU A 52 10.73 2.24 -4.93
C GLU A 52 9.56 1.38 -4.48
N ILE A 53 9.27 0.34 -5.26
CA ILE A 53 8.18 -0.57 -4.94
C ILE A 53 8.45 -1.33 -3.64
N ASN A 54 9.74 -1.47 -3.31
CA ASN A 54 10.13 -2.18 -2.09
C ASN A 54 9.88 -1.32 -0.86
N LYS A 55 10.38 -0.09 -0.89
CA LYS A 55 10.21 0.84 0.23
C LYS A 55 8.75 1.26 0.36
N ILE A 56 8.07 1.40 -0.77
CA ILE A 56 6.67 1.80 -0.78
C ILE A 56 5.78 0.67 -0.28
N LEU A 57 5.90 -0.50 -0.90
CA LEU A 57 5.11 -1.66 -0.52
C LEU A 57 5.15 -1.88 0.99
N LYS A 58 6.34 -1.77 1.56
CA LYS A 58 6.52 -1.94 3.00
C LYS A 58 5.93 -0.77 3.77
N ASN A 59 6.49 0.42 3.54
CA ASN A 59 6.02 1.63 4.21
C ASN A 59 4.51 1.58 4.43
N LEU A 60 3.78 1.16 3.40
CA LEU A 60 2.33 1.07 3.46
C LEU A 60 1.91 0.06 4.52
N GLU A 61 2.55 -1.10 4.52
CA GLU A 61 2.24 -2.16 5.48
C GLU A 61 2.38 -1.64 6.92
N SER A 62 3.12 -0.55 7.07
CA SER A 62 3.34 0.04 8.40
C SER A 62 2.24 1.04 8.73
N LYS A 63 1.66 1.65 7.70
CA LYS A 63 0.60 2.63 7.89
C LYS A 63 -0.76 1.94 7.98
N LYS A 64 -0.75 0.63 8.18
CA LYS A 64 -1.98 -0.15 8.29
C LYS A 64 -2.84 0.03 7.04
N LEU A 65 -2.20 0.27 5.91
CA LEU A 65 -2.90 0.45 4.64
C LEU A 65 -3.00 -0.86 3.88
N ILE A 66 -1.92 -1.64 3.90
CA ILE A 66 -1.88 -2.93 3.22
C ILE A 66 -1.19 -3.98 4.06
N LYS A 67 -1.06 -5.18 3.51
CA LYS A 67 -0.41 -6.28 4.21
C LYS A 67 0.22 -7.26 3.22
N ALA A 68 1.03 -8.19 3.75
CA ALA A 68 1.70 -9.18 2.91
C ALA A 68 1.09 -10.56 3.12
N VAL A 69 0.59 -11.15 2.05
CA VAL A 69 -0.02 -12.47 2.10
C VAL A 69 0.64 -13.42 1.10
N LYS A 70 0.72 -14.69 1.48
CA LYS A 70 1.32 -15.71 0.61
C LYS A 70 0.26 -16.69 0.11
N SER A 71 0.06 -16.70 -1.20
CA SER A 71 -0.92 -17.58 -1.82
C SER A 71 -0.31 -18.94 -2.12
N VAL A 72 -1.11 -19.99 -1.95
CA VAL A 72 -0.65 -21.35 -2.20
C VAL A 72 -0.06 -21.48 -3.61
N ALA A 73 1.19 -21.94 -3.68
CA ALA A 73 1.86 -22.11 -4.96
C ALA A 73 3.21 -22.80 -4.78
N ALA A 74 3.83 -23.19 -5.90
CA ALA A 74 5.12 -23.85 -5.86
C ALA A 74 6.26 -22.87 -6.07
N SER A 75 6.15 -21.69 -5.45
CA SER A 75 7.16 -20.66 -5.57
C SER A 75 7.21 -19.79 -4.32
N LYS A 76 8.09 -18.79 -4.33
CA LYS A 76 8.23 -17.89 -3.19
C LYS A 76 8.02 -16.44 -3.62
N LYS A 77 6.75 -16.06 -3.76
CA LYS A 77 6.41 -14.69 -4.17
C LYS A 77 5.90 -13.89 -2.97
N LYS A 78 5.64 -12.61 -3.21
CA LYS A 78 5.14 -11.73 -2.16
C LYS A 78 3.92 -10.94 -2.63
N VAL A 79 2.74 -11.33 -2.15
CA VAL A 79 1.50 -10.66 -2.51
C VAL A 79 1.13 -9.59 -1.50
N TYR A 80 0.57 -8.49 -1.99
CA TYR A 80 0.17 -7.39 -1.13
C TYR A 80 -1.30 -7.03 -1.34
N MET A 81 -1.96 -6.55 -0.29
CA MET A 81 -3.36 -6.17 -0.36
C MET A 81 -3.74 -5.28 0.81
N LEU A 82 -4.94 -4.70 0.75
CA LEU A 82 -5.43 -3.84 1.81
C LEU A 82 -5.23 -4.48 3.18
N TYR A 83 -4.88 -3.66 4.16
CA TYR A 83 -4.66 -4.14 5.52
C TYR A 83 -5.96 -4.63 6.15
N ASN A 84 -7.03 -3.85 5.96
CA ASN A 84 -8.33 -4.21 6.50
C ASN A 84 -8.82 -5.54 5.94
N LEU A 85 -8.50 -5.79 4.67
CA LEU A 85 -8.91 -7.03 4.01
C LEU A 85 -8.13 -8.22 4.57
N SER A 86 -8.80 -9.37 4.67
CA SER A 86 -8.16 -10.57 5.19
C SER A 86 -7.47 -11.35 4.07
N GLY A 87 -8.22 -11.62 3.00
CA GLY A 87 -7.66 -12.35 1.87
C GLY A 87 -8.12 -13.80 1.84
N PRO A 88 -7.35 -14.66 1.16
CA PRO A 88 -7.66 -16.08 1.04
C PRO A 88 -7.50 -16.83 2.35
N SER A 89 -8.53 -16.80 3.18
CA SER A 89 -8.49 -17.47 4.47
C SER A 89 -8.41 -18.98 4.29
N SER A 90 -7.38 -19.58 4.88
CA SER A 90 -7.18 -21.02 4.79
C SER A 90 -6.97 -21.63 6.17
N GLY A 91 -8.07 -21.90 6.86
CA GLY A 91 -8.00 -22.48 8.19
C GLY A 91 -8.87 -23.72 8.34
N GLY A 1 25.37 16.79 21.79
CA GLY A 1 24.06 16.37 22.25
C GLY A 1 23.15 15.98 21.09
N SER A 2 22.14 15.15 21.39
CA SER A 2 21.21 14.69 20.37
C SER A 2 19.83 15.29 20.59
N SER A 3 19.25 15.01 21.76
CA SER A 3 17.93 15.52 22.10
C SER A 3 16.87 14.92 21.18
N GLY A 4 16.99 13.62 20.92
CA GLY A 4 16.02 12.96 20.06
C GLY A 4 15.08 12.06 20.83
N SER A 5 13.94 11.75 20.23
CA SER A 5 12.94 10.89 20.87
C SER A 5 12.39 9.87 19.89
N SER A 6 11.60 8.93 20.41
CA SER A 6 11.00 7.90 19.58
C SER A 6 9.58 7.59 20.03
N GLY A 7 8.82 6.92 19.16
CA GLY A 7 7.45 6.58 19.48
C GLY A 7 6.63 6.20 18.26
N ASP A 8 5.90 5.11 18.37
CA ASP A 8 5.07 4.63 17.25
C ASP A 8 3.64 4.38 17.71
N SER A 9 2.71 4.40 16.76
CA SER A 9 1.30 4.17 17.08
C SER A 9 0.71 3.09 16.16
N GLN A 10 -0.32 2.42 16.65
CA GLN A 10 -0.98 1.37 15.88
C GLN A 10 -2.31 1.85 15.31
N ASN A 11 -3.08 2.53 16.14
CA ASN A 11 -4.38 3.05 15.72
C ASN A 11 -4.29 4.55 15.38
N ALA A 12 -4.01 4.84 14.11
CA ALA A 12 -3.89 6.22 13.66
C ALA A 12 -5.15 6.66 12.91
N GLY A 13 -5.65 5.78 12.06
CA GLY A 13 -6.85 6.09 11.28
C GLY A 13 -6.56 7.05 10.14
N LYS A 14 -6.06 8.23 10.49
CA LYS A 14 -5.74 9.25 9.50
C LYS A 14 -4.39 8.97 8.85
N MET A 15 -4.37 8.98 7.52
CA MET A 15 -3.13 8.74 6.77
C MET A 15 -2.68 9.99 6.03
N LYS A 16 -1.37 10.12 5.84
CA LYS A 16 -0.82 11.27 5.13
C LYS A 16 0.06 10.83 3.97
N GLY A 17 0.36 11.77 3.08
CA GLY A 17 1.19 11.45 1.93
C GLY A 17 1.75 12.69 1.26
N SER A 18 3.06 12.87 1.35
CA SER A 18 3.72 14.02 0.75
C SER A 18 4.05 13.77 -0.72
N ASP A 19 4.35 12.51 -1.03
CA ASP A 19 4.69 12.12 -2.40
C ASP A 19 3.54 11.35 -3.05
N ASN A 20 3.46 11.43 -4.37
CA ASN A 20 2.40 10.73 -5.10
C ASN A 20 2.76 9.26 -5.31
N GLN A 21 4.05 9.00 -5.54
CA GLN A 21 4.53 7.64 -5.76
C GLN A 21 3.85 6.66 -4.79
N GLU A 22 3.95 6.97 -3.50
CA GLU A 22 3.35 6.12 -2.47
C GLU A 22 1.85 5.97 -2.70
N LYS A 23 1.23 7.02 -3.22
CA LYS A 23 -0.21 7.01 -3.47
C LYS A 23 -0.53 6.14 -4.69
N LEU A 24 0.02 6.52 -5.84
CA LEU A 24 -0.21 5.77 -7.08
C LEU A 24 -0.08 4.27 -6.84
N VAL A 25 0.89 3.90 -6.01
CA VAL A 25 1.12 2.49 -5.70
C VAL A 25 -0.01 1.92 -4.86
N TYR A 26 -0.33 2.59 -3.76
CA TYR A 26 -1.39 2.15 -2.87
C TYR A 26 -2.72 2.02 -3.63
N GLN A 27 -2.90 2.86 -4.64
CA GLN A 27 -4.11 2.85 -5.44
C GLN A 27 -4.15 1.61 -6.34
N ILE A 28 -2.98 1.14 -6.74
CA ILE A 28 -2.88 -0.04 -7.60
C ILE A 28 -3.08 -1.32 -6.80
N ILE A 29 -2.66 -1.30 -5.53
CA ILE A 29 -2.80 -2.45 -4.66
C ILE A 29 -4.26 -2.73 -4.34
N GLU A 30 -4.95 -1.70 -3.84
CA GLU A 30 -6.35 -1.83 -3.48
C GLU A 30 -7.18 -2.30 -4.68
N ASP A 31 -6.75 -1.91 -5.87
CA ASP A 31 -7.45 -2.30 -7.10
C ASP A 31 -7.36 -3.80 -7.32
N ALA A 32 -6.23 -4.38 -6.93
CA ALA A 32 -6.03 -5.82 -7.09
C ALA A 32 -7.17 -6.62 -6.46
N GLY A 33 -7.67 -6.13 -5.33
CA GLY A 33 -8.76 -6.80 -4.65
C GLY A 33 -8.27 -7.92 -3.75
N ASN A 34 -9.22 -8.65 -3.17
CA ASN A 34 -8.88 -9.76 -2.28
C ASN A 34 -7.72 -10.57 -2.83
N LYS A 35 -7.78 -10.87 -4.12
CA LYS A 35 -6.73 -11.65 -4.78
C LYS A 35 -5.34 -11.09 -4.42
N GLY A 36 -5.23 -9.77 -4.36
CA GLY A 36 -3.97 -9.14 -4.04
C GLY A 36 -3.17 -8.76 -5.27
N ILE A 37 -1.90 -8.45 -5.08
CA ILE A 37 -1.03 -8.05 -6.18
C ILE A 37 0.43 -8.39 -5.87
N TRP A 38 1.13 -8.87 -6.89
CA TRP A 38 2.55 -9.23 -6.74
C TRP A 38 3.43 -7.99 -6.82
N SER A 39 4.33 -7.84 -5.85
CA SER A 39 5.23 -6.69 -5.82
C SER A 39 5.63 -6.28 -7.23
N ARG A 40 5.93 -7.27 -8.07
CA ARG A 40 6.32 -7.01 -9.45
C ARG A 40 5.26 -6.20 -10.18
N ASP A 41 4.04 -6.72 -10.20
CA ASP A 41 2.93 -6.04 -10.86
C ASP A 41 2.98 -4.53 -10.61
N VAL A 42 3.33 -4.16 -9.39
CA VAL A 42 3.41 -2.75 -9.00
C VAL A 42 4.44 -2.02 -9.87
N ARG A 43 5.66 -2.55 -9.91
CA ARG A 43 6.73 -1.95 -10.69
C ARG A 43 6.19 -1.39 -12.01
N TYR A 44 5.31 -2.15 -12.65
CA TYR A 44 4.72 -1.74 -13.92
C TYR A 44 3.58 -0.75 -13.69
N LYS A 45 2.58 -1.16 -12.93
CA LYS A 45 1.43 -0.32 -12.63
C LYS A 45 1.88 1.05 -12.14
N SER A 46 2.60 1.06 -11.02
CA SER A 46 3.09 2.31 -10.43
C SER A 46 4.17 2.93 -11.30
N ASN A 47 4.79 2.11 -12.14
CA ASN A 47 5.85 2.57 -13.03
C ASN A 47 7.06 3.04 -12.24
N LEU A 48 7.25 2.44 -11.06
CA LEU A 48 8.38 2.79 -10.19
C LEU A 48 9.40 1.66 -10.17
N PRO A 49 10.65 2.02 -9.81
CA PRO A 49 11.75 1.05 -9.73
C PRO A 49 11.58 0.08 -8.57
N LEU A 50 12.18 -1.10 -8.68
CA LEU A 50 12.11 -2.11 -7.64
C LEU A 50 12.38 -1.51 -6.27
N THR A 51 13.43 -0.70 -6.17
CA THR A 51 13.80 -0.06 -4.93
C THR A 51 12.65 0.81 -4.40
N GLU A 52 11.81 1.28 -5.31
CA GLU A 52 10.67 2.11 -4.94
C GLU A 52 9.49 1.26 -4.51
N ILE A 53 9.26 0.17 -5.23
CA ILE A 53 8.15 -0.73 -4.93
C ILE A 53 8.36 -1.43 -3.59
N ASN A 54 9.62 -1.73 -3.28
CA ASN A 54 9.96 -2.39 -2.04
C ASN A 54 9.71 -1.49 -0.83
N LYS A 55 10.23 -0.27 -0.91
CA LYS A 55 10.07 0.70 0.17
C LYS A 55 8.61 1.10 0.32
N ILE A 56 7.93 1.31 -0.80
CA ILE A 56 6.52 1.68 -0.79
C ILE A 56 5.66 0.56 -0.23
N LEU A 57 5.73 -0.61 -0.87
CA LEU A 57 4.95 -1.76 -0.44
C LEU A 57 5.07 -1.96 1.07
N LYS A 58 6.28 -1.75 1.60
CA LYS A 58 6.52 -1.91 3.02
C LYS A 58 5.96 -0.72 3.81
N ASN A 59 6.46 0.47 3.51
CA ASN A 59 6.00 1.67 4.19
C ASN A 59 4.51 1.60 4.49
N LEU A 60 3.73 1.22 3.48
CA LEU A 60 2.28 1.11 3.64
C LEU A 60 1.93 0.06 4.70
N GLU A 61 2.54 -1.11 4.59
CA GLU A 61 2.29 -2.20 5.53
C GLU A 61 2.45 -1.71 6.97
N SER A 62 3.13 -0.58 7.14
CA SER A 62 3.35 -0.01 8.47
C SER A 62 2.24 0.97 8.82
N LYS A 63 1.74 1.67 7.82
CA LYS A 63 0.67 2.65 8.01
C LYS A 63 -0.68 1.96 8.12
N LYS A 64 -0.66 0.63 8.27
CA LYS A 64 -1.89 -0.14 8.38
C LYS A 64 -2.77 0.04 7.15
N LEU A 65 -2.12 0.29 6.01
CA LEU A 65 -2.85 0.48 4.75
C LEU A 65 -2.94 -0.83 3.97
N ILE A 66 -1.89 -1.63 4.05
CA ILE A 66 -1.85 -2.92 3.35
C ILE A 66 -1.11 -3.97 4.18
N LYS A 67 -0.99 -5.16 3.62
CA LYS A 67 -0.30 -6.26 4.30
C LYS A 67 0.33 -7.21 3.29
N ALA A 68 1.26 -8.03 3.75
CA ALA A 68 1.94 -8.99 2.89
C ALA A 68 1.33 -10.38 3.04
N VAL A 69 0.95 -10.98 1.92
CA VAL A 69 0.36 -12.31 1.92
C VAL A 69 1.10 -13.25 0.98
N LYS A 70 1.03 -14.55 1.26
CA LYS A 70 1.69 -15.55 0.44
C LYS A 70 0.70 -16.61 -0.04
N SER A 71 0.59 -16.75 -1.35
CA SER A 71 -0.33 -17.73 -1.94
C SER A 71 0.14 -19.15 -1.65
N VAL A 72 -0.79 -20.10 -1.77
CA VAL A 72 -0.48 -21.50 -1.53
C VAL A 72 0.77 -21.94 -2.29
N ALA A 73 0.98 -21.32 -3.45
CA ALA A 73 2.13 -21.65 -4.28
C ALA A 73 3.43 -21.56 -3.48
N ALA A 74 4.22 -22.61 -3.54
CA ALA A 74 5.49 -22.66 -2.81
C ALA A 74 6.61 -22.02 -3.64
N SER A 75 6.93 -20.77 -3.32
CA SER A 75 7.98 -20.05 -4.03
C SER A 75 8.27 -18.71 -3.35
N LYS A 76 9.45 -18.17 -3.62
CA LYS A 76 9.85 -16.88 -3.04
C LYS A 76 9.07 -15.73 -3.66
N LYS A 77 7.83 -15.56 -3.22
CA LYS A 77 6.99 -14.48 -3.73
C LYS A 77 6.42 -13.64 -2.60
N LYS A 78 6.17 -12.37 -2.87
CA LYS A 78 5.62 -11.46 -1.88
C LYS A 78 4.42 -10.70 -2.43
N VAL A 79 3.23 -11.07 -1.97
CA VAL A 79 2.00 -10.41 -2.42
C VAL A 79 1.53 -9.36 -1.41
N TYR A 80 0.82 -8.36 -1.91
CA TYR A 80 0.32 -7.28 -1.06
C TYR A 80 -1.14 -6.98 -1.38
N MET A 81 -1.88 -6.55 -0.36
CA MET A 81 -3.29 -6.21 -0.53
C MET A 81 -3.77 -5.30 0.60
N LEU A 82 -5.02 -4.85 0.49
CA LEU A 82 -5.60 -3.97 1.49
C LEU A 82 -5.50 -4.60 2.88
N TYR A 83 -5.16 -3.78 3.87
CA TYR A 83 -5.03 -4.25 5.25
C TYR A 83 -6.41 -4.55 5.85
N ASN A 84 -7.42 -3.85 5.36
CA ASN A 84 -8.77 -4.03 5.85
C ASN A 84 -9.30 -5.43 5.52
N LEU A 85 -8.94 -5.92 4.34
CA LEU A 85 -9.36 -7.25 3.91
C LEU A 85 -8.83 -8.32 4.85
N SER A 86 -9.41 -9.52 4.76
CA SER A 86 -8.99 -10.63 5.61
C SER A 86 -8.01 -11.54 4.88
N GLY A 87 -7.29 -12.35 5.64
CA GLY A 87 -6.32 -13.25 5.05
C GLY A 87 -6.65 -14.71 5.30
N PRO A 88 -5.87 -15.62 4.69
CA PRO A 88 -6.08 -17.06 4.85
C PRO A 88 -5.74 -17.56 6.25
N SER A 89 -5.26 -16.65 7.09
CA SER A 89 -4.90 -16.99 8.46
C SER A 89 -6.01 -17.79 9.13
N SER A 90 -5.84 -19.11 9.16
CA SER A 90 -6.83 -19.99 9.78
C SER A 90 -6.66 -20.04 11.28
N GLY A 91 -7.64 -19.50 12.00
CA GLY A 91 -7.59 -19.49 13.45
C GLY A 91 -6.26 -18.98 13.98
N GLY A 1 10.08 33.07 23.87
CA GLY A 1 10.35 33.00 22.45
C GLY A 1 9.09 33.02 21.62
N SER A 2 9.18 32.56 20.37
CA SER A 2 8.03 32.54 19.47
C SER A 2 8.29 31.63 18.27
N SER A 3 7.24 31.33 17.52
CA SER A 3 7.35 30.47 16.36
C SER A 3 6.06 30.46 15.55
N GLY A 4 6.18 30.74 14.25
CA GLY A 4 5.01 30.75 13.40
C GLY A 4 4.69 29.40 12.80
N SER A 5 3.43 29.18 12.45
CA SER A 5 2.99 27.92 11.88
C SER A 5 1.59 28.04 11.29
N SER A 6 1.51 28.05 9.96
CA SER A 6 0.23 28.16 9.27
C SER A 6 -0.74 27.07 9.74
N GLY A 7 -1.99 27.17 9.30
CA GLY A 7 -2.99 26.19 9.68
C GLY A 7 -3.55 25.44 8.49
N ASP A 8 -2.67 25.00 7.60
CA ASP A 8 -3.08 24.26 6.41
C ASP A 8 -2.93 22.76 6.63
N SER A 9 -3.78 21.99 5.95
CA SER A 9 -3.75 20.54 6.07
C SER A 9 -4.08 20.09 7.49
N GLN A 10 -5.09 20.72 8.08
CA GLN A 10 -5.50 20.41 9.44
C GLN A 10 -6.52 19.26 9.44
N ASN A 11 -6.07 18.08 9.82
CA ASN A 11 -6.93 16.91 9.86
C ASN A 11 -7.94 16.92 8.72
N ALA A 12 -7.46 17.29 7.52
CA ALA A 12 -8.32 17.35 6.35
C ALA A 12 -8.64 15.95 5.83
N GLY A 13 -7.62 15.10 5.78
CA GLY A 13 -7.81 13.75 5.31
C GLY A 13 -7.10 13.49 3.99
N LYS A 14 -5.88 13.98 3.88
CA LYS A 14 -5.08 13.80 2.66
C LYS A 14 -3.83 12.99 2.95
N MET A 15 -3.39 12.21 1.96
CA MET A 15 -2.20 11.38 2.11
C MET A 15 -1.08 12.16 2.78
N LYS A 16 -0.32 11.48 3.63
CA LYS A 16 0.79 12.11 4.34
C LYS A 16 2.11 11.83 3.63
N GLY A 17 2.75 12.90 3.15
CA GLY A 17 4.02 12.74 2.47
C GLY A 17 4.34 13.93 1.58
N SER A 18 5.35 13.78 0.72
CA SER A 18 5.77 14.85 -0.17
C SER A 18 5.55 14.45 -1.62
N ASP A 19 6.17 13.33 -2.02
CA ASP A 19 6.04 12.84 -3.39
C ASP A 19 4.69 12.18 -3.60
N ASN A 20 4.38 11.89 -4.87
CA ASN A 20 3.11 11.26 -5.21
C ASN A 20 3.34 9.85 -5.77
N GLN A 21 4.28 9.13 -5.17
CA GLN A 21 4.59 7.78 -5.61
C GLN A 21 3.91 6.75 -4.71
N GLU A 22 3.92 7.00 -3.41
CA GLU A 22 3.29 6.10 -2.45
C GLU A 22 1.78 6.08 -2.62
N LYS A 23 1.23 7.14 -3.18
CA LYS A 23 -0.21 7.25 -3.40
C LYS A 23 -0.60 6.50 -4.68
N LEU A 24 0.27 6.53 -5.67
CA LEU A 24 0.00 5.86 -6.94
C LEU A 24 0.10 4.35 -6.79
N VAL A 25 0.96 3.90 -5.89
CA VAL A 25 1.14 2.48 -5.64
C VAL A 25 -0.02 1.91 -4.83
N TYR A 26 -0.40 2.63 -3.78
CA TYR A 26 -1.50 2.20 -2.92
C TYR A 26 -2.79 2.04 -3.72
N GLN A 27 -3.00 2.95 -4.66
CA GLN A 27 -4.21 2.91 -5.48
C GLN A 27 -4.25 1.63 -6.31
N ILE A 28 -3.10 1.21 -6.80
CA ILE A 28 -3.00 -0.01 -7.60
C ILE A 28 -3.22 -1.26 -6.74
N ILE A 29 -2.75 -1.21 -5.51
CA ILE A 29 -2.89 -2.33 -4.58
C ILE A 29 -4.37 -2.60 -4.28
N GLU A 30 -5.10 -1.55 -3.94
CA GLU A 30 -6.52 -1.68 -3.63
C GLU A 30 -7.31 -2.15 -4.85
N ASP A 31 -6.77 -1.87 -6.03
CA ASP A 31 -7.42 -2.26 -7.28
C ASP A 31 -7.38 -3.78 -7.45
N ALA A 32 -6.27 -4.39 -7.06
CA ALA A 32 -6.10 -5.82 -7.18
C ALA A 32 -7.25 -6.57 -6.52
N GLY A 33 -7.72 -6.05 -5.40
CA GLY A 33 -8.83 -6.68 -4.68
C GLY A 33 -8.35 -7.67 -3.64
N ASN A 34 -9.30 -8.29 -2.94
CA ASN A 34 -8.97 -9.26 -1.91
C ASN A 34 -7.89 -10.23 -2.39
N LYS A 35 -7.93 -10.56 -3.68
CA LYS A 35 -6.97 -11.47 -4.27
C LYS A 35 -5.53 -11.02 -3.94
N GLY A 36 -5.28 -9.73 -4.09
CA GLY A 36 -3.96 -9.20 -3.81
C GLY A 36 -3.17 -8.89 -5.08
N ILE A 37 -1.92 -8.50 -4.91
CA ILE A 37 -1.06 -8.18 -6.05
C ILE A 37 0.40 -8.51 -5.75
N TRP A 38 1.15 -8.82 -6.80
CA TRP A 38 2.56 -9.16 -6.65
C TRP A 38 3.45 -7.92 -6.80
N SER A 39 4.32 -7.70 -5.83
CA SER A 39 5.21 -6.54 -5.86
C SER A 39 5.72 -6.28 -7.28
N ARG A 40 6.00 -7.36 -8.01
CA ARG A 40 6.49 -7.24 -9.37
C ARG A 40 5.45 -6.57 -10.27
N ASP A 41 4.20 -6.94 -10.08
CA ASP A 41 3.11 -6.37 -10.88
C ASP A 41 3.04 -4.85 -10.70
N VAL A 42 3.21 -4.40 -9.46
CA VAL A 42 3.17 -2.97 -9.15
C VAL A 42 4.24 -2.21 -9.95
N ARG A 43 5.47 -2.71 -9.90
CA ARG A 43 6.57 -2.08 -10.62
C ARG A 43 6.09 -1.48 -11.94
N TYR A 44 5.30 -2.26 -12.67
CA TYR A 44 4.79 -1.82 -13.96
C TYR A 44 3.68 -0.79 -13.77
N LYS A 45 2.65 -1.16 -13.02
CA LYS A 45 1.53 -0.27 -12.76
C LYS A 45 2.00 1.05 -12.17
N SER A 46 2.60 0.98 -10.99
CA SER A 46 3.11 2.17 -10.32
C SER A 46 4.17 2.87 -11.16
N ASN A 47 4.69 2.16 -12.15
CA ASN A 47 5.72 2.70 -13.03
C ASN A 47 6.91 3.19 -12.22
N LEU A 48 7.24 2.47 -11.15
CA LEU A 48 8.36 2.84 -10.30
C LEU A 48 9.39 1.70 -10.24
N PRO A 49 10.64 2.06 -9.91
CA PRO A 49 11.73 1.09 -9.81
C PRO A 49 11.57 0.15 -8.62
N LEU A 50 12.18 -1.03 -8.71
CA LEU A 50 12.11 -2.02 -7.64
C LEU A 50 12.38 -1.37 -6.29
N THR A 51 13.45 -0.59 -6.21
CA THR A 51 13.82 0.08 -4.98
C THR A 51 12.68 0.96 -4.46
N GLU A 52 11.81 1.38 -5.36
CA GLU A 52 10.67 2.22 -5.00
C GLU A 52 9.49 1.36 -4.55
N ILE A 53 9.26 0.26 -5.25
CA ILE A 53 8.16 -0.64 -4.93
C ILE A 53 8.39 -1.33 -3.59
N ASN A 54 9.66 -1.60 -3.28
CA ASN A 54 10.01 -2.24 -2.02
C ASN A 54 9.75 -1.33 -0.84
N LYS A 55 10.33 -0.13 -0.88
CA LYS A 55 10.17 0.85 0.19
C LYS A 55 8.71 1.28 0.30
N ILE A 56 8.05 1.41 -0.84
CA ILE A 56 6.64 1.81 -0.85
C ILE A 56 5.75 0.71 -0.30
N LEU A 57 5.85 -0.48 -0.88
CA LEU A 57 5.05 -1.62 -0.44
C LEU A 57 5.17 -1.82 1.07
N LYS A 58 6.36 -1.57 1.60
CA LYS A 58 6.62 -1.73 3.02
C LYS A 58 5.93 -0.61 3.82
N ASN A 59 6.33 0.62 3.56
CA ASN A 59 5.75 1.78 4.24
C ASN A 59 4.27 1.56 4.53
N LEU A 60 3.51 1.26 3.48
CA LEU A 60 2.08 1.02 3.61
C LEU A 60 1.80 -0.08 4.62
N GLU A 61 2.55 -1.18 4.51
CA GLU A 61 2.38 -2.31 5.42
C GLU A 61 2.59 -1.87 6.86
N SER A 62 3.32 -0.79 7.05
CA SER A 62 3.60 -0.28 8.39
C SER A 62 2.61 0.81 8.77
N LYS A 63 2.03 1.47 7.77
CA LYS A 63 1.06 2.52 7.99
C LYS A 63 -0.35 1.96 8.09
N LYS A 64 -0.45 0.66 8.38
CA LYS A 64 -1.74 0.00 8.51
C LYS A 64 -2.61 0.25 7.28
N LEU A 65 -2.00 0.15 6.10
CA LEU A 65 -2.72 0.36 4.85
C LEU A 65 -2.81 -0.92 4.04
N ILE A 66 -1.80 -1.77 4.17
CA ILE A 66 -1.77 -3.03 3.46
C ILE A 66 -1.06 -4.12 4.27
N LYS A 67 -0.91 -5.30 3.68
CA LYS A 67 -0.25 -6.41 4.35
C LYS A 67 0.29 -7.42 3.33
N ALA A 68 1.15 -8.31 3.79
CA ALA A 68 1.73 -9.33 2.93
C ALA A 68 0.93 -10.62 3.00
N VAL A 69 0.54 -11.15 1.84
CA VAL A 69 -0.22 -12.39 1.77
C VAL A 69 0.46 -13.40 0.87
N LYS A 70 0.17 -14.68 1.09
CA LYS A 70 0.75 -15.75 0.29
C LYS A 70 -0.34 -16.60 -0.36
N SER A 71 -0.10 -17.01 -1.60
CA SER A 71 -1.06 -17.82 -2.34
C SER A 71 -0.60 -19.28 -2.41
N VAL A 72 -1.50 -20.16 -2.83
CA VAL A 72 -1.18 -21.57 -2.95
C VAL A 72 -0.19 -21.82 -4.07
N ALA A 73 -0.28 -21.02 -5.13
CA ALA A 73 0.61 -21.14 -6.27
C ALA A 73 2.00 -21.60 -5.84
N ALA A 74 2.72 -20.72 -5.16
CA ALA A 74 4.06 -21.04 -4.69
C ALA A 74 4.50 -20.09 -3.58
N SER A 75 5.64 -20.37 -2.97
CA SER A 75 6.16 -19.54 -1.90
C SER A 75 7.46 -18.85 -2.31
N LYS A 76 7.47 -18.30 -3.51
CA LYS A 76 8.64 -17.62 -4.04
C LYS A 76 8.29 -16.20 -4.51
N LYS A 77 7.58 -15.47 -3.67
CA LYS A 77 7.17 -14.11 -3.98
C LYS A 77 6.58 -13.41 -2.76
N LYS A 78 6.28 -12.13 -2.91
CA LYS A 78 5.70 -11.35 -1.81
C LYS A 78 4.48 -10.55 -2.30
N VAL A 79 3.29 -11.10 -2.06
CA VAL A 79 2.06 -10.44 -2.46
C VAL A 79 1.59 -9.45 -1.40
N TYR A 80 0.97 -8.36 -1.84
CA TYR A 80 0.47 -7.34 -0.93
C TYR A 80 -0.99 -7.00 -1.23
N MET A 81 -1.73 -6.62 -0.19
CA MET A 81 -3.13 -6.26 -0.35
C MET A 81 -3.58 -5.35 0.79
N LEU A 82 -4.77 -4.76 0.63
CA LEU A 82 -5.31 -3.86 1.64
C LEU A 82 -5.29 -4.52 3.02
N TYR A 83 -4.91 -3.75 4.03
CA TYR A 83 -4.84 -4.25 5.40
C TYR A 83 -6.24 -4.38 6.01
N ASN A 84 -7.15 -3.52 5.54
CA ASN A 84 -8.52 -3.54 6.04
C ASN A 84 -9.23 -4.82 5.65
N LEU A 85 -8.99 -5.28 4.42
CA LEU A 85 -9.61 -6.50 3.92
C LEU A 85 -9.30 -7.68 4.84
N SER A 86 -10.31 -8.51 5.09
CA SER A 86 -10.15 -9.67 5.95
C SER A 86 -9.15 -10.66 5.35
N GLY A 87 -9.33 -10.97 4.07
CA GLY A 87 -8.45 -11.90 3.40
C GLY A 87 -9.20 -12.96 2.62
N PRO A 88 -8.46 -13.94 2.09
CA PRO A 88 -9.04 -15.04 1.31
C PRO A 88 -9.87 -15.99 2.17
N SER A 89 -9.94 -15.70 3.46
CA SER A 89 -10.70 -16.53 4.40
C SER A 89 -12.16 -16.62 3.97
N SER A 90 -12.52 -17.73 3.34
CA SER A 90 -13.89 -17.94 2.89
C SER A 90 -14.73 -18.60 3.97
N GLY A 91 -16.03 -18.31 3.96
CA GLY A 91 -16.93 -18.88 4.95
C GLY A 91 -17.09 -20.38 4.79
N GLY A 1 0.32 48.04 7.99
CA GLY A 1 0.05 47.95 9.42
C GLY A 1 -0.13 46.52 9.88
N SER A 2 -0.64 46.36 11.10
CA SER A 2 -0.85 45.03 11.66
C SER A 2 -2.31 44.86 12.10
N SER A 3 -3.10 44.22 11.24
CA SER A 3 -4.51 43.99 11.53
C SER A 3 -4.67 42.98 12.66
N GLY A 4 -3.99 41.86 12.55
CA GLY A 4 -4.06 40.83 13.58
C GLY A 4 -4.87 39.63 13.12
N SER A 5 -4.32 38.86 12.19
CA SER A 5 -5.00 37.68 11.68
C SER A 5 -4.35 36.40 12.21
N SER A 6 -4.92 35.85 13.28
CA SER A 6 -4.39 34.64 13.88
C SER A 6 -5.40 33.49 13.77
N GLY A 7 -4.92 32.34 13.30
CA GLY A 7 -5.80 31.19 13.14
C GLY A 7 -5.67 30.56 11.78
N ASP A 8 -4.44 30.27 11.36
CA ASP A 8 -4.20 29.67 10.06
C ASP A 8 -3.88 28.18 10.21
N SER A 9 -4.90 27.35 10.16
CA SER A 9 -4.74 25.90 10.29
C SER A 9 -6.05 25.18 10.05
N GLN A 10 -6.01 24.19 9.15
CA GLN A 10 -7.21 23.42 8.83
C GLN A 10 -6.86 21.94 8.61
N ASN A 11 -7.71 21.07 9.13
CA ASN A 11 -7.49 19.63 9.00
C ASN A 11 -8.76 18.93 8.54
N ALA A 12 -8.77 18.53 7.27
CA ALA A 12 -9.92 17.84 6.70
C ALA A 12 -9.63 16.36 6.48
N GLY A 13 -8.45 16.07 5.95
CA GLY A 13 -8.06 14.70 5.71
C GLY A 13 -7.32 14.52 4.39
N LYS A 14 -6.21 15.21 4.25
CA LYS A 14 -5.41 15.13 3.03
C LYS A 14 -4.04 14.52 3.30
N MET A 15 -3.61 13.62 2.43
CA MET A 15 -2.32 12.96 2.58
C MET A 15 -1.22 13.97 2.89
N LYS A 16 -0.04 13.48 3.24
CA LYS A 16 1.09 14.35 3.55
C LYS A 16 2.28 14.04 2.64
N GLY A 17 2.87 15.09 2.07
CA GLY A 17 4.00 14.91 1.19
C GLY A 17 3.77 15.51 -0.18
N SER A 18 4.85 15.68 -0.95
CA SER A 18 4.76 16.26 -2.28
C SER A 18 4.70 15.16 -3.33
N ASP A 19 5.74 14.32 -3.37
CA ASP A 19 5.81 13.23 -4.33
C ASP A 19 4.53 12.40 -4.31
N ASN A 20 4.18 11.83 -5.45
CA ASN A 20 2.98 11.00 -5.56
C ASN A 20 3.34 9.58 -5.96
N GLN A 21 4.25 8.97 -5.22
CA GLN A 21 4.68 7.60 -5.51
C GLN A 21 3.99 6.61 -4.57
N GLU A 22 4.05 6.90 -3.28
CA GLU A 22 3.44 6.03 -2.27
C GLU A 22 1.92 6.06 -2.40
N LYS A 23 1.40 7.10 -3.03
CA LYS A 23 -0.04 7.25 -3.22
C LYS A 23 -0.50 6.53 -4.48
N LEU A 24 0.36 6.53 -5.51
CA LEU A 24 0.03 5.90 -6.77
C LEU A 24 0.11 4.37 -6.65
N VAL A 25 0.93 3.91 -5.71
CA VAL A 25 1.09 2.47 -5.48
C VAL A 25 -0.04 1.91 -4.64
N TYR A 26 -0.43 2.66 -3.60
CA TYR A 26 -1.50 2.24 -2.71
C TYR A 26 -2.83 2.13 -3.46
N GLN A 27 -2.92 2.86 -4.58
CA GLN A 27 -4.14 2.84 -5.39
C GLN A 27 -4.14 1.65 -6.34
N ILE A 28 -2.95 1.17 -6.68
CA ILE A 28 -2.82 0.03 -7.58
C ILE A 28 -3.02 -1.29 -6.85
N ILE A 29 -2.67 -1.30 -5.57
CA ILE A 29 -2.83 -2.50 -4.74
C ILE A 29 -4.29 -2.78 -4.44
N GLU A 30 -5.00 -1.74 -4.00
CA GLU A 30 -6.42 -1.87 -3.67
C GLU A 30 -7.22 -2.30 -4.89
N ASP A 31 -6.69 -2.01 -6.07
CA ASP A 31 -7.36 -2.37 -7.32
C ASP A 31 -7.34 -3.88 -7.54
N ALA A 32 -6.23 -4.51 -7.17
CA ALA A 32 -6.08 -5.96 -7.32
C ALA A 32 -7.22 -6.69 -6.64
N GLY A 33 -7.70 -6.14 -5.54
CA GLY A 33 -8.80 -6.76 -4.82
C GLY A 33 -8.32 -7.77 -3.79
N ASN A 34 -9.25 -8.49 -3.18
CA ASN A 34 -8.91 -9.49 -2.18
C ASN A 34 -7.80 -10.42 -2.67
N LYS A 35 -7.83 -10.70 -3.97
CA LYS A 35 -6.82 -11.58 -4.57
C LYS A 35 -5.42 -11.04 -4.32
N GLY A 36 -5.30 -9.71 -4.24
CA GLY A 36 -4.01 -9.09 -4.01
C GLY A 36 -3.21 -8.94 -5.28
N ILE A 37 -1.96 -8.50 -5.14
CA ILE A 37 -1.08 -8.30 -6.28
C ILE A 37 0.37 -8.63 -5.93
N TRP A 38 1.16 -8.92 -6.96
CA TRP A 38 2.57 -9.25 -6.76
C TRP A 38 3.44 -8.00 -6.77
N SER A 39 4.44 -7.96 -5.91
CA SER A 39 5.34 -6.81 -5.83
C SER A 39 5.70 -6.31 -7.22
N ARG A 40 6.25 -7.19 -8.04
CA ARG A 40 6.65 -6.84 -9.40
C ARG A 40 5.50 -6.19 -10.14
N ASP A 41 4.41 -6.93 -10.32
CA ASP A 41 3.23 -6.42 -11.02
C ASP A 41 3.05 -4.94 -10.75
N VAL A 42 3.32 -4.53 -9.51
CA VAL A 42 3.17 -3.13 -9.11
C VAL A 42 4.13 -2.24 -9.90
N ARG A 43 5.41 -2.60 -9.89
CA ARG A 43 6.42 -1.82 -10.61
C ARG A 43 5.85 -1.22 -11.89
N TYR A 44 5.37 -2.09 -12.77
CA TYR A 44 4.79 -1.65 -14.03
C TYR A 44 3.67 -0.64 -13.80
N LYS A 45 2.72 -1.01 -12.95
CA LYS A 45 1.59 -0.14 -12.64
C LYS A 45 2.07 1.22 -12.15
N SER A 46 2.78 1.23 -11.02
CA SER A 46 3.29 2.46 -10.45
C SER A 46 4.39 3.05 -11.32
N ASN A 47 4.85 2.26 -12.29
CA ASN A 47 5.90 2.70 -13.19
C ASN A 47 7.15 3.11 -12.41
N LEU A 48 7.32 2.54 -11.23
CA LEU A 48 8.46 2.84 -10.38
C LEU A 48 9.42 1.66 -10.32
N PRO A 49 10.69 1.94 -10.02
CA PRO A 49 11.73 0.90 -9.91
C PRO A 49 11.54 0.00 -8.71
N LEU A 50 12.11 -1.20 -8.78
CA LEU A 50 12.00 -2.16 -7.69
C LEU A 50 12.32 -1.51 -6.34
N THR A 51 13.41 -0.75 -6.31
CA THR A 51 13.83 -0.08 -5.09
C THR A 51 12.74 0.84 -4.57
N GLU A 52 11.85 1.27 -5.46
CA GLU A 52 10.76 2.16 -5.09
C GLU A 52 9.54 1.36 -4.63
N ILE A 53 9.25 0.27 -5.34
CA ILE A 53 8.12 -0.58 -5.01
C ILE A 53 8.34 -1.31 -3.69
N ASN A 54 9.61 -1.59 -3.39
CA ASN A 54 9.97 -2.29 -2.16
C ASN A 54 9.79 -1.37 -0.95
N LYS A 55 10.40 -0.20 -1.01
CA LYS A 55 10.31 0.77 0.09
C LYS A 55 8.89 1.29 0.23
N ILE A 56 8.21 1.47 -0.90
CA ILE A 56 6.84 1.96 -0.89
C ILE A 56 5.87 0.91 -0.34
N LEU A 57 5.91 -0.28 -0.93
CA LEU A 57 5.04 -1.37 -0.49
C LEU A 57 5.14 -1.57 1.01
N LYS A 58 6.36 -1.50 1.55
CA LYS A 58 6.58 -1.67 2.97
C LYS A 58 5.93 -0.53 3.76
N ASN A 59 6.36 0.70 3.49
CA ASN A 59 5.81 1.86 4.18
C ASN A 59 4.33 1.69 4.46
N LEU A 60 3.58 1.31 3.43
CA LEU A 60 2.14 1.12 3.58
C LEU A 60 1.84 0.08 4.66
N GLU A 61 2.55 -1.05 4.61
CA GLU A 61 2.36 -2.12 5.59
C GLU A 61 2.55 -1.59 7.01
N SER A 62 3.17 -0.42 7.12
CA SER A 62 3.42 0.19 8.42
C SER A 62 2.27 1.11 8.82
N LYS A 63 1.56 1.62 7.83
CA LYS A 63 0.43 2.52 8.07
C LYS A 63 -0.87 1.73 8.17
N LYS A 64 -0.76 0.42 8.30
CA LYS A 64 -1.92 -0.45 8.41
C LYS A 64 -2.81 -0.31 7.18
N LEU A 65 -2.22 0.07 6.06
CA LEU A 65 -2.96 0.24 4.81
C LEU A 65 -3.02 -1.07 4.03
N ILE A 66 -1.96 -1.86 4.15
CA ILE A 66 -1.88 -3.15 3.46
C ILE A 66 -1.14 -4.19 4.29
N LYS A 67 -0.93 -5.36 3.72
CA LYS A 67 -0.22 -6.44 4.40
C LYS A 67 0.29 -7.47 3.40
N ALA A 68 1.30 -8.24 3.83
CA ALA A 68 1.88 -9.26 2.97
C ALA A 68 1.23 -10.61 3.21
N VAL A 69 0.69 -11.20 2.14
CA VAL A 69 0.03 -12.50 2.22
C VAL A 69 0.62 -13.48 1.23
N LYS A 70 0.64 -14.76 1.61
CA LYS A 70 1.18 -15.80 0.73
C LYS A 70 0.11 -16.84 0.41
N SER A 71 -0.54 -16.68 -0.73
CA SER A 71 -1.58 -17.61 -1.16
C SER A 71 -0.98 -18.85 -1.79
N VAL A 72 -1.75 -19.94 -1.80
CA VAL A 72 -1.29 -21.20 -2.39
C VAL A 72 -0.42 -20.95 -3.61
N ALA A 73 0.77 -21.52 -3.61
CA ALA A 73 1.70 -21.37 -4.73
C ALA A 73 2.91 -22.30 -4.57
N ALA A 74 3.33 -22.89 -5.69
CA ALA A 74 4.47 -23.80 -5.68
C ALA A 74 5.78 -23.04 -5.83
N SER A 75 5.87 -21.87 -5.20
CA SER A 75 7.07 -21.04 -5.28
C SER A 75 6.99 -19.88 -4.29
N LYS A 76 8.15 -19.40 -3.86
CA LYS A 76 8.22 -18.30 -2.91
C LYS A 76 7.75 -16.99 -3.56
N LYS A 77 6.74 -16.37 -2.95
CA LYS A 77 6.21 -15.12 -3.47
C LYS A 77 5.62 -14.27 -2.34
N LYS A 78 5.21 -13.05 -2.67
CA LYS A 78 4.64 -12.15 -1.70
C LYS A 78 3.58 -11.25 -2.34
N VAL A 79 2.35 -11.34 -1.83
CA VAL A 79 1.24 -10.54 -2.34
C VAL A 79 0.86 -9.43 -1.37
N TYR A 80 0.68 -8.22 -1.89
CA TYR A 80 0.31 -7.07 -1.06
C TYR A 80 -1.12 -6.64 -1.34
N MET A 81 -1.98 -6.81 -0.35
CA MET A 81 -3.39 -6.44 -0.50
C MET A 81 -3.83 -5.52 0.65
N LEU A 82 -5.07 -5.05 0.59
CA LEU A 82 -5.60 -4.16 1.62
C LEU A 82 -5.51 -4.81 2.99
N TYR A 83 -5.12 -4.02 3.98
CA TYR A 83 -5.00 -4.52 5.35
C TYR A 83 -6.37 -4.78 5.97
N ASN A 84 -7.37 -4.04 5.50
CA ASN A 84 -8.73 -4.20 6.01
C ASN A 84 -9.25 -5.60 5.73
N LEU A 85 -8.93 -6.13 4.55
CA LEU A 85 -9.38 -7.47 4.17
C LEU A 85 -9.03 -8.49 5.25
N SER A 86 -9.68 -9.64 5.20
CA SER A 86 -9.44 -10.69 6.17
C SER A 86 -8.82 -11.92 5.50
N GLY A 87 -7.89 -11.69 4.60
CA GLY A 87 -7.24 -12.78 3.90
C GLY A 87 -8.09 -13.35 2.78
N PRO A 88 -7.46 -14.08 1.86
CA PRO A 88 -8.15 -14.70 0.72
C PRO A 88 -9.07 -15.84 1.15
N SER A 89 -9.85 -16.34 0.20
CA SER A 89 -10.78 -17.44 0.48
C SER A 89 -10.31 -18.72 -0.18
N SER A 90 -10.59 -19.85 0.46
CA SER A 90 -10.20 -21.16 -0.06
C SER A 90 -10.85 -21.41 -1.42
N GLY A 91 -10.01 -21.66 -2.42
CA GLY A 91 -10.53 -21.93 -3.76
C GLY A 91 -9.42 -22.16 -4.77
N GLY A 1 -14.90 45.68 16.72
CA GLY A 1 -14.91 44.24 16.89
C GLY A 1 -14.35 43.52 15.69
N SER A 2 -13.44 42.56 15.94
CA SER A 2 -12.82 41.79 14.87
C SER A 2 -12.49 40.39 15.34
N SER A 3 -12.98 39.39 14.60
CA SER A 3 -12.73 37.99 14.96
C SER A 3 -12.88 37.10 13.72
N GLY A 4 -12.34 35.89 13.81
CA GLY A 4 -12.41 34.96 12.70
C GLY A 4 -11.32 33.90 12.75
N SER A 5 -11.70 32.64 12.56
CA SER A 5 -10.74 31.55 12.58
C SER A 5 -11.38 30.27 12.03
N SER A 6 -10.53 29.35 11.58
CA SER A 6 -11.00 28.09 11.02
C SER A 6 -9.91 27.02 11.12
N GLY A 7 -10.31 25.77 10.89
CA GLY A 7 -9.36 24.67 10.94
C GLY A 7 -9.42 23.92 12.27
N ASP A 8 -10.09 22.77 12.26
CA ASP A 8 -10.22 21.97 13.46
C ASP A 8 -9.85 20.51 13.18
N SER A 9 -8.61 20.14 13.51
CA SER A 9 -8.14 18.78 13.28
C SER A 9 -7.28 18.31 14.46
N GLN A 10 -7.62 17.13 14.98
CA GLN A 10 -6.88 16.56 16.11
C GLN A 10 -6.08 15.35 15.67
N ASN A 11 -5.60 15.37 14.44
CA ASN A 11 -4.82 14.26 13.90
C ASN A 11 -3.38 14.32 14.40
N ALA A 12 -2.62 13.26 14.14
CA ALA A 12 -1.23 13.20 14.56
C ALA A 12 -0.30 13.69 13.46
N GLY A 13 -0.57 13.27 12.23
CA GLY A 13 0.26 13.67 11.11
C GLY A 13 -0.28 13.18 9.78
N LYS A 14 0.09 13.87 8.71
CA LYS A 14 -0.36 13.49 7.37
C LYS A 14 0.80 12.95 6.54
N MET A 15 0.66 11.72 6.05
CA MET A 15 1.69 11.10 5.24
C MET A 15 1.81 11.79 3.89
N LYS A 16 2.94 11.57 3.21
CA LYS A 16 3.17 12.18 1.90
C LYS A 16 4.02 11.27 1.02
N GLY A 17 3.73 11.28 -0.28
CA GLY A 17 4.48 10.44 -1.20
C GLY A 17 5.07 11.24 -2.35
N SER A 18 6.33 11.64 -2.21
CA SER A 18 7.01 12.41 -3.25
C SER A 18 6.61 11.91 -4.64
N ASP A 19 6.30 12.85 -5.53
CA ASP A 19 5.91 12.52 -6.89
C ASP A 19 4.75 11.52 -6.90
N ASN A 20 3.79 11.73 -6.00
CA ASN A 20 2.63 10.86 -5.90
C ASN A 20 3.02 9.42 -6.19
N GLN A 21 4.05 8.93 -5.51
CA GLN A 21 4.51 7.56 -5.70
C GLN A 21 3.82 6.61 -4.74
N GLU A 22 4.00 6.86 -3.43
CA GLU A 22 3.39 6.02 -2.41
C GLU A 22 1.89 5.87 -2.64
N LYS A 23 1.28 6.91 -3.21
CA LYS A 23 -0.15 6.90 -3.49
C LYS A 23 -0.46 6.04 -4.72
N LEU A 24 0.11 6.40 -5.85
CA LEU A 24 -0.10 5.67 -7.09
C LEU A 24 0.05 4.16 -6.86
N VAL A 25 0.92 3.81 -5.92
CA VAL A 25 1.16 2.41 -5.60
C VAL A 25 0.02 1.83 -4.78
N TYR A 26 -0.35 2.53 -3.72
CA TYR A 26 -1.44 2.08 -2.85
C TYR A 26 -2.73 1.90 -3.63
N GLN A 27 -2.93 2.77 -4.63
CA GLN A 27 -4.13 2.71 -5.46
C GLN A 27 -4.13 1.45 -6.34
N ILE A 28 -2.94 1.02 -6.73
CA ILE A 28 -2.80 -0.18 -7.56
C ILE A 28 -3.01 -1.45 -6.74
N ILE A 29 -2.60 -1.41 -5.48
CA ILE A 29 -2.74 -2.55 -4.59
C ILE A 29 -4.21 -2.81 -4.26
N GLU A 30 -4.88 -1.80 -3.72
CA GLU A 30 -6.29 -1.92 -3.35
C GLU A 30 -7.13 -2.28 -4.57
N ASP A 31 -6.71 -1.83 -5.73
CA ASP A 31 -7.43 -2.11 -6.98
C ASP A 31 -7.44 -3.60 -7.26
N ALA A 32 -6.33 -4.27 -6.96
CA ALA A 32 -6.21 -5.70 -7.19
C ALA A 32 -7.37 -6.46 -6.54
N GLY A 33 -7.77 -6.03 -5.35
CA GLY A 33 -8.86 -6.67 -4.64
C GLY A 33 -8.37 -7.72 -3.66
N ASN A 34 -9.29 -8.56 -3.19
CA ASN A 34 -8.95 -9.61 -2.24
C ASN A 34 -7.79 -10.45 -2.75
N LYS A 35 -7.86 -10.84 -4.03
CA LYS A 35 -6.81 -11.64 -4.63
C LYS A 35 -5.43 -11.07 -4.35
N GLY A 36 -5.34 -9.74 -4.33
CA GLY A 36 -4.07 -9.09 -4.05
C GLY A 36 -3.25 -8.87 -5.31
N ILE A 37 -2.03 -8.38 -5.13
CA ILE A 37 -1.14 -8.12 -6.26
C ILE A 37 0.30 -8.51 -5.93
N TRP A 38 1.10 -8.72 -6.97
CA TRP A 38 2.50 -9.10 -6.79
C TRP A 38 3.40 -7.87 -6.82
N SER A 39 4.28 -7.75 -5.83
CA SER A 39 5.19 -6.62 -5.76
C SER A 39 5.61 -6.17 -7.15
N ARG A 40 6.09 -7.11 -7.96
CA ARG A 40 6.53 -6.81 -9.31
C ARG A 40 5.40 -6.16 -10.12
N ASP A 41 4.28 -6.87 -10.23
CA ASP A 41 3.13 -6.36 -10.97
C ASP A 41 2.98 -4.86 -10.80
N VAL A 42 3.28 -4.37 -9.59
CA VAL A 42 3.18 -2.95 -9.29
C VAL A 42 4.21 -2.15 -10.09
N ARG A 43 5.47 -2.56 -9.99
CA ARG A 43 6.55 -1.88 -10.70
C ARG A 43 6.07 -1.35 -12.05
N TYR A 44 5.44 -2.23 -12.82
CA TYR A 44 4.93 -1.85 -14.14
C TYR A 44 3.80 -0.83 -14.01
N LYS A 45 2.78 -1.19 -13.24
CA LYS A 45 1.63 -0.32 -13.03
C LYS A 45 2.08 1.06 -12.55
N SER A 46 2.68 1.09 -11.37
CA SER A 46 3.16 2.35 -10.79
C SER A 46 4.23 2.98 -11.67
N ASN A 47 4.93 2.14 -12.43
CA ASN A 47 5.98 2.62 -13.32
C ASN A 47 7.19 3.09 -12.51
N LEU A 48 7.34 2.56 -11.31
CA LEU A 48 8.45 2.93 -10.43
C LEU A 48 9.46 1.80 -10.33
N PRO A 49 10.71 2.13 -9.98
CA PRO A 49 11.79 1.15 -9.84
C PRO A 49 11.60 0.25 -8.64
N LEU A 50 12.18 -0.94 -8.69
CA LEU A 50 12.08 -1.90 -7.59
C LEU A 50 12.38 -1.24 -6.25
N THR A 51 13.45 -0.46 -6.22
CA THR A 51 13.85 0.24 -5.00
C THR A 51 12.72 1.10 -4.46
N GLU A 52 11.82 1.51 -5.35
CA GLU A 52 10.68 2.34 -4.97
C GLU A 52 9.51 1.49 -4.50
N ILE A 53 9.24 0.41 -5.25
CA ILE A 53 8.14 -0.50 -4.90
C ILE A 53 8.40 -1.20 -3.58
N ASN A 54 9.66 -1.59 -3.36
CA ASN A 54 10.04 -2.28 -2.13
C ASN A 54 9.83 -1.38 -0.91
N LYS A 55 10.38 -0.17 -0.98
CA LYS A 55 10.25 0.79 0.10
C LYS A 55 8.79 1.20 0.32
N ILE A 56 8.09 1.41 -0.79
CA ILE A 56 6.68 1.80 -0.74
C ILE A 56 5.82 0.68 -0.16
N LEU A 57 5.87 -0.48 -0.80
CA LEU A 57 5.09 -1.63 -0.34
C LEU A 57 5.20 -1.80 1.17
N LYS A 58 6.40 -1.60 1.69
CA LYS A 58 6.64 -1.72 3.13
C LYS A 58 5.93 -0.61 3.89
N ASN A 59 6.35 0.63 3.67
CA ASN A 59 5.75 1.77 4.33
C ASN A 59 4.25 1.56 4.54
N LEU A 60 3.56 1.20 3.47
CA LEU A 60 2.12 0.97 3.54
C LEU A 60 1.79 -0.11 4.57
N GLU A 61 2.59 -1.17 4.60
CA GLU A 61 2.38 -2.26 5.54
C GLU A 61 2.57 -1.79 6.97
N SER A 62 3.33 -0.71 7.14
CA SER A 62 3.59 -0.16 8.46
C SER A 62 2.55 0.90 8.82
N LYS A 63 1.96 1.50 7.80
CA LYS A 63 0.94 2.54 8.01
C LYS A 63 -0.45 1.92 8.06
N LYS A 64 -0.52 0.63 8.35
CA LYS A 64 -1.79 -0.08 8.42
C LYS A 64 -2.63 0.17 7.18
N LEU A 65 -1.96 0.21 6.03
CA LEU A 65 -2.64 0.45 4.76
C LEU A 65 -2.73 -0.85 3.94
N ILE A 66 -1.71 -1.69 4.09
CA ILE A 66 -1.66 -2.95 3.36
C ILE A 66 -0.96 -4.04 4.19
N LYS A 67 -0.90 -5.24 3.64
CA LYS A 67 -0.27 -6.36 4.32
C LYS A 67 0.28 -7.37 3.31
N ALA A 68 1.15 -8.26 3.78
CA ALA A 68 1.73 -9.28 2.93
C ALA A 68 1.05 -10.63 3.14
N VAL A 69 0.51 -11.18 2.06
CA VAL A 69 -0.18 -12.47 2.12
C VAL A 69 0.39 -13.44 1.09
N LYS A 70 0.46 -14.72 1.47
CA LYS A 70 0.98 -15.75 0.58
C LYS A 70 -0.14 -16.68 0.11
N SER A 71 -0.49 -16.57 -1.16
CA SER A 71 -1.54 -17.40 -1.74
C SER A 71 -1.05 -18.83 -1.98
N VAL A 72 -1.98 -19.75 -2.18
CA VAL A 72 -1.64 -21.15 -2.43
C VAL A 72 -0.56 -21.26 -3.50
N ALA A 73 0.62 -21.71 -3.10
CA ALA A 73 1.73 -21.88 -4.02
C ALA A 73 2.92 -22.55 -3.34
N ALA A 74 3.79 -23.16 -4.14
CA ALA A 74 4.97 -23.83 -3.61
C ALA A 74 6.16 -22.88 -3.55
N SER A 75 6.50 -22.29 -4.69
CA SER A 75 7.63 -21.36 -4.76
C SER A 75 7.44 -20.20 -3.80
N LYS A 76 8.48 -19.39 -3.65
CA LYS A 76 8.44 -18.24 -2.75
C LYS A 76 7.88 -17.01 -3.47
N LYS A 77 6.90 -16.36 -2.83
CA LYS A 77 6.28 -15.18 -3.41
C LYS A 77 5.83 -14.21 -2.31
N LYS A 78 5.33 -13.06 -2.72
CA LYS A 78 4.86 -12.05 -1.77
C LYS A 78 3.76 -11.20 -2.38
N VAL A 79 2.56 -11.30 -1.84
CA VAL A 79 1.41 -10.53 -2.33
C VAL A 79 1.04 -9.43 -1.36
N TYR A 80 0.72 -8.26 -1.90
CA TYR A 80 0.34 -7.11 -1.07
C TYR A 80 -1.10 -6.69 -1.37
N MET A 81 -1.93 -6.65 -0.33
CA MET A 81 -3.32 -6.25 -0.48
C MET A 81 -3.72 -5.27 0.62
N LEU A 82 -4.97 -4.81 0.57
CA LEU A 82 -5.48 -3.87 1.56
C LEU A 82 -5.38 -4.46 2.97
N TYR A 83 -5.02 -3.61 3.93
CA TYR A 83 -4.89 -4.04 5.32
C TYR A 83 -6.24 -4.44 5.89
N ASN A 84 -7.30 -3.76 5.45
CA ASN A 84 -8.65 -4.06 5.92
C ASN A 84 -9.05 -5.48 5.57
N LEU A 85 -8.67 -5.92 4.38
CA LEU A 85 -9.00 -7.27 3.93
C LEU A 85 -8.43 -8.32 4.88
N SER A 86 -9.27 -9.28 5.25
CA SER A 86 -8.86 -10.34 6.17
C SER A 86 -7.74 -11.18 5.56
N GLY A 87 -7.15 -12.06 6.37
CA GLY A 87 -6.08 -12.90 5.89
C GLY A 87 -5.97 -14.20 6.67
N PRO A 88 -5.24 -15.17 6.11
CA PRO A 88 -5.05 -16.48 6.74
C PRO A 88 -4.17 -16.40 7.98
N SER A 89 -4.06 -17.51 8.71
CA SER A 89 -3.25 -17.57 9.91
C SER A 89 -1.76 -17.53 9.58
N SER A 90 -1.02 -16.67 10.27
CA SER A 90 0.41 -16.53 10.04
C SER A 90 1.10 -17.89 10.12
N GLY A 91 1.80 -18.25 9.06
CA GLY A 91 2.51 -19.52 9.03
C GLY A 91 3.88 -19.42 8.38
N GLY A 1 -13.53 19.80 6.48
CA GLY A 1 -14.62 19.22 7.24
C GLY A 1 -14.15 18.10 8.14
N SER A 2 -14.84 17.92 9.26
CA SER A 2 -14.49 16.87 10.21
C SER A 2 -15.73 16.38 10.97
N SER A 3 -15.69 15.13 11.41
CA SER A 3 -16.81 14.55 12.14
C SER A 3 -17.12 15.36 13.40
N GLY A 4 -18.17 14.96 14.10
CA GLY A 4 -18.56 15.66 15.31
C GLY A 4 -17.36 16.17 16.10
N SER A 5 -17.19 17.48 16.12
CA SER A 5 -16.07 18.09 16.84
C SER A 5 -16.19 19.62 16.82
N SER A 6 -15.28 20.28 17.54
CA SER A 6 -15.28 21.74 17.61
C SER A 6 -15.05 22.34 16.23
N GLY A 7 -13.96 21.92 15.58
CA GLY A 7 -13.65 22.44 14.25
C GLY A 7 -12.17 22.71 14.08
N ASP A 8 -11.40 21.66 13.82
CA ASP A 8 -9.95 21.79 13.64
C ASP A 8 -9.46 20.81 12.59
N SER A 9 -8.23 21.02 12.13
CA SER A 9 -7.63 20.15 11.11
C SER A 9 -6.11 20.29 11.11
N GLN A 10 -5.42 19.20 10.79
CA GLN A 10 -3.97 19.20 10.74
C GLN A 10 -3.46 19.59 9.37
N ASN A 11 -2.41 20.40 9.34
CA ASN A 11 -1.83 20.87 8.08
C ASN A 11 -0.85 19.84 7.52
N ALA A 12 -1.26 18.58 7.52
CA ALA A 12 -0.43 17.50 7.02
C ALA A 12 -0.56 17.36 5.50
N GLY A 13 -1.79 17.48 5.01
CA GLY A 13 -2.02 17.36 3.58
C GLY A 13 -2.60 16.01 3.19
N LYS A 14 -2.51 15.67 1.91
CA LYS A 14 -3.01 14.41 1.42
C LYS A 14 -2.03 13.27 1.70
N MET A 15 -2.57 12.11 2.06
CA MET A 15 -1.75 10.95 2.36
C MET A 15 -0.74 11.26 3.47
N LYS A 16 -1.20 11.99 4.48
CA LYS A 16 -0.35 12.37 5.60
C LYS A 16 0.98 12.92 5.11
N GLY A 17 0.92 13.93 4.23
CA GLY A 17 2.12 14.53 3.70
C GLY A 17 3.05 13.51 3.08
N SER A 18 2.57 12.84 2.03
CA SER A 18 3.38 11.83 1.35
C SER A 18 3.46 12.13 -0.15
N ASP A 19 4.46 11.55 -0.80
CA ASP A 19 4.66 11.75 -2.23
C ASP A 19 3.68 10.91 -3.05
N ASN A 20 3.17 11.48 -4.13
CA ASN A 20 2.23 10.78 -4.99
C ASN A 20 2.68 9.35 -5.24
N GLN A 21 3.99 9.16 -5.39
CA GLN A 21 4.54 7.84 -5.64
C GLN A 21 3.95 6.81 -4.68
N GLU A 22 3.92 7.15 -3.39
CA GLU A 22 3.38 6.26 -2.38
C GLU A 22 1.88 6.05 -2.59
N LYS A 23 1.23 7.04 -3.20
CA LYS A 23 -0.20 6.96 -3.46
C LYS A 23 -0.50 6.07 -4.66
N LEU A 24 0.04 6.43 -5.82
CA LEU A 24 -0.16 5.66 -7.04
C LEU A 24 -0.05 4.17 -6.76
N VAL A 25 0.89 3.80 -5.90
CA VAL A 25 1.09 2.40 -5.55
C VAL A 25 -0.04 1.89 -4.66
N TYR A 26 -0.40 2.66 -3.65
CA TYR A 26 -1.46 2.29 -2.73
C TYR A 26 -2.78 2.10 -3.47
N GLN A 27 -2.93 2.81 -4.59
CA GLN A 27 -4.14 2.71 -5.39
C GLN A 27 -4.15 1.45 -6.23
N ILE A 28 -3.00 1.14 -6.84
CA ILE A 28 -2.87 -0.05 -7.67
C ILE A 28 -3.07 -1.31 -6.85
N ILE A 29 -2.57 -1.30 -5.62
CA ILE A 29 -2.70 -2.45 -4.73
C ILE A 29 -4.15 -2.75 -4.41
N GLU A 30 -4.84 -1.76 -3.83
CA GLU A 30 -6.24 -1.92 -3.48
C GLU A 30 -7.05 -2.39 -4.68
N ASP A 31 -6.58 -2.08 -5.87
CA ASP A 31 -7.26 -2.46 -7.10
C ASP A 31 -7.27 -3.99 -7.26
N ALA A 32 -6.14 -4.62 -6.95
CA ALA A 32 -6.02 -6.06 -7.05
C ALA A 32 -7.13 -6.76 -6.27
N GLY A 33 -7.46 -6.22 -5.11
CA GLY A 33 -8.49 -6.81 -4.28
C GLY A 33 -7.96 -7.87 -3.35
N ASN A 34 -8.86 -8.74 -2.87
CA ASN A 34 -8.47 -9.81 -1.97
C ASN A 34 -7.34 -10.65 -2.56
N LYS A 35 -7.51 -11.04 -3.82
CA LYS A 35 -6.52 -11.84 -4.52
C LYS A 35 -5.11 -11.30 -4.26
N GLY A 36 -5.01 -10.00 -4.05
CA GLY A 36 -3.72 -9.38 -3.80
C GLY A 36 -2.97 -9.07 -5.08
N ILE A 37 -1.78 -8.49 -4.94
CA ILE A 37 -0.96 -8.14 -6.08
C ILE A 37 0.50 -8.52 -5.85
N TRP A 38 1.21 -8.83 -6.93
CA TRP A 38 2.61 -9.21 -6.84
C TRP A 38 3.51 -7.97 -6.84
N SER A 39 4.39 -7.89 -5.86
CA SER A 39 5.29 -6.75 -5.74
C SER A 39 5.72 -6.26 -7.12
N ARG A 40 6.04 -7.20 -8.00
CA ARG A 40 6.46 -6.86 -9.36
C ARG A 40 5.37 -6.08 -10.10
N ASP A 41 4.19 -6.70 -10.21
CA ASP A 41 3.07 -6.06 -10.88
C ASP A 41 3.01 -4.58 -10.56
N VAL A 42 3.45 -4.21 -9.36
CA VAL A 42 3.45 -2.82 -8.93
C VAL A 42 4.47 -2.00 -9.71
N ARG A 43 5.65 -2.57 -9.91
CA ARG A 43 6.72 -1.89 -10.64
C ARG A 43 6.19 -1.31 -11.95
N TYR A 44 5.28 -2.03 -12.60
CA TYR A 44 4.70 -1.59 -13.85
C TYR A 44 3.58 -0.58 -13.62
N LYS A 45 2.53 -1.02 -12.95
CA LYS A 45 1.39 -0.16 -12.66
C LYS A 45 1.85 1.17 -12.06
N SER A 46 2.62 1.09 -10.99
CA SER A 46 3.13 2.29 -10.32
C SER A 46 4.20 2.97 -11.17
N ASN A 47 4.70 2.25 -12.18
CA ASN A 47 5.72 2.78 -13.07
C ASN A 47 6.95 3.23 -12.27
N LEU A 48 7.21 2.55 -11.17
CA LEU A 48 8.35 2.87 -10.32
C LEU A 48 9.34 1.72 -10.27
N PRO A 49 10.62 2.03 -9.96
CA PRO A 49 11.68 1.03 -9.88
C PRO A 49 11.51 0.11 -8.67
N LEU A 50 12.08 -1.09 -8.76
CA LEU A 50 11.99 -2.05 -7.68
C LEU A 50 12.32 -1.40 -6.33
N THR A 51 13.43 -0.68 -6.29
CA THR A 51 13.86 -0.01 -5.07
C THR A 51 12.76 0.89 -4.53
N GLU A 52 11.87 1.33 -5.40
CA GLU A 52 10.75 2.19 -5.01
C GLU A 52 9.56 1.37 -4.56
N ILE A 53 9.30 0.27 -5.26
CA ILE A 53 8.18 -0.61 -4.94
C ILE A 53 8.43 -1.34 -3.61
N ASN A 54 9.69 -1.66 -3.35
CA ASN A 54 10.06 -2.35 -2.12
C ASN A 54 9.84 -1.47 -0.90
N LYS A 55 10.41 -0.27 -0.94
CA LYS A 55 10.28 0.68 0.16
C LYS A 55 8.83 1.14 0.31
N ILE A 56 8.17 1.40 -0.82
CA ILE A 56 6.79 1.85 -0.81
C ILE A 56 5.86 0.75 -0.28
N LEU A 57 5.91 -0.41 -0.92
CA LEU A 57 5.08 -1.55 -0.51
C LEU A 57 5.16 -1.76 0.99
N LYS A 58 6.36 -1.67 1.53
CA LYS A 58 6.57 -1.86 2.97
C LYS A 58 5.95 -0.72 3.76
N ASN A 59 6.46 0.49 3.54
CA ASN A 59 5.95 1.68 4.23
C ASN A 59 4.44 1.56 4.46
N LEU A 60 3.70 1.27 3.40
CA LEU A 60 2.25 1.13 3.48
C LEU A 60 1.87 0.09 4.53
N GLU A 61 2.58 -1.03 4.54
CA GLU A 61 2.32 -2.10 5.49
C GLU A 61 2.50 -1.60 6.93
N SER A 62 3.20 -0.49 7.08
CA SER A 62 3.45 0.08 8.39
C SER A 62 2.35 1.07 8.78
N LYS A 63 1.72 1.66 7.77
CA LYS A 63 0.65 2.63 8.00
C LYS A 63 -0.71 1.94 8.00
N LYS A 64 -0.70 0.63 8.22
CA LYS A 64 -1.93 -0.14 8.26
C LYS A 64 -2.76 0.09 7.00
N LEU A 65 -2.08 0.33 5.88
CA LEU A 65 -2.75 0.56 4.61
C LEU A 65 -2.82 -0.73 3.79
N ILE A 66 -1.85 -1.61 4.00
CA ILE A 66 -1.81 -2.88 3.28
C ILE A 66 -1.09 -3.94 4.10
N LYS A 67 -1.04 -5.16 3.56
CA LYS A 67 -0.39 -6.27 4.23
C LYS A 67 0.16 -7.27 3.23
N ALA A 68 1.10 -8.11 3.67
CA ALA A 68 1.70 -9.11 2.80
C ALA A 68 1.05 -10.48 3.02
N VAL A 69 0.60 -11.10 1.94
CA VAL A 69 -0.03 -12.41 2.02
C VAL A 69 0.68 -13.42 1.12
N LYS A 70 0.71 -14.67 1.56
CA LYS A 70 1.36 -15.74 0.80
C LYS A 70 0.33 -16.76 0.33
N SER A 71 0.07 -16.77 -0.98
CA SER A 71 -0.89 -17.70 -1.56
C SER A 71 -0.43 -19.14 -1.39
N VAL A 72 -1.36 -20.08 -1.49
CA VAL A 72 -1.04 -21.49 -1.35
C VAL A 72 0.24 -21.85 -2.10
N ALA A 73 0.50 -21.12 -3.18
CA ALA A 73 1.69 -21.36 -3.99
C ALA A 73 2.91 -20.66 -3.39
N ALA A 74 3.65 -21.38 -2.56
CA ALA A 74 4.83 -20.82 -1.92
C ALA A 74 6.06 -20.99 -2.81
N SER A 75 6.32 -19.99 -3.66
CA SER A 75 7.45 -20.02 -4.57
C SER A 75 8.28 -18.75 -4.45
N LYS A 76 8.65 -18.42 -3.22
CA LYS A 76 9.45 -17.22 -2.96
C LYS A 76 8.76 -15.98 -3.50
N LYS A 77 7.44 -15.96 -3.42
CA LYS A 77 6.65 -14.83 -3.90
C LYS A 77 6.26 -13.91 -2.74
N LYS A 78 5.51 -12.86 -3.06
CA LYS A 78 5.07 -11.91 -2.04
C LYS A 78 3.91 -11.07 -2.56
N VAL A 79 2.71 -11.36 -2.07
CA VAL A 79 1.51 -10.63 -2.49
C VAL A 79 1.15 -9.55 -1.47
N TYR A 80 0.47 -8.51 -1.94
CA TYR A 80 0.07 -7.41 -1.07
C TYR A 80 -1.38 -7.01 -1.34
N MET A 81 -2.13 -6.78 -0.26
CA MET A 81 -3.53 -6.40 -0.37
C MET A 81 -3.93 -5.46 0.76
N LEU A 82 -5.08 -4.81 0.61
CA LEU A 82 -5.57 -3.89 1.64
C LEU A 82 -5.42 -4.49 3.02
N TYR A 83 -5.12 -3.63 4.00
CA TYR A 83 -4.94 -4.07 5.38
C TYR A 83 -6.28 -4.42 6.02
N ASN A 84 -7.34 -3.77 5.56
CA ASN A 84 -8.68 -4.01 6.08
C ASN A 84 -9.12 -5.45 5.82
N LEU A 85 -8.79 -5.94 4.63
CA LEU A 85 -9.15 -7.31 4.26
C LEU A 85 -8.53 -8.32 5.22
N SER A 86 -8.97 -9.57 5.12
CA SER A 86 -8.46 -10.63 5.98
C SER A 86 -7.84 -11.75 5.15
N GLY A 87 -6.62 -12.15 5.53
CA GLY A 87 -5.94 -13.20 4.81
C GLY A 87 -6.69 -14.52 4.86
N PRO A 88 -6.09 -15.57 4.26
CA PRO A 88 -6.70 -16.90 4.23
C PRO A 88 -6.72 -17.56 5.60
N SER A 89 -7.80 -18.29 5.89
CA SER A 89 -7.95 -18.98 7.17
C SER A 89 -7.27 -20.34 7.14
N SER A 90 -6.93 -20.85 8.31
CA SER A 90 -6.28 -22.16 8.42
C SER A 90 -7.31 -23.28 8.43
N GLY A 91 -8.24 -23.21 9.37
CA GLY A 91 -9.27 -24.23 9.47
C GLY A 91 -10.01 -24.43 8.16
N GLY A 1 -16.65 31.85 29.11
CA GLY A 1 -15.98 31.68 27.82
C GLY A 1 -15.15 30.42 27.77
N SER A 2 -14.40 30.24 26.68
CA SER A 2 -13.56 29.07 26.51
C SER A 2 -12.39 29.37 25.57
N SER A 3 -11.42 28.47 25.55
CA SER A 3 -10.25 28.64 24.69
C SER A 3 -10.10 27.45 23.74
N GLY A 4 -9.50 27.71 22.58
CA GLY A 4 -9.30 26.66 21.60
C GLY A 4 -9.85 27.03 20.24
N SER A 5 -9.15 26.63 19.18
CA SER A 5 -9.58 26.93 17.82
C SER A 5 -8.98 25.92 16.84
N SER A 6 -9.61 25.81 15.67
CA SER A 6 -9.16 24.88 14.64
C SER A 6 -9.54 25.37 13.26
N GLY A 7 -9.08 24.66 12.23
CA GLY A 7 -9.39 25.05 10.86
C GLY A 7 -8.97 23.99 9.86
N ASP A 8 -9.82 22.98 9.68
CA ASP A 8 -9.53 21.91 8.74
C ASP A 8 -10.48 21.95 7.55
N SER A 9 -10.00 22.49 6.43
CA SER A 9 -10.81 22.61 5.22
C SER A 9 -10.74 21.32 4.41
N GLN A 10 -10.83 20.19 5.10
CA GLN A 10 -10.78 18.88 4.43
C GLN A 10 -11.29 17.79 5.36
N ASN A 11 -12.48 17.27 5.06
CA ASN A 11 -13.08 16.22 5.86
C ASN A 11 -12.35 14.89 5.66
N ALA A 12 -12.17 14.52 4.38
CA ALA A 12 -11.49 13.27 4.04
C ALA A 12 -9.98 13.45 4.06
N GLY A 13 -9.51 14.56 3.49
CA GLY A 13 -8.09 14.83 3.45
C GLY A 13 -7.34 13.87 2.54
N LYS A 14 -6.94 14.36 1.36
CA LYS A 14 -6.22 13.54 0.40
C LYS A 14 -4.72 13.79 0.49
N MET A 15 -3.93 12.72 0.45
CA MET A 15 -2.49 12.83 0.53
C MET A 15 -1.97 13.89 -0.44
N LYS A 16 -1.45 14.98 0.12
CA LYS A 16 -0.91 16.07 -0.69
C LYS A 16 0.61 15.99 -0.78
N GLY A 17 1.14 16.14 -2.00
CA GLY A 17 2.58 16.09 -2.18
C GLY A 17 2.98 16.29 -3.63
N SER A 18 4.26 16.53 -3.87
CA SER A 18 4.77 16.74 -5.22
C SER A 18 5.09 15.41 -5.89
N ASP A 19 5.73 14.52 -5.14
CA ASP A 19 6.11 13.21 -5.66
C ASP A 19 4.87 12.32 -5.83
N ASN A 20 4.10 12.18 -4.75
CA ASN A 20 2.89 11.36 -4.78
C ASN A 20 3.18 9.99 -5.40
N GLN A 21 4.26 9.36 -4.96
CA GLN A 21 4.64 8.05 -5.47
C GLN A 21 4.00 6.93 -4.65
N GLU A 22 3.96 7.12 -3.34
CA GLU A 22 3.38 6.12 -2.44
C GLU A 22 1.86 6.07 -2.60
N LYS A 23 1.29 7.14 -3.16
CA LYS A 23 -0.15 7.22 -3.37
C LYS A 23 -0.55 6.48 -4.64
N LEU A 24 0.35 6.46 -5.62
CA LEU A 24 0.09 5.80 -6.89
C LEU A 24 0.22 4.28 -6.75
N VAL A 25 1.03 3.86 -5.78
CA VAL A 25 1.25 2.43 -5.54
C VAL A 25 0.11 1.84 -4.72
N TYR A 26 -0.36 2.60 -3.73
CA TYR A 26 -1.45 2.15 -2.87
C TYR A 26 -2.73 1.94 -3.67
N GLN A 27 -2.98 2.83 -4.63
CA GLN A 27 -4.16 2.74 -5.46
C GLN A 27 -4.14 1.46 -6.31
N ILE A 28 -2.96 1.08 -6.76
CA ILE A 28 -2.80 -0.12 -7.57
C ILE A 28 -3.06 -1.38 -6.76
N ILE A 29 -2.56 -1.37 -5.52
CA ILE A 29 -2.74 -2.51 -4.63
C ILE A 29 -4.21 -2.76 -4.32
N GLU A 30 -4.90 -1.71 -3.87
CA GLU A 30 -6.31 -1.81 -3.55
C GLU A 30 -7.12 -2.26 -4.76
N ASP A 31 -6.62 -1.95 -5.95
CA ASP A 31 -7.28 -2.32 -7.19
C ASP A 31 -7.33 -3.83 -7.36
N ALA A 32 -6.24 -4.49 -7.00
CA ALA A 32 -6.14 -5.95 -7.10
C ALA A 32 -7.30 -6.62 -6.38
N GLY A 33 -7.66 -6.08 -5.22
CA GLY A 33 -8.75 -6.65 -4.44
C GLY A 33 -8.27 -7.65 -3.42
N ASN A 34 -9.06 -8.70 -3.21
CA ASN A 34 -8.71 -9.74 -2.26
C ASN A 34 -7.62 -10.65 -2.80
N LYS A 35 -7.53 -10.73 -4.13
CA LYS A 35 -6.54 -11.57 -4.80
C LYS A 35 -5.14 -10.98 -4.61
N GLY A 36 -5.07 -9.79 -4.03
CA GLY A 36 -3.78 -9.16 -3.81
C GLY A 36 -3.03 -8.93 -5.10
N ILE A 37 -1.80 -8.42 -4.98
CA ILE A 37 -0.98 -8.15 -6.15
C ILE A 37 0.49 -8.47 -5.87
N TRP A 38 1.22 -8.86 -6.91
CA TRP A 38 2.63 -9.19 -6.78
C TRP A 38 3.48 -7.92 -6.78
N SER A 39 4.47 -7.89 -5.89
CA SER A 39 5.37 -6.73 -5.78
C SER A 39 5.79 -6.25 -7.17
N ARG A 40 6.11 -7.19 -8.05
CA ARG A 40 6.53 -6.86 -9.41
C ARG A 40 5.38 -6.25 -10.20
N ASP A 41 4.26 -6.97 -10.27
CA ASP A 41 3.09 -6.50 -11.00
C ASP A 41 2.86 -5.02 -10.75
N VAL A 42 3.25 -4.55 -9.57
CA VAL A 42 3.09 -3.14 -9.21
C VAL A 42 4.07 -2.26 -9.97
N ARG A 43 5.34 -2.63 -9.93
CA ARG A 43 6.39 -1.87 -10.61
C ARG A 43 5.85 -1.28 -11.91
N TYR A 44 5.30 -2.13 -12.76
CA TYR A 44 4.75 -1.69 -14.05
C TYR A 44 3.63 -0.67 -13.84
N LYS A 45 2.62 -1.05 -13.08
CA LYS A 45 1.49 -0.17 -12.81
C LYS A 45 1.97 1.18 -12.28
N SER A 46 2.65 1.15 -11.14
CA SER A 46 3.16 2.37 -10.53
C SER A 46 4.29 2.98 -11.37
N ASN A 47 4.77 2.20 -12.34
CA ASN A 47 5.83 2.66 -13.22
C ASN A 47 7.04 3.13 -12.41
N LEU A 48 7.19 2.58 -11.21
CA LEU A 48 8.30 2.95 -10.34
C LEU A 48 9.34 1.82 -10.27
N PRO A 49 10.57 2.18 -9.92
CA PRO A 49 11.68 1.22 -9.80
C PRO A 49 11.49 0.28 -8.61
N LEU A 50 12.11 -0.90 -8.71
CA LEU A 50 12.03 -1.90 -7.64
C LEU A 50 12.33 -1.26 -6.28
N THR A 51 13.38 -0.43 -6.24
CA THR A 51 13.77 0.23 -5.01
C THR A 51 12.64 1.08 -4.46
N GLU A 52 11.72 1.49 -5.34
CA GLU A 52 10.59 2.32 -4.93
C GLU A 52 9.42 1.45 -4.47
N ILE A 53 9.15 0.39 -5.23
CA ILE A 53 8.06 -0.52 -4.91
C ILE A 53 8.35 -1.28 -3.61
N ASN A 54 9.61 -1.62 -3.40
CA ASN A 54 10.02 -2.33 -2.20
C ASN A 54 9.87 -1.46 -0.95
N LYS A 55 10.45 -0.27 -1.01
CA LYS A 55 10.39 0.66 0.11
C LYS A 55 8.97 1.17 0.30
N ILE A 56 8.26 1.40 -0.80
CA ILE A 56 6.89 1.88 -0.74
C ILE A 56 5.94 0.81 -0.21
N LEU A 57 5.96 -0.36 -0.85
CA LEU A 57 5.11 -1.47 -0.44
C LEU A 57 5.15 -1.65 1.08
N LYS A 58 6.36 -1.68 1.63
CA LYS A 58 6.54 -1.84 3.06
C LYS A 58 5.98 -0.65 3.83
N ASN A 59 6.50 0.53 3.52
CA ASN A 59 6.06 1.77 4.17
C ASN A 59 4.54 1.77 4.35
N LEU A 60 3.85 1.09 3.44
CA LEU A 60 2.39 1.02 3.49
C LEU A 60 1.93 0.04 4.57
N GLU A 61 2.58 -1.13 4.61
CA GLU A 61 2.24 -2.15 5.58
C GLU A 61 2.39 -1.61 7.01
N SER A 62 3.12 -0.51 7.14
CA SER A 62 3.34 0.10 8.45
C SER A 62 2.21 1.06 8.80
N LYS A 63 1.67 1.73 7.80
CA LYS A 63 0.58 2.68 8.00
C LYS A 63 -0.75 1.95 8.10
N LYS A 64 -0.70 0.64 8.24
CA LYS A 64 -1.91 -0.18 8.35
C LYS A 64 -2.80 0.00 7.13
N LEU A 65 -2.18 0.14 5.97
CA LEU A 65 -2.91 0.32 4.72
C LEU A 65 -2.97 -0.98 3.93
N ILE A 66 -1.94 -1.80 4.07
CA ILE A 66 -1.88 -3.08 3.37
C ILE A 66 -1.19 -4.14 4.22
N LYS A 67 -0.99 -5.32 3.64
CA LYS A 67 -0.33 -6.42 4.35
C LYS A 67 0.25 -7.42 3.37
N ALA A 68 1.08 -8.33 3.88
CA ALA A 68 1.70 -9.35 3.04
C ALA A 68 1.00 -10.69 3.19
N VAL A 69 0.52 -11.23 2.07
CA VAL A 69 -0.18 -12.50 2.07
C VAL A 69 0.43 -13.47 1.07
N LYS A 70 1.29 -14.36 1.57
CA LYS A 70 1.96 -15.34 0.72
C LYS A 70 1.01 -16.49 0.37
N SER A 71 0.42 -16.43 -0.82
CA SER A 71 -0.50 -17.47 -1.26
C SER A 71 0.20 -18.81 -1.42
N VAL A 72 -0.56 -19.88 -1.31
CA VAL A 72 0.00 -21.23 -1.45
C VAL A 72 0.71 -21.40 -2.78
N ALA A 73 1.99 -21.73 -2.73
CA ALA A 73 2.79 -21.93 -3.94
C ALA A 73 4.16 -22.50 -3.61
N ALA A 74 4.91 -22.84 -4.65
CA ALA A 74 6.25 -23.41 -4.47
C ALA A 74 7.32 -22.32 -4.54
N SER A 75 7.34 -21.59 -5.65
CA SER A 75 8.31 -20.52 -5.85
C SER A 75 8.05 -19.37 -4.88
N LYS A 76 9.12 -18.69 -4.49
CA LYS A 76 9.02 -17.56 -3.57
C LYS A 76 8.25 -16.41 -4.21
N LYS A 77 7.40 -15.75 -3.42
CA LYS A 77 6.62 -14.63 -3.92
C LYS A 77 6.20 -13.71 -2.76
N LYS A 78 5.57 -12.59 -3.11
CA LYS A 78 5.12 -11.63 -2.11
C LYS A 78 3.91 -10.86 -2.61
N VAL A 79 2.73 -11.17 -2.08
CA VAL A 79 1.51 -10.51 -2.47
C VAL A 79 1.10 -9.45 -1.43
N TYR A 80 0.69 -8.28 -1.92
CA TYR A 80 0.27 -7.20 -1.05
C TYR A 80 -1.15 -6.76 -1.36
N MET A 81 -1.98 -6.70 -0.32
CA MET A 81 -3.37 -6.29 -0.48
C MET A 81 -3.80 -5.36 0.65
N LEU A 82 -5.01 -4.82 0.55
CA LEU A 82 -5.53 -3.92 1.56
C LEU A 82 -5.45 -4.54 2.95
N TYR A 83 -5.05 -3.73 3.93
CA TYR A 83 -4.92 -4.20 5.31
C TYR A 83 -6.30 -4.51 5.91
N ASN A 84 -7.32 -3.84 5.39
CA ASN A 84 -8.68 -4.04 5.88
C ASN A 84 -9.17 -5.45 5.54
N LEU A 85 -8.83 -5.92 4.36
CA LEU A 85 -9.24 -7.25 3.91
C LEU A 85 -8.73 -8.32 4.87
N SER A 86 -9.55 -9.35 5.10
CA SER A 86 -9.18 -10.44 5.99
C SER A 86 -7.84 -11.06 5.58
N GLY A 87 -7.07 -11.47 6.57
CA GLY A 87 -5.77 -12.07 6.30
C GLY A 87 -4.91 -12.18 7.55
N PRO A 88 -3.63 -12.54 7.36
CA PRO A 88 -2.68 -12.69 8.46
C PRO A 88 -2.31 -11.35 9.10
N SER A 89 -2.82 -11.13 10.31
CA SER A 89 -2.55 -9.89 11.04
C SER A 89 -1.06 -9.63 11.11
N SER A 90 -0.63 -8.50 10.54
CA SER A 90 0.79 -8.13 10.54
C SER A 90 1.19 -7.55 11.89
N GLY A 91 0.42 -6.57 12.36
CA GLY A 91 0.72 -5.94 13.63
C GLY A 91 1.06 -6.96 14.71
N GLY A 1 15.34 12.82 37.99
CA GLY A 1 16.16 13.45 36.96
C GLY A 1 15.35 13.83 35.73
N SER A 2 15.60 13.13 34.63
CA SER A 2 14.90 13.40 33.38
C SER A 2 14.97 12.19 32.44
N SER A 3 14.26 12.28 31.33
CA SER A 3 14.23 11.20 30.34
C SER A 3 14.61 11.71 28.96
N GLY A 4 14.05 12.86 28.58
CA GLY A 4 14.34 13.43 27.28
C GLY A 4 13.14 13.38 26.35
N SER A 5 13.11 14.31 25.40
CA SER A 5 12.01 14.37 24.44
C SER A 5 12.02 13.15 23.52
N SER A 6 10.94 12.40 23.53
CA SER A 6 10.83 11.20 22.69
C SER A 6 9.37 10.76 22.57
N GLY A 7 9.01 10.22 21.41
CA GLY A 7 7.66 9.77 21.18
C GLY A 7 6.83 10.76 20.39
N ASP A 8 5.63 11.05 20.87
CA ASP A 8 4.75 11.99 20.19
C ASP A 8 4.33 11.45 18.82
N SER A 9 4.02 10.17 18.76
CA SER A 9 3.62 9.53 17.51
C SER A 9 2.32 8.74 17.70
N GLN A 10 1.32 9.04 16.87
CA GLN A 10 0.05 8.36 16.94
C GLN A 10 0.06 7.09 16.09
N ASN A 11 -0.86 6.17 16.41
CA ASN A 11 -0.96 4.92 15.67
C ASN A 11 -2.07 4.98 14.62
N ALA A 12 -2.16 6.10 13.93
CA ALA A 12 -3.17 6.30 12.89
C ALA A 12 -2.63 5.92 11.53
N GLY A 13 -1.40 6.34 11.23
CA GLY A 13 -0.79 6.04 9.95
C GLY A 13 -1.12 7.08 8.90
N LYS A 14 -0.89 8.34 9.23
CA LYS A 14 -1.16 9.44 8.30
C LYS A 14 0.07 9.73 7.44
N MET A 15 -0.16 10.43 6.33
CA MET A 15 0.93 10.78 5.42
C MET A 15 1.55 12.11 5.80
N LYS A 16 2.69 12.06 6.49
CA LYS A 16 3.38 13.27 6.92
C LYS A 16 4.37 13.73 5.85
N GLY A 17 3.86 14.42 4.83
CA GLY A 17 4.72 14.91 3.77
C GLY A 17 4.15 14.63 2.40
N SER A 18 4.25 15.61 1.51
CA SER A 18 3.72 15.47 0.15
C SER A 18 4.40 14.31 -0.56
N ASP A 19 3.60 13.51 -1.27
CA ASP A 19 4.12 12.37 -2.00
C ASP A 19 3.09 11.86 -3.02
N ASN A 20 3.58 11.44 -4.18
CA ASN A 20 2.71 10.94 -5.23
C ASN A 20 2.97 9.46 -5.50
N GLN A 21 4.21 9.03 -5.26
CA GLN A 21 4.59 7.64 -5.47
C GLN A 21 3.85 6.72 -4.51
N GLU A 22 4.04 6.94 -3.22
CA GLU A 22 3.39 6.12 -2.20
C GLU A 22 1.88 6.07 -2.43
N LYS A 23 1.38 7.00 -3.24
CA LYS A 23 -0.05 7.06 -3.54
C LYS A 23 -0.38 6.19 -4.75
N LEU A 24 0.25 6.48 -5.87
CA LEU A 24 0.02 5.72 -7.11
C LEU A 24 0.15 4.23 -6.85
N VAL A 25 0.96 3.86 -5.86
CA VAL A 25 1.16 2.46 -5.52
C VAL A 25 0.00 1.93 -4.69
N TYR A 26 -0.40 2.70 -3.68
CA TYR A 26 -1.49 2.30 -2.80
C TYR A 26 -2.76 2.05 -3.60
N GLN A 27 -3.00 2.90 -4.61
CA GLN A 27 -4.18 2.76 -5.45
C GLN A 27 -4.13 1.50 -6.29
N ILE A 28 -2.92 1.13 -6.71
CA ILE A 28 -2.73 -0.06 -7.53
C ILE A 28 -3.00 -1.33 -6.72
N ILE A 29 -2.62 -1.29 -5.45
CA ILE A 29 -2.83 -2.44 -4.56
C ILE A 29 -4.31 -2.70 -4.34
N GLU A 30 -5.02 -1.67 -3.86
CA GLU A 30 -6.46 -1.79 -3.61
C GLU A 30 -7.19 -2.23 -4.87
N ASP A 31 -6.61 -1.95 -6.02
CA ASP A 31 -7.21 -2.32 -7.30
C ASP A 31 -7.25 -3.84 -7.47
N ALA A 32 -6.14 -4.49 -7.12
CA ALA A 32 -6.03 -5.93 -7.23
C ALA A 32 -7.19 -6.62 -6.51
N GLY A 33 -7.72 -5.96 -5.49
CA GLY A 33 -8.82 -6.53 -4.73
C GLY A 33 -8.33 -7.44 -3.61
N ASN A 34 -9.18 -8.40 -3.24
CA ASN A 34 -8.85 -9.34 -2.18
C ASN A 34 -7.67 -10.23 -2.58
N LYS A 35 -7.72 -10.74 -3.82
CA LYS A 35 -6.67 -11.60 -4.33
C LYS A 35 -5.29 -11.01 -4.02
N GLY A 36 -5.18 -9.69 -4.13
CA GLY A 36 -3.92 -9.02 -3.86
C GLY A 36 -3.12 -8.76 -5.13
N ILE A 37 -1.85 -8.40 -4.96
CA ILE A 37 -0.99 -8.12 -6.10
C ILE A 37 0.46 -8.52 -5.81
N TRP A 38 1.23 -8.73 -6.87
CA TRP A 38 2.63 -9.13 -6.73
C TRP A 38 3.54 -7.91 -6.85
N SER A 39 4.47 -7.79 -5.91
CA SER A 39 5.41 -6.68 -5.90
C SER A 39 5.79 -6.28 -7.32
N ARG A 40 6.18 -7.27 -8.13
CA ARG A 40 6.56 -7.01 -9.51
C ARG A 40 5.47 -6.26 -10.26
N ASP A 41 4.25 -6.78 -10.17
CA ASP A 41 3.10 -6.16 -10.83
C ASP A 41 3.04 -4.67 -10.53
N VAL A 42 3.09 -4.33 -9.25
CA VAL A 42 3.04 -2.93 -8.82
C VAL A 42 4.10 -2.10 -9.55
N ARG A 43 5.25 -2.71 -9.79
CA ARG A 43 6.34 -2.03 -10.47
C ARG A 43 5.84 -1.29 -11.71
N TYR A 44 5.40 -2.06 -12.70
CA TYR A 44 4.89 -1.47 -13.94
C TYR A 44 3.68 -0.59 -13.67
N LYS A 45 2.68 -1.15 -12.99
CA LYS A 45 1.47 -0.42 -12.67
C LYS A 45 1.80 0.99 -12.17
N SER A 46 2.82 1.08 -11.32
CA SER A 46 3.24 2.37 -10.77
C SER A 46 4.35 2.98 -11.60
N ASN A 47 4.87 2.21 -12.56
CA ASN A 47 5.94 2.67 -13.42
C ASN A 47 7.15 3.11 -12.60
N LEU A 48 7.30 2.53 -11.42
CA LEU A 48 8.41 2.86 -10.53
C LEU A 48 9.40 1.70 -10.44
N PRO A 49 10.66 2.02 -10.12
CA PRO A 49 11.72 1.02 -10.00
C PRO A 49 11.53 0.12 -8.77
N LEU A 50 12.08 -1.08 -8.85
CA LEU A 50 11.98 -2.04 -7.75
C LEU A 50 12.32 -1.38 -6.42
N THR A 51 13.41 -0.62 -6.40
CA THR A 51 13.84 0.06 -5.20
C THR A 51 12.73 0.93 -4.63
N GLU A 52 11.82 1.37 -5.49
CA GLU A 52 10.71 2.21 -5.06
C GLU A 52 9.55 1.35 -4.55
N ILE A 53 9.18 0.34 -5.33
CA ILE A 53 8.10 -0.55 -4.95
C ILE A 53 8.40 -1.27 -3.65
N ASN A 54 9.68 -1.49 -3.37
CA ASN A 54 10.11 -2.17 -2.15
C ASN A 54 9.87 -1.28 -0.93
N LYS A 55 10.42 -0.08 -0.97
CA LYS A 55 10.27 0.86 0.14
C LYS A 55 8.82 1.32 0.27
N ILE A 56 8.14 1.43 -0.86
CA ILE A 56 6.74 1.84 -0.87
C ILE A 56 5.84 0.74 -0.32
N LEU A 57 5.96 -0.45 -0.88
CA LEU A 57 5.17 -1.59 -0.45
C LEU A 57 5.24 -1.77 1.06
N LYS A 58 6.42 -1.55 1.63
CA LYS A 58 6.61 -1.68 3.06
C LYS A 58 5.87 -0.58 3.82
N ASN A 59 6.27 0.66 3.57
CA ASN A 59 5.64 1.81 4.22
C ASN A 59 4.15 1.57 4.43
N LEU A 60 3.47 1.18 3.36
CA LEU A 60 2.04 0.91 3.42
C LEU A 60 1.72 -0.18 4.44
N GLU A 61 2.56 -1.22 4.47
CA GLU A 61 2.37 -2.32 5.40
C GLU A 61 2.55 -1.85 6.84
N SER A 62 3.23 -0.72 7.01
CA SER A 62 3.47 -0.17 8.34
C SER A 62 2.43 0.89 8.68
N LYS A 63 1.86 1.51 7.66
CA LYS A 63 0.84 2.53 7.85
C LYS A 63 -0.55 1.92 7.94
N LYS A 64 -0.59 0.62 8.24
CA LYS A 64 -1.87 -0.09 8.37
C LYS A 64 -2.73 0.12 7.13
N LEU A 65 -2.08 0.21 5.97
CA LEU A 65 -2.80 0.41 4.71
C LEU A 65 -2.90 -0.90 3.94
N ILE A 66 -1.85 -1.71 4.01
CA ILE A 66 -1.83 -2.99 3.31
C ILE A 66 -1.18 -4.06 4.16
N LYS A 67 -1.01 -5.25 3.59
CA LYS A 67 -0.39 -6.37 4.30
C LYS A 67 0.11 -7.42 3.32
N ALA A 68 1.04 -8.25 3.78
CA ALA A 68 1.61 -9.30 2.94
C ALA A 68 0.86 -10.61 3.14
N VAL A 69 0.38 -11.18 2.04
CA VAL A 69 -0.35 -12.44 2.09
C VAL A 69 0.26 -13.47 1.15
N LYS A 70 1.11 -14.34 1.71
CA LYS A 70 1.77 -15.38 0.91
C LYS A 70 0.86 -16.59 0.76
N SER A 71 0.16 -16.67 -0.37
CA SER A 71 -0.73 -17.79 -0.63
C SER A 71 0.04 -19.02 -1.10
N VAL A 72 -0.60 -20.18 -1.02
CA VAL A 72 0.03 -21.43 -1.43
C VAL A 72 0.83 -21.24 -2.71
N ALA A 73 2.08 -21.70 -2.69
CA ALA A 73 2.94 -21.58 -3.87
C ALA A 73 4.26 -22.30 -3.63
N ALA A 74 4.96 -22.63 -4.72
CA ALA A 74 6.24 -23.32 -4.64
C ALA A 74 7.40 -22.33 -4.74
N SER A 75 7.29 -21.39 -5.67
CA SER A 75 8.32 -20.39 -5.88
C SER A 75 8.27 -19.32 -4.79
N LYS A 76 9.30 -18.47 -4.76
CA LYS A 76 9.38 -17.40 -3.77
C LYS A 76 8.72 -16.13 -4.29
N LYS A 77 7.60 -15.75 -3.69
CA LYS A 77 6.87 -14.55 -4.09
C LYS A 77 6.36 -13.80 -2.87
N LYS A 78 5.80 -12.62 -3.10
CA LYS A 78 5.27 -11.80 -2.03
C LYS A 78 4.08 -10.96 -2.52
N VAL A 79 2.89 -11.31 -2.03
CA VAL A 79 1.68 -10.58 -2.42
C VAL A 79 1.34 -9.49 -1.40
N TYR A 80 0.71 -8.42 -1.88
CA TYR A 80 0.32 -7.32 -1.01
C TYR A 80 -1.12 -6.91 -1.26
N MET A 81 -1.88 -6.74 -0.17
CA MET A 81 -3.27 -6.35 -0.27
C MET A 81 -3.67 -5.46 0.90
N LEU A 82 -4.78 -4.74 0.74
CA LEU A 82 -5.27 -3.85 1.79
C LEU A 82 -5.22 -4.51 3.15
N TYR A 83 -4.89 -3.74 4.17
CA TYR A 83 -4.80 -4.26 5.53
C TYR A 83 -6.19 -4.43 6.15
N ASN A 84 -7.11 -3.55 5.75
CA ASN A 84 -8.48 -3.61 6.26
C ASN A 84 -9.20 -4.85 5.75
N LEU A 85 -8.94 -5.20 4.49
CA LEU A 85 -9.57 -6.37 3.87
C LEU A 85 -9.17 -7.64 4.61
N SER A 86 -9.93 -8.71 4.38
CA SER A 86 -9.66 -10.00 5.02
C SER A 86 -8.73 -10.84 4.15
N GLY A 87 -7.95 -11.70 4.80
CA GLY A 87 -7.04 -12.56 4.07
C GLY A 87 -7.67 -13.87 3.65
N PRO A 88 -6.84 -14.88 3.39
CA PRO A 88 -7.31 -16.21 2.98
C PRO A 88 -8.02 -16.96 4.11
N SER A 89 -9.34 -16.80 4.18
CA SER A 89 -10.12 -17.46 5.21
C SER A 89 -9.68 -17.02 6.60
N SER A 90 -9.34 -15.75 6.73
CA SER A 90 -8.88 -15.19 8.00
C SER A 90 -9.56 -13.86 8.28
N GLY A 91 -9.78 -13.57 9.56
CA GLY A 91 -10.41 -12.32 9.93
C GLY A 91 -11.26 -12.46 11.19
N GLY A 1 -29.31 21.64 13.78
CA GLY A 1 -29.60 20.21 13.83
C GLY A 1 -29.03 19.46 12.64
N SER A 2 -29.83 19.31 11.59
CA SER A 2 -29.40 18.61 10.39
C SER A 2 -28.80 19.58 9.38
N SER A 3 -29.62 20.54 8.95
CA SER A 3 -29.19 21.53 7.97
C SER A 3 -28.11 22.44 8.56
N GLY A 4 -27.09 22.74 7.75
CA GLY A 4 -26.02 23.59 8.21
C GLY A 4 -25.05 22.87 9.13
N SER A 5 -24.68 21.65 8.76
CA SER A 5 -23.77 20.85 9.56
C SER A 5 -22.60 21.68 10.06
N SER A 6 -22.30 21.59 11.35
CA SER A 6 -21.20 22.35 11.94
C SER A 6 -20.08 21.42 12.37
N GLY A 7 -18.93 22.00 12.72
CA GLY A 7 -17.79 21.22 13.15
C GLY A 7 -16.95 20.73 11.99
N ASP A 8 -16.12 19.72 12.24
CA ASP A 8 -15.26 19.17 11.19
C ASP A 8 -14.59 17.88 11.67
N SER A 9 -14.02 17.14 10.74
CA SER A 9 -13.34 15.89 11.06
C SER A 9 -11.87 16.11 11.39
N GLN A 10 -11.24 15.12 12.01
CA GLN A 10 -9.84 15.22 12.38
C GLN A 10 -8.97 15.47 11.14
N ASN A 11 -7.77 16.00 11.37
CA ASN A 11 -6.85 16.28 10.28
C ASN A 11 -5.51 15.58 10.50
N ALA A 12 -5.57 14.32 10.94
CA ALA A 12 -4.36 13.55 11.20
C ALA A 12 -3.80 12.97 9.90
N GLY A 13 -4.68 12.46 9.06
CA GLY A 13 -4.25 11.89 7.79
C GLY A 13 -3.58 12.90 6.89
N LYS A 14 -2.27 13.05 7.04
CA LYS A 14 -1.51 14.00 6.23
C LYS A 14 -0.70 13.28 5.15
N MET A 15 -1.00 13.59 3.90
CA MET A 15 -0.30 12.97 2.77
C MET A 15 0.74 13.93 2.20
N LYS A 16 1.76 13.37 1.55
CA LYS A 16 2.81 14.16 0.94
C LYS A 16 2.24 15.24 0.04
N GLY A 17 1.57 14.82 -1.03
CA GLY A 17 0.97 15.76 -1.96
C GLY A 17 1.88 16.07 -3.13
N SER A 18 3.03 16.68 -2.86
CA SER A 18 3.98 17.04 -3.90
C SER A 18 4.07 15.94 -4.95
N ASP A 19 4.51 14.76 -4.52
CA ASP A 19 4.65 13.62 -5.42
C ASP A 19 3.46 12.67 -5.27
N ASN A 20 3.33 11.74 -6.22
CA ASN A 20 2.24 10.78 -6.21
C ASN A 20 2.77 9.36 -6.41
N GLN A 21 3.86 9.03 -5.73
CA GLN A 21 4.46 7.71 -5.84
C GLN A 21 3.92 6.76 -4.76
N GLU A 22 3.94 7.24 -3.52
CA GLU A 22 3.46 6.44 -2.40
C GLU A 22 1.94 6.29 -2.45
N LYS A 23 1.28 7.22 -3.14
CA LYS A 23 -0.17 7.19 -3.27
C LYS A 23 -0.59 6.43 -4.52
N LEU A 24 0.17 6.62 -5.60
CA LEU A 24 -0.12 5.95 -6.86
C LEU A 24 -0.05 4.43 -6.71
N VAL A 25 0.87 3.97 -5.86
CA VAL A 25 1.03 2.54 -5.62
C VAL A 25 -0.08 2.00 -4.73
N TYR A 26 -0.41 2.73 -3.68
CA TYR A 26 -1.45 2.33 -2.75
C TYR A 26 -2.78 2.15 -3.47
N GLN A 27 -2.95 2.86 -4.58
CA GLN A 27 -4.18 2.79 -5.36
C GLN A 27 -4.17 1.56 -6.26
N ILE A 28 -2.98 1.14 -6.68
CA ILE A 28 -2.84 -0.02 -7.55
C ILE A 28 -3.04 -1.32 -6.75
N ILE A 29 -2.60 -1.31 -5.50
CA ILE A 29 -2.74 -2.48 -4.64
C ILE A 29 -4.21 -2.81 -4.39
N GLU A 30 -4.95 -1.83 -3.89
CA GLU A 30 -6.37 -2.03 -3.61
C GLU A 30 -7.13 -2.46 -4.86
N ASP A 31 -6.71 -1.93 -6.01
CA ASP A 31 -7.34 -2.26 -7.27
C ASP A 31 -7.32 -3.77 -7.52
N ALA A 32 -6.22 -4.40 -7.14
CA ALA A 32 -6.08 -5.84 -7.32
C ALA A 32 -7.24 -6.60 -6.69
N GLY A 33 -7.69 -6.11 -5.54
CA GLY A 33 -8.79 -6.75 -4.84
C GLY A 33 -8.34 -7.77 -3.81
N ASN A 34 -9.28 -8.48 -3.22
CA ASN A 34 -8.97 -9.48 -2.21
C ASN A 34 -7.80 -10.36 -2.66
N LYS A 35 -7.84 -10.79 -3.92
CA LYS A 35 -6.78 -11.62 -4.47
C LYS A 35 -5.41 -11.05 -4.16
N GLY A 36 -5.28 -9.74 -4.31
CA GLY A 36 -4.00 -9.09 -4.04
C GLY A 36 -3.21 -8.81 -5.30
N ILE A 37 -1.93 -8.49 -5.13
CA ILE A 37 -1.07 -8.21 -6.27
C ILE A 37 0.38 -8.62 -5.99
N TRP A 38 1.13 -8.89 -7.04
CA TRP A 38 2.52 -9.30 -6.91
C TRP A 38 3.45 -8.08 -6.88
N SER A 39 4.42 -8.11 -5.97
CA SER A 39 5.36 -7.01 -5.84
C SER A 39 5.76 -6.45 -7.21
N ARG A 40 6.10 -7.35 -8.12
CA ARG A 40 6.50 -6.96 -9.47
C ARG A 40 5.33 -6.30 -10.22
N ASP A 41 4.21 -7.02 -10.30
CA ASP A 41 3.03 -6.50 -10.97
C ASP A 41 2.85 -5.02 -10.71
N VAL A 42 3.31 -4.57 -9.54
CA VAL A 42 3.21 -3.16 -9.17
C VAL A 42 4.22 -2.31 -9.94
N ARG A 43 5.48 -2.70 -9.89
CA ARG A 43 6.54 -1.97 -10.58
C ARG A 43 6.02 -1.39 -11.89
N TYR A 44 5.36 -2.22 -12.68
CA TYR A 44 4.82 -1.80 -13.96
C TYR A 44 3.72 -0.74 -13.77
N LYS A 45 2.69 -1.11 -13.03
CA LYS A 45 1.58 -0.20 -12.77
C LYS A 45 2.07 1.12 -12.20
N SER A 46 2.73 1.05 -11.05
CA SER A 46 3.25 2.25 -10.39
C SER A 46 4.37 2.87 -11.22
N ASN A 47 4.74 2.19 -12.30
CA ASN A 47 5.81 2.67 -13.18
C ASN A 47 7.00 3.15 -12.38
N LEU A 48 7.25 2.50 -11.25
CA LEU A 48 8.37 2.85 -10.38
C LEU A 48 9.37 1.71 -10.30
N PRO A 49 10.63 2.05 -9.96
CA PRO A 49 11.71 1.07 -9.84
C PRO A 49 11.53 0.16 -8.62
N LEU A 50 12.11 -1.03 -8.68
CA LEU A 50 12.01 -1.99 -7.59
C LEU A 50 12.33 -1.32 -6.25
N THR A 51 13.43 -0.58 -6.21
CA THR A 51 13.83 0.12 -4.99
C THR A 51 12.71 1.00 -4.46
N GLU A 52 11.81 1.41 -5.36
CA GLU A 52 10.70 2.27 -4.98
C GLU A 52 9.50 1.43 -4.52
N ILE A 53 9.23 0.35 -5.24
CA ILE A 53 8.13 -0.53 -4.91
C ILE A 53 8.36 -1.24 -3.58
N ASN A 54 9.63 -1.53 -3.29
CA ASN A 54 9.98 -2.21 -2.05
C ASN A 54 9.72 -1.31 -0.84
N LYS A 55 10.27 -0.11 -0.87
CA LYS A 55 10.09 0.85 0.20
C LYS A 55 8.62 1.23 0.35
N ILE A 56 7.95 1.43 -0.77
CA ILE A 56 6.54 1.80 -0.77
C ILE A 56 5.67 0.66 -0.24
N LEU A 57 5.77 -0.50 -0.89
CA LEU A 57 5.00 -1.66 -0.49
C LEU A 57 5.10 -1.89 1.01
N LYS A 58 6.30 -1.78 1.54
CA LYS A 58 6.53 -1.97 2.97
C LYS A 58 6.00 -0.79 3.76
N ASN A 59 6.56 0.39 3.52
CA ASN A 59 6.15 1.60 4.21
C ASN A 59 4.65 1.58 4.49
N LEU A 60 3.86 1.27 3.46
CA LEU A 60 2.41 1.21 3.60
C LEU A 60 2.00 0.17 4.63
N GLU A 61 2.59 -1.02 4.53
CA GLU A 61 2.29 -2.10 5.46
C GLU A 61 2.44 -1.65 6.90
N SER A 62 3.19 -0.56 7.09
CA SER A 62 3.42 -0.02 8.44
C SER A 62 2.32 0.97 8.81
N LYS A 63 1.81 1.68 7.82
CA LYS A 63 0.76 2.66 8.03
C LYS A 63 -0.62 1.98 8.09
N LYS A 64 -0.62 0.68 8.32
CA LYS A 64 -1.86 -0.08 8.40
C LYS A 64 -2.71 0.14 7.15
N LEU A 65 -2.06 0.24 6.00
CA LEU A 65 -2.76 0.44 4.74
C LEU A 65 -2.83 -0.84 3.93
N ILE A 66 -1.80 -1.68 4.08
CA ILE A 66 -1.74 -2.95 3.36
C ILE A 66 -1.01 -4.01 4.18
N LYS A 67 -0.94 -5.22 3.63
CA LYS A 67 -0.27 -6.32 4.31
C LYS A 67 0.30 -7.32 3.30
N ALA A 68 1.23 -8.15 3.76
CA ALA A 68 1.85 -9.14 2.89
C ALA A 68 1.25 -10.53 3.14
N VAL A 69 0.66 -11.10 2.09
CA VAL A 69 0.05 -12.42 2.19
C VAL A 69 0.80 -13.45 1.35
N LYS A 70 0.86 -14.68 1.85
CA LYS A 70 1.56 -15.76 1.14
C LYS A 70 0.60 -16.51 0.22
N SER A 71 1.14 -17.06 -0.86
CA SER A 71 0.33 -17.80 -1.83
C SER A 71 0.62 -19.29 -1.74
N VAL A 72 -0.42 -20.10 -1.92
CA VAL A 72 -0.27 -21.55 -1.87
C VAL A 72 0.81 -22.04 -2.83
N ALA A 73 0.88 -21.41 -4.00
CA ALA A 73 1.87 -21.78 -5.00
C ALA A 73 3.19 -22.16 -4.36
N ALA A 74 3.85 -21.19 -3.73
CA ALA A 74 5.12 -21.42 -3.07
C ALA A 74 5.47 -20.28 -2.12
N SER A 75 6.56 -20.44 -1.38
CA SER A 75 7.00 -19.42 -0.43
C SER A 75 8.20 -18.65 -0.99
N LYS A 76 8.09 -18.21 -2.23
CA LYS A 76 9.17 -17.46 -2.87
C LYS A 76 8.67 -16.11 -3.40
N LYS A 77 7.34 -15.97 -3.45
CA LYS A 77 6.74 -14.74 -3.92
C LYS A 77 6.18 -13.92 -2.77
N LYS A 78 5.69 -12.72 -3.07
CA LYS A 78 5.14 -11.84 -2.05
C LYS A 78 3.93 -11.08 -2.59
N VAL A 79 2.78 -11.26 -1.95
CA VAL A 79 1.56 -10.57 -2.37
C VAL A 79 1.16 -9.49 -1.37
N TYR A 80 0.70 -8.36 -1.89
CA TYR A 80 0.29 -7.24 -1.05
C TYR A 80 -1.15 -6.84 -1.35
N MET A 81 -1.95 -6.69 -0.29
CA MET A 81 -3.34 -6.30 -0.44
C MET A 81 -3.77 -5.35 0.68
N LEU A 82 -5.01 -4.88 0.62
CA LEU A 82 -5.53 -3.96 1.63
C LEU A 82 -5.44 -4.57 3.02
N TYR A 83 -5.11 -3.74 4.01
CA TYR A 83 -4.99 -4.19 5.38
C TYR A 83 -6.35 -4.61 5.94
N ASN A 84 -7.36 -3.77 5.71
CA ASN A 84 -8.70 -4.04 6.19
C ASN A 84 -9.24 -5.34 5.59
N LEU A 85 -8.96 -5.55 4.31
CA LEU A 85 -9.42 -6.75 3.62
C LEU A 85 -8.78 -8.00 4.22
N SER A 86 -9.45 -9.13 4.05
CA SER A 86 -8.95 -10.40 4.58
C SER A 86 -8.51 -11.32 3.45
N GLY A 87 -7.36 -11.96 3.63
CA GLY A 87 -6.84 -12.86 2.61
C GLY A 87 -7.15 -14.32 2.92
N PRO A 88 -6.63 -15.22 2.07
CA PRO A 88 -6.84 -16.66 2.24
C PRO A 88 -6.10 -17.22 3.45
N SER A 89 -5.38 -16.36 4.15
CA SER A 89 -4.64 -16.76 5.33
C SER A 89 -5.51 -17.58 6.28
N SER A 90 -4.93 -18.62 6.86
CA SER A 90 -5.65 -19.49 7.78
C SER A 90 -6.63 -18.68 8.64
N GLY A 91 -7.92 -18.99 8.52
CA GLY A 91 -8.93 -18.28 9.28
C GLY A 91 -8.66 -18.32 10.78
N GLY A 1 18.17 25.45 36.89
CA GLY A 1 17.72 26.48 35.96
C GLY A 1 17.37 25.91 34.59
N SER A 2 16.31 26.43 33.99
CA SER A 2 15.87 25.97 32.68
C SER A 2 14.87 26.95 32.07
N SER A 3 15.06 27.27 30.80
CA SER A 3 14.18 28.19 30.10
C SER A 3 14.50 28.24 28.62
N GLY A 4 13.57 27.78 27.79
CA GLY A 4 13.78 27.78 26.35
C GLY A 4 13.67 26.38 25.76
N SER A 5 13.21 26.30 24.53
CA SER A 5 13.07 25.02 23.84
C SER A 5 13.14 25.20 22.33
N SER A 6 13.41 24.11 21.62
CA SER A 6 13.52 24.14 20.17
C SER A 6 12.78 22.95 19.54
N GLY A 7 11.74 23.25 18.77
CA GLY A 7 10.97 22.20 18.12
C GLY A 7 9.93 22.74 17.16
N ASP A 8 9.48 21.90 16.24
CA ASP A 8 8.48 22.31 15.26
C ASP A 8 7.26 22.92 15.96
N SER A 9 6.53 23.76 15.22
CA SER A 9 5.35 24.41 15.77
C SER A 9 4.09 23.63 15.42
N GLN A 10 3.92 23.32 14.14
CA GLN A 10 2.76 22.57 13.68
C GLN A 10 3.14 21.62 12.55
N ASN A 11 3.00 20.32 12.81
CA ASN A 11 3.34 19.30 11.82
C ASN A 11 2.08 18.84 11.08
N ALA A 12 2.06 19.06 9.77
CA ALA A 12 0.92 18.66 8.94
C ALA A 12 1.16 17.29 8.32
N GLY A 13 2.36 17.07 7.81
CA GLY A 13 2.69 15.80 7.18
C GLY A 13 1.64 15.36 6.18
N LYS A 14 1.29 16.26 5.27
CA LYS A 14 0.30 15.95 4.24
C LYS A 14 0.88 15.03 3.18
N MET A 15 0.00 14.26 2.53
CA MET A 15 0.43 13.34 1.48
C MET A 15 -0.17 13.72 0.14
N LYS A 16 -0.18 15.02 -0.16
CA LYS A 16 -0.72 15.52 -1.41
C LYS A 16 0.32 16.32 -2.19
N GLY A 17 0.17 16.36 -3.50
CA GLY A 17 1.11 17.09 -4.34
C GLY A 17 2.35 16.27 -4.66
N SER A 18 3.51 16.92 -4.63
CA SER A 18 4.77 16.25 -4.93
C SER A 18 4.84 14.89 -4.24
N ASP A 19 5.80 14.07 -4.66
CA ASP A 19 5.98 12.74 -4.08
C ASP A 19 4.72 11.91 -4.25
N ASN A 20 4.17 11.90 -5.47
CA ASN A 20 2.97 11.14 -5.76
C ASN A 20 3.32 9.70 -6.15
N GLN A 21 4.19 9.08 -5.36
CA GLN A 21 4.59 7.70 -5.62
C GLN A 21 3.87 6.73 -4.70
N GLU A 22 3.85 7.05 -3.41
CA GLU A 22 3.18 6.21 -2.42
C GLU A 22 1.68 6.18 -2.66
N LYS A 23 1.18 7.19 -3.37
CA LYS A 23 -0.25 7.28 -3.67
C LYS A 23 -0.60 6.42 -4.89
N LEU A 24 0.31 6.38 -5.85
CA LEU A 24 0.10 5.61 -7.07
C LEU A 24 0.15 4.11 -6.79
N VAL A 25 1.03 3.72 -5.87
CA VAL A 25 1.17 2.31 -5.51
C VAL A 25 0.01 1.85 -4.62
N TYR A 26 -0.33 2.66 -3.63
CA TYR A 26 -1.42 2.34 -2.72
C TYR A 26 -2.73 2.14 -3.49
N GLN A 27 -2.84 2.81 -4.63
CA GLN A 27 -4.04 2.70 -5.45
C GLN A 27 -4.03 1.42 -6.28
N ILE A 28 -2.87 1.12 -6.87
CA ILE A 28 -2.72 -0.08 -7.68
C ILE A 28 -2.91 -1.34 -6.84
N ILE A 29 -2.54 -1.26 -5.57
CA ILE A 29 -2.67 -2.39 -4.67
C ILE A 29 -4.14 -2.66 -4.33
N GLU A 30 -4.83 -1.63 -3.87
CA GLU A 30 -6.24 -1.76 -3.52
C GLU A 30 -7.06 -2.23 -4.71
N ASP A 31 -6.57 -1.94 -5.92
CA ASP A 31 -7.26 -2.33 -7.13
C ASP A 31 -7.24 -3.84 -7.31
N ALA A 32 -6.15 -4.47 -6.87
CA ALA A 32 -6.00 -5.92 -6.98
C ALA A 32 -7.14 -6.63 -6.26
N GLY A 33 -7.64 -6.02 -5.20
CA GLY A 33 -8.72 -6.62 -4.43
C GLY A 33 -8.23 -7.64 -3.43
N ASN A 34 -9.15 -8.45 -2.91
CA ASN A 34 -8.80 -9.47 -1.93
C ASN A 34 -7.67 -10.36 -2.44
N LYS A 35 -7.78 -10.76 -3.71
CA LYS A 35 -6.77 -11.62 -4.33
C LYS A 35 -5.36 -11.08 -4.06
N GLY A 36 -5.24 -9.76 -4.03
CA GLY A 36 -3.95 -9.14 -3.79
C GLY A 36 -3.19 -8.86 -5.07
N ILE A 37 -1.94 -8.43 -4.93
CA ILE A 37 -1.10 -8.12 -6.09
C ILE A 37 0.35 -8.52 -5.84
N TRP A 38 1.06 -8.85 -6.91
CA TRP A 38 2.46 -9.24 -6.82
C TRP A 38 3.37 -8.02 -6.80
N SER A 39 4.36 -8.06 -5.91
CA SER A 39 5.31 -6.96 -5.78
C SER A 39 5.69 -6.40 -7.16
N ARG A 40 5.95 -7.30 -8.10
CA ARG A 40 6.33 -6.90 -9.45
C ARG A 40 5.18 -6.18 -10.14
N ASP A 41 4.01 -6.79 -10.15
CA ASP A 41 2.83 -6.20 -10.77
C ASP A 41 2.69 -4.74 -10.37
N VAL A 42 3.30 -4.37 -9.26
CA VAL A 42 3.25 -2.99 -8.77
C VAL A 42 4.26 -2.11 -9.50
N ARG A 43 5.43 -2.66 -9.79
CA ARG A 43 6.47 -1.93 -10.48
C ARG A 43 5.95 -1.35 -11.79
N TYR A 44 5.36 -2.20 -12.62
CA TYR A 44 4.82 -1.78 -13.91
C TYR A 44 3.71 -0.75 -13.72
N LYS A 45 2.61 -1.19 -13.12
CA LYS A 45 1.47 -0.31 -12.87
C LYS A 45 1.92 1.02 -12.31
N SER A 46 2.74 0.97 -11.25
CA SER A 46 3.24 2.17 -10.62
C SER A 46 4.34 2.82 -11.46
N ASN A 47 4.87 2.06 -12.40
CA ASN A 47 5.92 2.56 -13.28
C ASN A 47 7.11 3.07 -12.47
N LEU A 48 7.28 2.51 -11.27
CA LEU A 48 8.38 2.91 -10.39
C LEU A 48 9.43 1.80 -10.31
N PRO A 49 10.67 2.18 -9.94
CA PRO A 49 11.77 1.24 -9.81
C PRO A 49 11.61 0.31 -8.61
N LEU A 50 12.23 -0.86 -8.69
CA LEU A 50 12.15 -1.84 -7.61
C LEU A 50 12.41 -1.18 -6.26
N THR A 51 13.47 -0.38 -6.19
CA THR A 51 13.84 0.32 -4.97
C THR A 51 12.67 1.12 -4.42
N GLU A 52 11.76 1.51 -5.31
CA GLU A 52 10.59 2.29 -4.90
C GLU A 52 9.46 1.36 -4.47
N ILE A 53 9.21 0.32 -5.25
CA ILE A 53 8.16 -0.64 -4.93
C ILE A 53 8.44 -1.37 -3.62
N ASN A 54 9.72 -1.56 -3.33
CA ASN A 54 10.13 -2.24 -2.11
C ASN A 54 9.87 -1.36 -0.88
N LYS A 55 10.36 -0.13 -0.94
CA LYS A 55 10.19 0.81 0.17
C LYS A 55 8.71 1.18 0.33
N ILE A 56 8.03 1.36 -0.79
CA ILE A 56 6.61 1.72 -0.76
C ILE A 56 5.76 0.57 -0.22
N LEU A 57 5.87 -0.59 -0.87
CA LEU A 57 5.12 -1.77 -0.46
C LEU A 57 5.23 -1.99 1.05
N LYS A 58 6.40 -1.70 1.60
CA LYS A 58 6.63 -1.85 3.03
C LYS A 58 5.97 -0.72 3.82
N ASN A 59 6.42 0.50 3.58
CA ASN A 59 5.86 1.67 4.26
C ASN A 59 4.37 1.49 4.52
N LEU A 60 3.62 1.23 3.45
CA LEU A 60 2.17 1.04 3.55
C LEU A 60 1.84 -0.04 4.58
N GLU A 61 2.51 -1.18 4.47
CA GLU A 61 2.29 -2.29 5.40
C GLU A 61 2.41 -1.82 6.84
N SER A 62 3.20 -0.78 7.06
CA SER A 62 3.40 -0.23 8.40
C SER A 62 2.38 0.85 8.71
N LYS A 63 1.92 1.53 7.67
CA LYS A 63 0.94 2.60 7.83
C LYS A 63 -0.48 2.04 7.83
N LYS A 64 -0.60 0.76 8.15
CA LYS A 64 -1.90 0.09 8.19
C LYS A 64 -2.68 0.36 6.91
N LEU A 65 -2.01 0.28 5.78
CA LEU A 65 -2.64 0.50 4.48
C LEU A 65 -2.69 -0.79 3.67
N ILE A 66 -1.73 -1.68 3.92
CA ILE A 66 -1.67 -2.95 3.21
C ILE A 66 -1.01 -4.03 4.06
N LYS A 67 -0.81 -5.20 3.48
CA LYS A 67 -0.18 -6.31 4.18
C LYS A 67 0.41 -7.32 3.20
N ALA A 68 1.36 -8.11 3.67
CA ALA A 68 2.00 -9.12 2.83
C ALA A 68 1.35 -10.49 3.03
N VAL A 69 0.85 -11.06 1.95
CA VAL A 69 0.20 -12.37 2.00
C VAL A 69 0.85 -13.34 1.01
N LYS A 70 1.04 -14.58 1.46
CA LYS A 70 1.64 -15.60 0.62
C LYS A 70 0.60 -16.61 0.16
N SER A 71 0.34 -16.62 -1.15
CA SER A 71 -0.65 -17.54 -1.72
C SER A 71 -0.14 -18.97 -1.68
N VAL A 72 -1.07 -19.92 -1.57
CA VAL A 72 -0.71 -21.34 -1.53
C VAL A 72 0.04 -21.75 -2.78
N ALA A 73 1.31 -22.12 -2.61
CA ALA A 73 2.13 -22.55 -3.73
C ALA A 73 3.48 -23.07 -3.25
N ALA A 74 4.28 -23.59 -4.19
CA ALA A 74 5.59 -24.12 -3.85
C ALA A 74 6.66 -23.03 -3.93
N SER A 75 6.81 -22.45 -5.12
CA SER A 75 7.81 -21.40 -5.33
C SER A 75 7.64 -20.28 -4.31
N LYS A 76 8.59 -19.35 -4.30
CA LYS A 76 8.55 -18.22 -3.37
C LYS A 76 7.94 -16.99 -4.04
N LYS A 77 7.05 -16.32 -3.32
CA LYS A 77 6.40 -15.13 -3.85
C LYS A 77 5.99 -14.19 -2.72
N LYS A 78 5.37 -13.06 -3.07
CA LYS A 78 4.93 -12.10 -2.09
C LYS A 78 3.80 -11.23 -2.65
N VAL A 79 2.60 -11.40 -2.09
CA VAL A 79 1.44 -10.63 -2.53
C VAL A 79 1.11 -9.52 -1.54
N TYR A 80 0.42 -8.49 -2.03
CA TYR A 80 0.04 -7.35 -1.19
C TYR A 80 -1.41 -6.97 -1.43
N MET A 81 -2.07 -6.50 -0.38
CA MET A 81 -3.47 -6.10 -0.47
C MET A 81 -3.84 -5.16 0.67
N LEU A 82 -5.07 -4.66 0.64
CA LEU A 82 -5.55 -3.75 1.68
C LEU A 82 -5.41 -4.37 3.06
N TYR A 83 -4.86 -3.61 4.00
CA TYR A 83 -4.66 -4.10 5.36
C TYR A 83 -5.99 -4.56 5.96
N ASN A 84 -7.06 -3.82 5.69
CA ASN A 84 -8.37 -4.15 6.20
C ASN A 84 -8.85 -5.50 5.66
N LEU A 85 -8.58 -5.74 4.39
CA LEU A 85 -8.97 -7.00 3.75
C LEU A 85 -8.21 -8.17 4.35
N SER A 86 -8.91 -9.00 5.11
CA SER A 86 -8.30 -10.17 5.74
C SER A 86 -7.96 -11.23 4.70
N GLY A 87 -9.00 -11.75 4.04
CA GLY A 87 -8.81 -12.77 3.02
C GLY A 87 -8.14 -14.02 3.58
N PRO A 88 -7.53 -14.81 2.70
CA PRO A 88 -6.84 -16.05 3.09
C PRO A 88 -5.58 -15.79 3.90
N SER A 89 -5.37 -16.59 4.93
CA SER A 89 -4.20 -16.44 5.79
C SER A 89 -3.52 -17.80 6.02
N SER A 90 -2.20 -17.78 6.14
CA SER A 90 -1.44 -19.00 6.36
C SER A 90 -0.01 -18.68 6.81
N GLY A 91 0.39 -19.23 7.94
CA GLY A 91 1.73 -18.99 8.45
C GLY A 91 2.46 -20.28 8.79
N GLY A 1 -2.98 12.05 35.38
CA GLY A 1 -1.53 11.99 35.40
C GLY A 1 -0.91 12.08 34.03
N SER A 2 -0.17 13.16 33.78
CA SER A 2 0.47 13.35 32.48
C SER A 2 1.99 13.39 32.63
N SER A 3 2.65 12.39 32.05
CA SER A 3 4.11 12.30 32.11
C SER A 3 4.76 13.19 31.06
N GLY A 4 4.26 14.41 30.93
CA GLY A 4 4.79 15.34 29.95
C GLY A 4 4.42 14.98 28.54
N SER A 5 3.39 15.64 28.02
CA SER A 5 2.91 15.39 26.66
C SER A 5 3.48 16.42 25.69
N SER A 6 4.30 15.95 24.75
CA SER A 6 4.91 16.82 23.76
C SER A 6 4.00 16.97 22.54
N GLY A 7 3.62 18.21 22.24
CA GLY A 7 2.76 18.48 21.10
C GLY A 7 2.12 19.84 21.16
N ASP A 8 2.67 20.79 20.41
CA ASP A 8 2.15 22.15 20.39
C ASP A 8 1.86 22.58 18.96
N SER A 9 1.30 21.68 18.16
CA SER A 9 0.98 21.98 16.77
C SER A 9 0.08 20.89 16.18
N GLN A 10 -0.70 21.27 15.18
CA GLN A 10 -1.62 20.33 14.52
C GLN A 10 -0.93 19.63 13.35
N ASN A 11 -0.75 18.32 13.48
CA ASN A 11 -0.11 17.53 12.43
C ASN A 11 -1.10 16.55 11.80
N ALA A 12 -0.86 16.21 10.53
CA ALA A 12 -1.72 15.28 9.83
C ALA A 12 -1.04 13.93 9.64
N GLY A 13 0.24 13.96 9.30
CA GLY A 13 0.99 12.72 9.11
C GLY A 13 0.89 12.21 7.68
N LYS A 14 1.69 12.78 6.79
CA LYS A 14 1.69 12.37 5.38
C LYS A 14 2.94 11.56 5.06
N MET A 15 2.86 10.76 4.00
CA MET A 15 3.98 9.93 3.57
C MET A 15 5.20 10.80 3.24
N LYS A 16 6.35 10.41 3.76
CA LYS A 16 7.59 11.15 3.52
C LYS A 16 8.30 10.64 2.27
N GLY A 17 9.42 11.26 1.93
CA GLY A 17 10.17 10.86 0.76
C GLY A 17 9.54 11.36 -0.53
N SER A 18 8.98 10.44 -1.31
CA SER A 18 8.36 10.79 -2.58
C SER A 18 7.22 11.77 -2.37
N ASP A 19 6.52 12.12 -3.45
CA ASP A 19 5.40 13.05 -3.38
C ASP A 19 4.10 12.36 -3.74
N ASN A 20 4.01 11.86 -4.97
CA ASN A 20 2.81 11.17 -5.44
C ASN A 20 3.14 9.75 -5.88
N GLN A 21 4.10 9.13 -5.20
CA GLN A 21 4.51 7.77 -5.53
C GLN A 21 3.83 6.78 -4.60
N GLU A 22 3.86 7.06 -3.30
CA GLU A 22 3.24 6.19 -2.31
C GLU A 22 1.72 6.19 -2.44
N LYS A 23 1.20 7.16 -3.18
CA LYS A 23 -0.23 7.29 -3.39
C LYS A 23 -0.68 6.49 -4.61
N LEU A 24 0.17 6.45 -5.63
CA LEU A 24 -0.14 5.71 -6.85
C LEU A 24 -0.03 4.21 -6.62
N VAL A 25 0.90 3.82 -5.74
CA VAL A 25 1.11 2.41 -5.43
C VAL A 25 -0.02 1.86 -4.57
N TYR A 26 -0.46 2.67 -3.61
CA TYR A 26 -1.53 2.26 -2.70
C TYR A 26 -2.84 2.05 -3.47
N GLN A 27 -2.98 2.75 -4.58
CA GLN A 27 -4.18 2.64 -5.41
C GLN A 27 -4.15 1.36 -6.24
N ILE A 28 -3.01 1.08 -6.84
CA ILE A 28 -2.84 -0.12 -7.66
C ILE A 28 -3.07 -1.39 -6.84
N ILE A 29 -2.63 -1.35 -5.59
CA ILE A 29 -2.78 -2.49 -4.70
C ILE A 29 -4.25 -2.77 -4.41
N GLU A 30 -4.95 -1.77 -3.88
CA GLU A 30 -6.37 -1.91 -3.56
C GLU A 30 -7.16 -2.36 -4.78
N ASP A 31 -6.66 -2.00 -5.96
CA ASP A 31 -7.32 -2.36 -7.22
C ASP A 31 -7.32 -3.88 -7.41
N ALA A 32 -6.22 -4.52 -7.04
CA ALA A 32 -6.09 -5.96 -7.17
C ALA A 32 -7.27 -6.68 -6.50
N GLY A 33 -7.67 -6.18 -5.34
CA GLY A 33 -8.77 -6.79 -4.62
C GLY A 33 -8.32 -7.85 -3.64
N ASN A 34 -9.26 -8.56 -3.06
CA ASN A 34 -8.95 -9.62 -2.09
C ASN A 34 -7.83 -10.51 -2.61
N LYS A 35 -7.83 -10.75 -3.91
CA LYS A 35 -6.81 -11.59 -4.54
C LYS A 35 -5.41 -11.05 -4.26
N GLY A 36 -5.28 -9.73 -4.24
CA GLY A 36 -4.00 -9.11 -3.97
C GLY A 36 -3.19 -8.89 -5.24
N ILE A 37 -2.00 -8.31 -5.08
CA ILE A 37 -1.13 -8.04 -6.22
C ILE A 37 0.29 -8.50 -5.94
N TRP A 38 1.06 -8.74 -7.00
CA TRP A 38 2.43 -9.19 -6.87
C TRP A 38 3.39 -8.01 -6.86
N SER A 39 4.32 -8.02 -5.89
CA SER A 39 5.29 -6.94 -5.77
C SER A 39 5.68 -6.39 -7.13
N ARG A 40 6.19 -7.26 -8.00
CA ARG A 40 6.61 -6.86 -9.33
C ARG A 40 5.48 -6.11 -10.04
N ASP A 41 4.34 -6.77 -10.18
CA ASP A 41 3.19 -6.18 -10.85
C ASP A 41 3.12 -4.68 -10.58
N VAL A 42 3.47 -4.28 -9.35
CA VAL A 42 3.44 -2.88 -8.96
C VAL A 42 4.44 -2.07 -9.79
N ARG A 43 5.67 -2.57 -9.90
CA ARG A 43 6.71 -1.89 -10.66
C ARG A 43 6.15 -1.34 -11.97
N TYR A 44 5.34 -2.15 -12.64
CA TYR A 44 4.74 -1.75 -13.92
C TYR A 44 3.60 -0.77 -13.69
N LYS A 45 2.60 -1.20 -12.92
CA LYS A 45 1.44 -0.36 -12.63
C LYS A 45 1.88 1.01 -12.15
N SER A 46 2.59 1.05 -11.03
CA SER A 46 3.06 2.30 -10.46
C SER A 46 4.10 2.95 -11.37
N ASN A 47 4.72 2.15 -12.23
CA ASN A 47 5.73 2.65 -13.15
C ASN A 47 6.97 3.14 -12.40
N LEU A 48 7.19 2.57 -11.22
CA LEU A 48 8.35 2.94 -10.40
C LEU A 48 9.36 1.80 -10.34
N PRO A 49 10.62 2.14 -10.06
CA PRO A 49 11.70 1.16 -9.96
C PRO A 49 11.57 0.27 -8.73
N LEU A 50 12.12 -0.93 -8.81
CA LEU A 50 12.06 -1.89 -7.71
C LEU A 50 12.40 -1.21 -6.39
N THR A 51 13.52 -0.47 -6.38
CA THR A 51 13.95 0.22 -5.18
C THR A 51 12.82 1.05 -4.57
N GLU A 52 11.90 1.48 -5.42
CA GLU A 52 10.76 2.28 -4.97
C GLU A 52 9.62 1.38 -4.50
N ILE A 53 9.32 0.36 -5.30
CA ILE A 53 8.25 -0.57 -4.98
C ILE A 53 8.53 -1.31 -3.67
N ASN A 54 9.81 -1.57 -3.42
CA ASN A 54 10.21 -2.27 -2.20
C ASN A 54 9.97 -1.39 -0.97
N LYS A 55 10.49 -0.17 -1.00
CA LYS A 55 10.32 0.75 0.11
C LYS A 55 8.87 1.20 0.23
N ILE A 56 8.20 1.34 -0.91
CA ILE A 56 6.81 1.77 -0.93
C ILE A 56 5.89 0.65 -0.42
N LEU A 57 6.06 -0.54 -0.95
CA LEU A 57 5.25 -1.68 -0.55
C LEU A 57 5.30 -1.89 0.96
N LYS A 58 6.49 -1.72 1.53
CA LYS A 58 6.67 -1.87 2.97
C LYS A 58 5.99 -0.74 3.73
N ASN A 59 6.42 0.49 3.46
CA ASN A 59 5.85 1.66 4.11
C ASN A 59 4.36 1.46 4.38
N LEU A 60 3.60 1.24 3.32
CA LEU A 60 2.16 1.03 3.43
C LEU A 60 1.85 -0.03 4.47
N GLU A 61 2.53 -1.16 4.38
CA GLU A 61 2.33 -2.25 5.31
C GLU A 61 2.54 -1.80 6.75
N SER A 62 3.17 -0.64 6.91
CA SER A 62 3.44 -0.08 8.23
C SER A 62 2.40 0.97 8.61
N LYS A 63 1.90 1.68 7.60
CA LYS A 63 0.90 2.71 7.82
C LYS A 63 -0.48 2.09 8.02
N LYS A 64 -0.52 0.78 8.16
CA LYS A 64 -1.78 0.07 8.36
C LYS A 64 -2.70 0.24 7.15
N LEU A 65 -2.12 0.16 5.96
CA LEU A 65 -2.89 0.30 4.72
C LEU A 65 -2.93 -1.02 3.95
N ILE A 66 -1.83 -1.77 4.02
CA ILE A 66 -1.75 -3.05 3.33
C ILE A 66 -1.04 -4.09 4.19
N LYS A 67 -0.96 -5.31 3.68
CA LYS A 67 -0.30 -6.40 4.40
C LYS A 67 0.23 -7.45 3.42
N ALA A 68 1.11 -8.32 3.93
CA ALA A 68 1.69 -9.37 3.10
C ALA A 68 0.89 -10.68 3.24
N VAL A 69 0.37 -11.16 2.12
CA VAL A 69 -0.41 -12.39 2.11
C VAL A 69 0.13 -13.38 1.08
N LYS A 70 -0.08 -14.66 1.33
CA LYS A 70 0.39 -15.71 0.42
C LYS A 70 -0.79 -16.43 -0.22
N SER A 71 -0.57 -16.96 -1.43
CA SER A 71 -1.62 -17.67 -2.15
C SER A 71 -1.32 -19.17 -2.19
N VAL A 72 -2.33 -19.94 -2.58
CA VAL A 72 -2.18 -21.39 -2.66
C VAL A 72 -1.20 -21.79 -3.77
N ALA A 73 -1.27 -21.07 -4.89
CA ALA A 73 -0.39 -21.35 -6.02
C ALA A 73 0.98 -21.83 -5.55
N ALA A 74 1.69 -20.96 -4.85
CA ALA A 74 3.02 -21.30 -4.34
C ALA A 74 3.28 -20.62 -2.99
N SER A 75 4.48 -20.81 -2.46
CA SER A 75 4.86 -20.21 -1.19
C SER A 75 5.88 -19.10 -1.39
N LYS A 76 6.96 -19.42 -2.10
CA LYS A 76 8.01 -18.45 -2.36
C LYS A 76 7.49 -17.27 -3.18
N LYS A 77 6.73 -16.40 -2.52
CA LYS A 77 6.17 -15.23 -3.18
C LYS A 77 5.82 -14.15 -2.17
N LYS A 78 5.20 -13.07 -2.65
CA LYS A 78 4.81 -11.96 -1.77
C LYS A 78 3.69 -11.14 -2.41
N VAL A 79 2.55 -11.08 -1.72
CA VAL A 79 1.41 -10.33 -2.21
C VAL A 79 1.00 -9.24 -1.22
N TYR A 80 0.74 -8.04 -1.73
CA TYR A 80 0.34 -6.92 -0.89
C TYR A 80 -1.08 -6.48 -1.22
N MET A 81 -1.99 -6.66 -0.27
CA MET A 81 -3.38 -6.27 -0.46
C MET A 81 -3.86 -5.39 0.69
N LEU A 82 -5.07 -4.85 0.55
CA LEU A 82 -5.64 -3.98 1.57
C LEU A 82 -5.52 -4.62 2.95
N TYR A 83 -5.13 -3.82 3.94
CA TYR A 83 -4.98 -4.29 5.31
C TYR A 83 -6.35 -4.48 5.97
N ASN A 84 -7.31 -3.66 5.57
CA ASN A 84 -8.66 -3.73 6.13
C ASN A 84 -9.33 -5.05 5.76
N LEU A 85 -9.12 -5.49 4.53
CA LEU A 85 -9.70 -6.74 4.05
C LEU A 85 -9.39 -7.89 5.00
N SER A 86 -10.43 -8.52 5.52
CA SER A 86 -10.27 -9.63 6.44
C SER A 86 -9.15 -10.57 5.99
N GLY A 87 -9.27 -11.07 4.76
CA GLY A 87 -8.26 -11.96 4.23
C GLY A 87 -8.31 -13.34 4.87
N PRO A 88 -7.19 -14.07 4.78
CA PRO A 88 -7.08 -15.42 5.35
C PRO A 88 -7.07 -15.41 6.87
N SER A 89 -8.09 -16.01 7.47
CA SER A 89 -8.21 -16.07 8.92
C SER A 89 -9.02 -17.28 9.36
N SER A 90 -8.42 -18.10 10.23
CA SER A 90 -9.09 -19.30 10.72
C SER A 90 -10.05 -18.97 11.86
N GLY A 91 -11.33 -19.18 11.64
CA GLY A 91 -12.33 -18.90 12.66
C GLY A 91 -12.21 -19.82 13.86
N GLY A 1 8.21 40.74 -13.18
CA GLY A 1 7.52 40.37 -11.96
C GLY A 1 6.01 40.33 -12.12
N SER A 2 5.44 39.14 -12.04
CA SER A 2 4.00 38.97 -12.19
C SER A 2 3.48 37.89 -11.25
N SER A 3 2.17 37.91 -11.00
CA SER A 3 1.55 36.92 -10.12
C SER A 3 0.05 36.81 -10.41
N GLY A 4 -0.41 35.59 -10.61
CA GLY A 4 -1.82 35.37 -10.88
C GLY A 4 -2.26 33.96 -10.53
N SER A 5 -3.50 33.83 -10.06
CA SER A 5 -4.04 32.54 -9.67
C SER A 5 -5.29 32.21 -10.48
N SER A 6 -5.31 31.03 -11.09
CA SER A 6 -6.44 30.61 -11.90
C SER A 6 -7.43 29.80 -11.07
N GLY A 7 -6.92 28.78 -10.36
CA GLY A 7 -7.77 27.95 -9.54
C GLY A 7 -7.03 26.76 -8.97
N ASP A 8 -7.11 26.58 -7.65
CA ASP A 8 -6.44 25.46 -6.99
C ASP A 8 -7.42 24.31 -6.76
N SER A 9 -8.55 24.61 -6.14
CA SER A 9 -9.56 23.61 -5.85
C SER A 9 -8.96 22.46 -5.06
N GLN A 10 -8.13 22.79 -4.07
CA GLN A 10 -7.49 21.79 -3.23
C GLN A 10 -8.52 20.86 -2.61
N ASN A 11 -8.19 19.58 -2.53
CA ASN A 11 -9.09 18.58 -1.97
C ASN A 11 -9.07 18.63 -0.44
N ALA A 12 -10.06 17.99 0.18
CA ALA A 12 -10.14 17.96 1.64
C ALA A 12 -9.34 16.80 2.21
N GLY A 13 -9.47 15.63 1.60
CA GLY A 13 -8.74 14.47 2.06
C GLY A 13 -7.42 14.27 1.34
N LYS A 14 -6.39 14.94 1.85
CA LYS A 14 -5.06 14.84 1.25
C LYS A 14 -4.08 14.19 2.21
N MET A 15 -3.41 13.13 1.76
CA MET A 15 -2.44 12.42 2.59
C MET A 15 -1.11 13.16 2.60
N LYS A 16 -0.16 12.63 3.36
CA LYS A 16 1.17 13.24 3.47
C LYS A 16 2.08 12.74 2.35
N GLY A 17 2.66 13.67 1.60
CA GLY A 17 3.55 13.30 0.51
C GLY A 17 3.42 14.23 -0.68
N SER A 18 4.45 15.02 -0.92
CA SER A 18 4.46 15.97 -2.04
C SER A 18 4.23 15.25 -3.35
N ASP A 19 5.11 14.31 -3.68
CA ASP A 19 5.00 13.55 -4.92
C ASP A 19 3.79 12.62 -4.87
N ASN A 20 3.65 11.81 -5.92
CA ASN A 20 2.52 10.88 -6.00
C ASN A 20 3.02 9.47 -6.31
N GLN A 21 3.99 9.00 -5.52
CA GLN A 21 4.54 7.66 -5.71
C GLN A 21 3.93 6.67 -4.74
N GLU A 22 3.97 7.00 -3.45
CA GLU A 22 3.41 6.14 -2.41
C GLU A 22 1.90 6.05 -2.54
N LYS A 23 1.29 7.06 -3.14
CA LYS A 23 -0.16 7.09 -3.33
C LYS A 23 -0.55 6.31 -4.58
N LEU A 24 0.18 6.53 -5.67
CA LEU A 24 -0.10 5.86 -6.93
C LEU A 24 0.02 4.34 -6.77
N VAL A 25 0.93 3.92 -5.90
CA VAL A 25 1.14 2.49 -5.66
C VAL A 25 0.03 1.91 -4.78
N TYR A 26 -0.44 2.71 -3.83
CA TYR A 26 -1.49 2.28 -2.93
C TYR A 26 -2.82 2.11 -3.68
N GLN A 27 -3.02 2.94 -4.70
CA GLN A 27 -4.25 2.88 -5.49
C GLN A 27 -4.24 1.66 -6.40
N ILE A 28 -3.06 1.14 -6.68
CA ILE A 28 -2.91 -0.03 -7.54
C ILE A 28 -3.11 -1.32 -6.74
N ILE A 29 -2.81 -1.27 -5.45
CA ILE A 29 -2.94 -2.42 -4.58
C ILE A 29 -4.42 -2.70 -4.28
N GLU A 30 -5.12 -1.66 -3.84
CA GLU A 30 -6.54 -1.79 -3.50
C GLU A 30 -7.35 -2.21 -4.72
N ASP A 31 -6.82 -1.91 -5.91
CA ASP A 31 -7.50 -2.26 -7.16
C ASP A 31 -7.43 -3.76 -7.41
N ALA A 32 -6.31 -4.37 -7.04
CA ALA A 32 -6.12 -5.80 -7.22
C ALA A 32 -7.27 -6.60 -6.61
N GLY A 33 -7.74 -6.14 -5.45
CA GLY A 33 -8.84 -6.82 -4.79
C GLY A 33 -8.37 -7.94 -3.88
N ASN A 34 -9.31 -8.73 -3.37
CA ASN A 34 -8.98 -9.84 -2.48
C ASN A 34 -7.86 -10.69 -3.07
N LYS A 35 -7.85 -10.80 -4.40
CA LYS A 35 -6.84 -11.59 -5.08
C LYS A 35 -5.43 -11.13 -4.71
N GLY A 36 -5.25 -9.82 -4.59
CA GLY A 36 -3.96 -9.28 -4.23
C GLY A 36 -3.14 -8.88 -5.44
N ILE A 37 -1.90 -8.47 -5.22
CA ILE A 37 -1.01 -8.06 -6.30
C ILE A 37 0.43 -8.41 -5.98
N TRP A 38 1.17 -8.85 -7.00
CA TRP A 38 2.57 -9.22 -6.84
C TRP A 38 3.46 -7.98 -6.90
N SER A 39 4.34 -7.85 -5.92
CA SER A 39 5.27 -6.71 -5.86
C SER A 39 5.67 -6.28 -7.26
N ARG A 40 5.96 -7.25 -8.12
CA ARG A 40 6.36 -6.96 -9.49
C ARG A 40 5.24 -6.26 -10.25
N ASP A 41 4.07 -6.88 -10.28
CA ASP A 41 2.92 -6.32 -10.97
C ASP A 41 2.84 -4.80 -10.76
N VAL A 42 3.28 -4.36 -9.59
CA VAL A 42 3.26 -2.93 -9.25
C VAL A 42 4.31 -2.17 -10.05
N ARG A 43 5.56 -2.61 -9.96
CA ARG A 43 6.65 -1.97 -10.67
C ARG A 43 6.18 -1.43 -12.02
N TYR A 44 5.39 -2.23 -12.73
CA TYR A 44 4.87 -1.84 -14.04
C TYR A 44 3.77 -0.79 -13.89
N LYS A 45 2.77 -1.11 -13.09
CA LYS A 45 1.65 -0.20 -12.86
C LYS A 45 2.14 1.14 -12.31
N SER A 46 2.78 1.10 -11.15
CA SER A 46 3.30 2.31 -10.52
C SER A 46 4.42 2.91 -11.36
N ASN A 47 4.95 2.13 -12.28
CA ASN A 47 6.03 2.59 -13.15
C ASN A 47 7.24 3.04 -12.32
N LEU A 48 7.36 2.50 -11.12
CA LEU A 48 8.47 2.84 -10.23
C LEU A 48 9.50 1.72 -10.18
N PRO A 49 10.73 2.07 -9.80
CA PRO A 49 11.83 1.10 -9.69
C PRO A 49 11.64 0.13 -8.53
N LEU A 50 12.23 -1.05 -8.65
CA LEU A 50 12.13 -2.06 -7.61
C LEU A 50 12.39 -1.47 -6.23
N THR A 51 13.44 -0.65 -6.13
CA THR A 51 13.80 -0.01 -4.88
C THR A 51 12.65 0.84 -4.35
N GLU A 52 11.80 1.31 -5.26
CA GLU A 52 10.67 2.14 -4.88
C GLU A 52 9.48 1.28 -4.48
N ILE A 53 9.25 0.21 -5.23
CA ILE A 53 8.13 -0.70 -4.96
C ILE A 53 8.35 -1.45 -3.65
N ASN A 54 9.61 -1.68 -3.31
CA ASN A 54 9.95 -2.38 -2.08
C ASN A 54 9.71 -1.51 -0.86
N LYS A 55 10.29 -0.31 -0.87
CA LYS A 55 10.13 0.64 0.22
C LYS A 55 8.68 1.09 0.36
N ILE A 56 8.00 1.20 -0.79
CA ILE A 56 6.61 1.63 -0.80
C ILE A 56 5.69 0.52 -0.29
N LEU A 57 5.81 -0.65 -0.89
CA LEU A 57 4.99 -1.80 -0.50
C LEU A 57 5.10 -2.07 0.99
N LYS A 58 6.26 -1.72 1.56
CA LYS A 58 6.49 -1.92 2.99
C LYS A 58 5.94 -0.75 3.80
N ASN A 59 6.41 0.46 3.49
CA ASN A 59 5.97 1.66 4.19
C ASN A 59 4.47 1.60 4.49
N LEU A 60 3.69 1.27 3.46
CA LEU A 60 2.24 1.17 3.61
C LEU A 60 1.87 0.14 4.68
N GLU A 61 2.49 -1.03 4.61
CA GLU A 61 2.23 -2.09 5.57
C GLU A 61 2.44 -1.60 7.00
N SER A 62 3.12 -0.48 7.14
CA SER A 62 3.39 0.10 8.45
C SER A 62 2.28 1.07 8.86
N LYS A 63 1.65 1.69 7.86
CA LYS A 63 0.57 2.63 8.11
C LYS A 63 -0.76 1.90 8.26
N LYS A 64 -0.71 0.58 8.30
CA LYS A 64 -1.90 -0.25 8.45
C LYS A 64 -2.81 -0.10 7.22
N LEU A 65 -2.21 0.18 6.07
CA LEU A 65 -2.95 0.34 4.84
C LEU A 65 -3.04 -0.98 4.08
N ILE A 66 -1.94 -1.73 4.10
CA ILE A 66 -1.89 -3.02 3.41
C ILE A 66 -1.15 -4.06 4.24
N LYS A 67 -0.98 -5.24 3.67
CA LYS A 67 -0.28 -6.32 4.36
C LYS A 67 0.35 -7.29 3.36
N ALA A 68 1.30 -8.09 3.83
CA ALA A 68 1.98 -9.06 2.97
C ALA A 68 1.36 -10.44 3.13
N VAL A 69 1.04 -11.07 2.00
CA VAL A 69 0.44 -12.41 2.02
C VAL A 69 1.22 -13.37 1.13
N LYS A 70 1.18 -14.65 1.47
CA LYS A 70 1.88 -15.68 0.71
C LYS A 70 0.90 -16.64 0.05
N SER A 71 1.28 -17.16 -1.11
CA SER A 71 0.42 -18.10 -1.83
C SER A 71 1.05 -19.49 -1.87
N VAL A 72 0.22 -20.49 -2.16
CA VAL A 72 0.69 -21.87 -2.23
C VAL A 72 2.07 -21.96 -2.89
N ALA A 73 2.24 -21.21 -3.97
CA ALA A 73 3.51 -21.19 -4.69
C ALA A 73 4.69 -21.11 -3.73
N ALA A 74 5.90 -21.33 -4.25
CA ALA A 74 7.10 -21.29 -3.44
C ALA A 74 7.10 -20.08 -2.52
N SER A 75 8.06 -20.03 -1.60
CA SER A 75 8.16 -18.92 -0.65
C SER A 75 8.89 -17.74 -1.29
N LYS A 76 9.33 -17.92 -2.52
CA LYS A 76 10.04 -16.87 -3.24
C LYS A 76 9.06 -15.91 -3.91
N LYS A 77 8.38 -15.11 -3.10
CA LYS A 77 7.41 -14.14 -3.62
C LYS A 77 6.93 -13.21 -2.50
N LYS A 78 6.22 -12.15 -2.89
CA LYS A 78 5.70 -11.19 -1.93
C LYS A 78 4.46 -10.50 -2.47
N VAL A 79 3.30 -10.87 -1.93
CA VAL A 79 2.03 -10.28 -2.36
C VAL A 79 1.52 -9.27 -1.34
N TYR A 80 0.91 -8.19 -1.83
CA TYR A 80 0.38 -7.15 -0.96
C TYR A 80 -1.10 -6.91 -1.25
N MET A 81 -1.86 -6.63 -0.20
CA MET A 81 -3.29 -6.38 -0.34
C MET A 81 -3.80 -5.50 0.81
N LEU A 82 -4.96 -4.90 0.60
CA LEU A 82 -5.57 -4.04 1.63
C LEU A 82 -5.46 -4.69 3.01
N TYR A 83 -5.15 -3.86 4.01
CA TYR A 83 -5.02 -4.35 5.37
C TYR A 83 -6.38 -4.65 5.98
N ASN A 84 -7.39 -3.87 5.56
CA ASN A 84 -8.75 -4.05 6.06
C ASN A 84 -9.33 -5.38 5.60
N LEU A 85 -9.06 -5.73 4.35
CA LEU A 85 -9.56 -6.97 3.78
C LEU A 85 -9.19 -8.17 4.66
N SER A 86 -10.12 -9.09 4.81
CA SER A 86 -9.89 -10.28 5.64
C SER A 86 -9.46 -11.45 4.77
N GLY A 87 -8.14 -11.65 4.67
CA GLY A 87 -7.62 -12.74 3.87
C GLY A 87 -7.18 -13.92 4.72
N PRO A 88 -6.57 -14.92 4.07
CA PRO A 88 -6.09 -16.12 4.76
C PRO A 88 -4.88 -15.84 5.65
N SER A 89 -4.72 -16.67 6.69
CA SER A 89 -3.61 -16.51 7.62
C SER A 89 -3.09 -17.87 8.09
N SER A 90 -1.77 -18.04 8.03
CA SER A 90 -1.15 -19.29 8.45
C SER A 90 0.25 -19.04 9.00
N GLY A 91 0.67 -19.89 9.94
CA GLY A 91 1.99 -19.75 10.53
C GLY A 91 2.06 -20.35 11.92
#